data_4HH2
#
_entry.id   4HH2
#
_cell.length_a   117.450
_cell.length_b   117.450
_cell.length_c   211.820
_cell.angle_alpha   90.00
_cell.angle_beta   90.00
_cell.angle_gamma   120.00
#
_symmetry.space_group_name_H-M   'P 32 2 1'
#
loop_
_entity.id
_entity.type
_entity.pdbx_description
1 polymer 'Transcriptional regulator, PpsR'
2 water water
#
_entity_poly.entity_id   1
_entity_poly.type   'polypeptide(L)'
_entity_poly.pdbx_seq_one_letter_code
;GAMGMGLAGGSLPSLAPDLVRDLIATAADISLLVSQEGVVREVMANPHHPSFGQLSEWEGRPLEEVLTAESVAKFRLRSE
GLEPGRGSVAVELNHIDPRSFEFPIRYILHRLPADRSILMLGRDLRPIAEVQQQLVAAQLAMERDYETQREMETRYRVVL
DVSRDPMVLVSMSTGRIVDLNSAAGLLLGGVRQDLLGAAIAQEFEGRRRGEFMETMTNLAATESAAPVEVLARRSQKRLL
VVPRVFRAAGERLLLCQIDPADATQPVGDELSENLARLYHEGVDGIVFSDADGTIRGANEAFLNMTDSSSLAAIRGRSIA
DFLARGSVDLRVLIDSVRRTGQLRLYATRLTTDFAGQIAAEISATWLDDRERPLLVLVVRDTSR
;
_entity_poly.pdbx_strand_id   A,B,C,D
#
# COMPACT_ATOMS: atom_id res chain seq x y z
N SER A 11 -43.02 -51.19 36.03
CA SER A 11 -43.97 -52.29 35.89
C SER A 11 -43.58 -53.23 34.74
N LEU A 12 -42.30 -53.56 34.67
CA LEU A 12 -41.81 -54.54 33.70
C LEU A 12 -41.81 -55.91 34.37
N PRO A 13 -42.58 -56.87 33.81
CA PRO A 13 -42.71 -58.21 34.39
C PRO A 13 -41.35 -58.88 34.55
N SER A 14 -41.19 -59.75 35.56
CA SER A 14 -39.94 -60.49 35.75
C SER A 14 -39.80 -61.50 34.63
N LEU A 15 -38.57 -61.69 34.18
CA LEU A 15 -38.32 -62.53 33.02
C LEU A 15 -37.21 -63.54 33.30
N ALA A 16 -37.27 -64.68 32.61
CA ALA A 16 -36.24 -65.71 32.74
C ALA A 16 -34.88 -65.13 32.33
N PRO A 17 -33.80 -65.62 32.98
CA PRO A 17 -32.45 -65.06 32.74
C PRO A 17 -32.03 -65.12 31.26
N ASP A 18 -32.59 -66.06 30.52
CA ASP A 18 -32.34 -66.20 29.09
C ASP A 18 -32.97 -65.04 28.31
N LEU A 19 -34.24 -64.78 28.60
CA LEU A 19 -34.95 -63.69 27.95
C LEU A 19 -34.32 -62.37 28.33
N VAL A 20 -33.84 -62.26 29.57
CA VAL A 20 -33.11 -61.07 29.99
C VAL A 20 -31.82 -60.90 29.18
N ARG A 21 -31.10 -62.00 29.00
CA ARG A 21 -29.88 -62.00 28.19
C ARG A 21 -30.17 -61.47 26.79
N ASP A 22 -31.18 -62.06 26.14
CA ASP A 22 -31.54 -61.67 24.78
C ASP A 22 -32.06 -60.23 24.67
N LEU A 23 -32.80 -59.78 25.67
CA LEU A 23 -33.27 -58.39 25.69
C LEU A 23 -32.11 -57.40 25.81
N ILE A 24 -31.14 -57.72 26.68
CA ILE A 24 -29.98 -56.85 26.81
C ILE A 24 -29.12 -56.85 25.53
N ALA A 25 -28.99 -58.02 24.91
CA ALA A 25 -28.21 -58.13 23.67
C ALA A 25 -28.88 -57.42 22.50
N THR A 26 -30.21 -57.38 22.48
CA THR A 26 -30.92 -56.70 21.39
C THR A 26 -31.15 -55.19 21.64
N ALA A 27 -31.17 -54.77 22.90
CA ALA A 27 -31.27 -53.35 23.23
C ALA A 27 -30.01 -52.60 22.82
N ALA A 28 -28.85 -53.16 23.15
CA ALA A 28 -27.57 -52.59 22.75
C ALA A 28 -27.16 -53.06 21.36
N ASP A 29 -26.20 -52.37 20.75
CA ASP A 29 -25.66 -52.78 19.47
C ASP A 29 -24.63 -53.87 19.74
N ILE A 30 -23.91 -53.67 20.84
CA ILE A 30 -22.96 -54.64 21.34
C ILE A 30 -22.92 -54.50 22.86
N SER A 31 -22.73 -55.60 23.56
CA SER A 31 -22.60 -55.53 24.99
C SER A 31 -21.56 -56.53 25.51
N LEU A 32 -20.86 -56.14 26.57
CA LEU A 32 -19.85 -57.00 27.18
C LEU A 32 -20.14 -57.17 28.66
N LEU A 33 -19.99 -58.38 29.16
CA LEU A 33 -20.07 -58.63 30.59
C LEU A 33 -18.65 -58.87 31.08
N VAL A 34 -18.16 -57.98 31.94
CA VAL A 34 -16.77 -58.06 32.38
C VAL A 34 -16.72 -58.31 33.87
N SER A 35 -15.87 -59.25 34.29
CA SER A 35 -15.73 -59.58 35.70
C SER A 35 -15.14 -58.42 36.48
N GLN A 36 -15.17 -58.52 37.79
CA GLN A 36 -14.65 -57.46 38.65
C GLN A 36 -13.16 -57.27 38.47
N GLU A 37 -12.44 -58.38 38.32
CA GLU A 37 -10.99 -58.34 38.17
C GLU A 37 -10.53 -57.88 36.78
N GLY A 38 -11.48 -57.73 35.85
CA GLY A 38 -11.21 -57.10 34.57
C GLY A 38 -11.25 -58.04 33.36
N VAL A 39 -11.69 -59.26 33.59
CA VAL A 39 -11.73 -60.28 32.54
C VAL A 39 -13.07 -60.27 31.81
N VAL A 40 -13.02 -60.28 30.48
CA VAL A 40 -14.24 -60.41 29.67
C VAL A 40 -14.85 -61.81 29.83
N ARG A 41 -16.03 -61.88 30.46
CA ARG A 41 -16.66 -63.18 30.72
C ARG A 41 -17.61 -63.63 29.61
N GLU A 42 -18.33 -62.68 29.03
CA GLU A 42 -19.26 -63.00 27.96
C GLU A 42 -19.35 -61.86 26.96
N VAL A 43 -19.55 -62.20 25.70
CA VAL A 43 -19.77 -61.20 24.64
C VAL A 43 -21.14 -61.43 24.02
N MET A 44 -21.94 -60.37 23.96
CA MET A 44 -23.32 -60.47 23.48
C MET A 44 -23.55 -59.64 22.22
N ALA A 45 -23.93 -60.31 21.13
CA ALA A 45 -24.10 -59.67 19.83
C ALA A 45 -25.56 -59.36 19.54
N ASN A 46 -25.79 -58.24 18.86
CA ASN A 46 -27.13 -57.90 18.37
C ASN A 46 -27.31 -58.47 16.97
N PRO A 47 -28.11 -59.55 16.85
CA PRO A 47 -28.30 -60.24 15.58
C PRO A 47 -28.88 -59.35 14.49
N HIS A 48 -29.47 -58.22 14.87
CA HIS A 48 -30.11 -57.31 13.93
C HIS A 48 -29.19 -56.14 13.58
N HIS A 49 -27.98 -56.17 14.10
CA HIS A 49 -27.00 -55.11 13.90
C HIS A 49 -25.85 -55.66 13.07
N PRO A 50 -25.20 -54.79 12.27
CA PRO A 50 -24.05 -55.26 11.47
C PRO A 50 -22.94 -55.85 12.32
N SER A 51 -22.40 -56.98 11.87
CA SER A 51 -21.43 -57.77 12.62
C SER A 51 -20.18 -56.99 13.03
N PHE A 52 -19.53 -57.43 14.10
CA PHE A 52 -18.26 -56.87 14.54
C PHE A 52 -17.12 -57.86 14.33
N GLY A 53 -17.44 -59.04 13.81
CA GLY A 53 -16.47 -60.11 13.68
C GLY A 53 -16.76 -61.20 14.68
N GLN A 54 -15.95 -62.25 14.68
CA GLN A 54 -16.12 -63.35 15.62
C GLN A 54 -15.46 -63.00 16.96
N LEU A 55 -16.19 -62.27 17.79
CA LEU A 55 -15.67 -61.75 19.04
C LEU A 55 -15.67 -62.79 20.15
N SER A 56 -16.18 -63.98 19.85
CA SER A 56 -16.27 -65.06 20.84
C SER A 56 -14.92 -65.43 21.46
N GLU A 57 -13.83 -65.10 20.77
CA GLU A 57 -12.48 -65.33 21.29
C GLU A 57 -12.17 -64.48 22.51
N TRP A 58 -12.88 -63.37 22.66
CA TRP A 58 -12.66 -62.45 23.77
C TRP A 58 -12.98 -63.09 25.11
N GLU A 59 -13.90 -64.04 25.10
CA GLU A 59 -14.41 -64.61 26.34
C GLU A 59 -13.36 -65.44 27.08
N GLY A 60 -13.06 -65.05 28.31
CA GLY A 60 -12.08 -65.75 29.14
C GLY A 60 -10.74 -65.02 29.14
N ARG A 61 -10.67 -63.95 28.36
CA ARG A 61 -9.46 -63.16 28.18
C ARG A 61 -9.67 -61.79 28.82
N PRO A 62 -8.60 -61.14 29.29
CA PRO A 62 -8.75 -59.85 29.98
C PRO A 62 -9.23 -58.75 29.06
N LEU A 63 -10.09 -57.85 29.56
CA LEU A 63 -10.63 -56.77 28.74
C LEU A 63 -9.57 -55.87 28.09
N GLU A 64 -8.51 -55.54 28.84
CA GLU A 64 -7.44 -54.69 28.33
C GLU A 64 -6.81 -55.19 27.02
N GLU A 65 -6.88 -56.50 26.79
CA GLU A 65 -6.37 -57.11 25.56
C GLU A 65 -7.16 -56.68 24.34
N VAL A 66 -8.41 -56.27 24.55
CA VAL A 66 -9.26 -55.86 23.44
C VAL A 66 -9.58 -54.35 23.47
N LEU A 67 -8.78 -53.60 24.21
CA LEU A 67 -8.89 -52.16 24.25
C LEU A 67 -7.53 -51.51 23.98
N THR A 68 -7.56 -50.33 23.37
CA THR A 68 -6.36 -49.50 23.22
C THR A 68 -5.93 -48.99 24.59
N ALA A 69 -4.69 -48.52 24.70
CA ALA A 69 -4.12 -48.12 25.99
C ALA A 69 -4.89 -46.94 26.59
N GLU A 70 -5.20 -45.98 25.75
CA GLU A 70 -6.01 -44.84 26.13
C GLU A 70 -7.35 -45.31 26.69
N SER A 71 -8.00 -46.24 25.98
CA SER A 71 -9.29 -46.78 26.40
C SER A 71 -9.20 -47.65 27.66
N VAL A 72 -8.08 -48.33 27.87
CA VAL A 72 -7.86 -49.08 29.10
C VAL A 72 -7.86 -48.11 30.28
N ALA A 73 -7.01 -47.09 30.19
CA ALA A 73 -6.96 -46.06 31.23
C ALA A 73 -8.33 -45.38 31.45
N LYS A 74 -9.00 -45.04 30.36
CA LYS A 74 -10.34 -44.43 30.45
C LYS A 74 -11.32 -45.33 31.19
N PHE A 75 -11.48 -46.56 30.68
CA PHE A 75 -12.38 -47.53 31.27
C PHE A 75 -12.14 -47.67 32.76
N ARG A 76 -10.87 -47.80 33.14
CA ARG A 76 -10.50 -47.94 34.54
C ARG A 76 -10.86 -46.71 35.38
N LEU A 77 -10.57 -45.53 34.85
CA LEU A 77 -10.90 -44.30 35.55
C LEU A 77 -12.40 -44.11 35.76
N ARG A 78 -13.19 -44.37 34.72
CA ARG A 78 -14.63 -44.15 34.81
C ARG A 78 -15.33 -45.20 35.69
N SER A 79 -14.96 -46.46 35.51
CA SER A 79 -15.71 -47.56 36.10
C SER A 79 -15.45 -47.82 37.58
N GLU A 80 -14.27 -47.49 38.08
CA GLU A 80 -13.93 -47.85 39.45
C GLU A 80 -14.84 -47.21 40.49
N GLY A 81 -15.33 -46.00 40.19
CA GLY A 81 -16.23 -45.31 41.11
C GLY A 81 -17.66 -45.84 41.11
N LEU A 82 -17.98 -46.63 40.09
CA LEU A 82 -19.32 -47.18 39.93
C LEU A 82 -19.72 -48.07 41.10
N GLU A 83 -20.94 -47.87 41.58
CA GLU A 83 -21.56 -48.74 42.57
C GLU A 83 -22.85 -49.32 42.03
N PRO A 84 -23.20 -50.55 42.44
CA PRO A 84 -24.45 -51.22 42.09
C PRO A 84 -25.69 -50.38 42.43
N GLY A 85 -26.47 -50.04 41.42
CA GLY A 85 -27.70 -49.31 41.61
C GLY A 85 -27.48 -47.86 42.02
N ARG A 86 -26.24 -47.39 41.95
CA ARG A 86 -25.96 -46.00 42.30
C ARG A 86 -25.83 -45.15 41.05
N GLY A 87 -26.00 -45.78 39.88
CA GLY A 87 -25.98 -45.05 38.64
C GLY A 87 -25.16 -45.73 37.56
N SER A 88 -24.98 -45.05 36.45
CA SER A 88 -24.20 -45.58 35.33
C SER A 88 -23.32 -44.48 34.73
N VAL A 89 -22.31 -44.88 33.98
CA VAL A 89 -21.38 -43.93 33.36
C VAL A 89 -21.30 -44.17 31.85
N ALA A 90 -21.20 -43.08 31.08
CA ALA A 90 -20.97 -43.17 29.64
C ALA A 90 -19.49 -42.95 29.32
N VAL A 91 -18.96 -43.71 28.37
CA VAL A 91 -17.57 -43.53 27.97
C VAL A 91 -17.31 -44.13 26.59
N GLU A 92 -16.57 -43.40 25.76
CA GLU A 92 -16.22 -43.84 24.42
C GLU A 92 -14.93 -44.63 24.41
N LEU A 93 -15.00 -45.88 23.96
CA LEU A 93 -13.84 -46.76 23.95
C LEU A 93 -13.55 -47.24 22.54
N ASN A 94 -12.27 -47.52 22.28
CA ASN A 94 -11.85 -48.02 20.98
C ASN A 94 -11.30 -49.44 21.09
N HIS A 95 -12.04 -50.38 20.54
CA HIS A 95 -11.71 -51.79 20.65
C HIS A 95 -10.68 -52.24 19.63
N ILE A 96 -10.12 -53.41 19.86
CA ILE A 96 -9.28 -54.09 18.87
C ILE A 96 -9.89 -55.46 18.59
N ASP A 97 -10.36 -55.69 17.36
CA ASP A 97 -10.94 -56.99 17.04
C ASP A 97 -9.86 -58.06 16.86
N PRO A 98 -10.24 -59.34 16.86
CA PRO A 98 -9.27 -60.41 16.58
C PRO A 98 -8.55 -60.24 15.23
N ARG A 99 -9.15 -59.48 14.32
CA ARG A 99 -8.53 -59.23 13.02
C ARG A 99 -7.67 -57.96 13.07
N SER A 100 -7.32 -57.54 14.29
CA SER A 100 -6.38 -56.43 14.52
C SER A 100 -6.87 -55.03 14.09
N PHE A 101 -8.09 -54.95 13.57
CA PHE A 101 -8.67 -53.65 13.24
C PHE A 101 -9.18 -52.98 14.51
N GLU A 102 -9.46 -51.68 14.43
CA GLU A 102 -10.01 -50.96 15.58
C GLU A 102 -11.44 -50.49 15.29
N PHE A 103 -12.22 -50.27 16.33
CA PHE A 103 -13.58 -49.74 16.18
C PHE A 103 -14.08 -49.10 17.47
N PRO A 104 -14.75 -47.94 17.35
CA PRO A 104 -15.25 -47.15 18.48
C PRO A 104 -16.63 -47.57 18.96
N ILE A 105 -16.85 -47.50 20.27
CA ILE A 105 -18.15 -47.79 20.87
C ILE A 105 -18.40 -46.78 22.00
N ARG A 106 -19.64 -46.32 22.15
CA ARG A 106 -20.01 -45.53 23.31
C ARG A 106 -20.73 -46.41 24.32
N TYR A 107 -20.00 -46.82 25.35
CA TYR A 107 -20.51 -47.71 26.37
C TYR A 107 -21.23 -46.98 27.50
N ILE A 108 -22.27 -47.62 28.04
CA ILE A 108 -22.87 -47.21 29.30
C ILE A 108 -22.51 -48.30 30.29
N LEU A 109 -21.84 -47.92 31.37
CA LEU A 109 -21.30 -48.88 32.32
C LEU A 109 -22.19 -49.03 33.55
N HIS A 110 -22.56 -50.27 33.87
CA HIS A 110 -23.29 -50.56 35.10
C HIS A 110 -22.47 -51.55 35.91
N ARG A 111 -22.53 -51.45 37.24
CA ARG A 111 -21.93 -52.46 38.09
C ARG A 111 -23.05 -53.31 38.71
N LEU A 112 -22.92 -54.62 38.62
CA LEU A 112 -23.97 -55.53 39.04
C LEU A 112 -23.81 -55.92 40.51
N PRO A 113 -24.93 -56.03 41.23
CA PRO A 113 -24.96 -56.33 42.68
C PRO A 113 -24.39 -57.69 43.05
N ALA A 114 -24.59 -58.70 42.20
CA ALA A 114 -24.23 -60.06 42.53
C ALA A 114 -22.73 -60.27 42.75
N ASP A 115 -21.92 -59.82 41.79
CA ASP A 115 -20.49 -60.09 41.84
C ASP A 115 -19.63 -58.86 41.57
N ARG A 116 -20.25 -57.68 41.61
CA ARG A 116 -19.58 -56.41 41.30
C ARG A 116 -19.02 -56.36 39.88
N SER A 117 -19.49 -57.25 39.02
CA SER A 117 -19.04 -57.27 37.64
C SER A 117 -19.60 -56.07 36.89
N ILE A 118 -18.98 -55.73 35.78
CA ILE A 118 -19.41 -54.59 34.99
C ILE A 118 -20.07 -55.03 33.69
N LEU A 119 -21.30 -54.60 33.48
CA LEU A 119 -22.03 -54.84 32.25
C LEU A 119 -21.87 -53.61 31.36
N MET A 120 -21.40 -53.83 30.13
CA MET A 120 -21.10 -52.71 29.23
C MET A 120 -22.08 -52.64 28.07
N LEU A 121 -22.88 -51.58 28.04
CA LEU A 121 -23.92 -51.42 27.02
C LEU A 121 -23.46 -50.40 25.98
N GLY A 122 -23.24 -50.85 24.75
CA GLY A 122 -22.62 -50.02 23.74
C GLY A 122 -23.46 -49.58 22.56
N ARG A 123 -23.14 -48.39 22.05
CA ARG A 123 -23.72 -47.87 20.83
C ARG A 123 -22.62 -47.94 19.78
N ASP A 124 -22.95 -48.41 18.58
CA ASP A 124 -21.95 -48.54 17.52
C ASP A 124 -21.58 -47.16 17.01
N LEU A 125 -20.29 -46.87 16.98
CA LEU A 125 -19.82 -45.58 16.50
C LEU A 125 -19.17 -45.67 15.13
N ARG A 126 -19.20 -46.85 14.52
CA ARG A 126 -18.63 -47.01 13.18
C ARG A 126 -19.26 -46.11 12.11
N PRO A 127 -20.61 -46.08 12.01
CA PRO A 127 -21.24 -45.20 11.00
C PRO A 127 -20.87 -43.73 11.14
N ILE A 128 -20.84 -43.24 12.38
CA ILE A 128 -20.57 -41.82 12.65
C ILE A 128 -19.14 -41.41 12.27
N ALA A 129 -18.17 -42.27 12.60
CA ALA A 129 -16.78 -42.06 12.23
C ALA A 129 -16.62 -42.10 10.71
N GLU A 130 -17.33 -43.04 10.11
CA GLU A 130 -17.39 -43.15 8.65
C GLU A 130 -17.79 -41.83 8.02
N VAL A 131 -18.88 -41.23 8.51
CA VAL A 131 -19.30 -39.95 7.95
C VAL A 131 -18.33 -38.82 8.32
N GLN A 132 -17.64 -38.99 9.45
CA GLN A 132 -16.68 -38.01 9.94
C GLN A 132 -15.50 -37.78 8.99
N GLN A 133 -14.89 -38.87 8.52
CA GLN A 133 -13.78 -38.75 7.55
C GLN A 133 -14.18 -37.92 6.31
N GLN A 134 -15.38 -38.22 5.81
CA GLN A 134 -15.92 -37.56 4.64
C GLN A 134 -16.21 -36.09 4.91
N LEU A 135 -16.60 -35.80 6.15
CA LEU A 135 -16.78 -34.43 6.60
C LEU A 135 -15.47 -33.66 6.57
N VAL A 136 -14.39 -34.29 7.02
CA VAL A 136 -13.06 -33.68 6.97
C VAL A 136 -12.66 -33.35 5.53
N ALA A 137 -12.77 -34.34 4.65
CA ALA A 137 -12.47 -34.13 3.23
C ALA A 137 -13.31 -33.01 2.63
N ALA A 138 -14.59 -32.99 2.99
CA ALA A 138 -15.52 -31.98 2.49
C ALA A 138 -15.06 -30.59 2.92
N GLN A 139 -14.69 -30.45 4.18
CA GLN A 139 -14.18 -29.18 4.69
C GLN A 139 -13.00 -28.70 3.86
N LEU A 140 -12.02 -29.58 3.66
CA LEU A 140 -10.85 -29.22 2.86
C LEU A 140 -11.25 -28.73 1.46
N ALA A 141 -12.11 -29.48 0.80
CA ALA A 141 -12.57 -29.10 -0.54
C ALA A 141 -13.30 -27.75 -0.58
N MET A 142 -14.16 -27.52 0.41
CA MET A 142 -14.89 -26.26 0.47
C MET A 142 -13.94 -25.08 0.62
N GLU A 143 -12.91 -25.26 1.45
CA GLU A 143 -11.90 -24.22 1.60
C GLU A 143 -11.18 -23.91 0.28
N ARG A 144 -10.61 -24.94 -0.36
CA ARG A 144 -9.90 -24.72 -1.62
C ARG A 144 -10.80 -24.09 -2.70
N ASP A 145 -12.05 -24.55 -2.78
CA ASP A 145 -13.00 -24.01 -3.75
C ASP A 145 -13.25 -22.53 -3.49
N TYR A 146 -13.51 -22.20 -2.22
CA TYR A 146 -13.75 -20.81 -1.83
C TYR A 146 -12.59 -19.91 -2.22
N GLU A 147 -11.37 -20.36 -1.91
CA GLU A 147 -10.18 -19.59 -2.25
C GLU A 147 -10.02 -19.36 -3.76
N THR A 148 -10.21 -20.41 -4.55
CA THR A 148 -10.14 -20.27 -6.00
C THR A 148 -11.18 -19.27 -6.50
N GLN A 149 -12.39 -19.37 -5.96
CA GLN A 149 -13.45 -18.42 -6.27
C GLN A 149 -13.00 -16.98 -6.04
N ARG A 150 -12.59 -16.69 -4.81
CA ARG A 150 -12.10 -15.36 -4.45
C ARG A 150 -11.03 -14.85 -5.41
N GLU A 151 -10.07 -15.71 -5.74
CA GLU A 151 -9.01 -15.30 -6.68
C GLU A 151 -9.57 -14.90 -8.04
N MET A 152 -10.39 -15.77 -8.61
CA MET A 152 -10.91 -15.52 -9.94
C MET A 152 -11.80 -14.27 -9.99
N GLU A 153 -12.66 -14.12 -8.98
CA GLU A 153 -13.52 -12.94 -8.92
C GLU A 153 -12.71 -11.66 -8.79
N THR A 154 -11.71 -11.67 -7.91
CA THR A 154 -10.84 -10.50 -7.81
C THR A 154 -10.13 -10.18 -9.14
N ARG A 155 -9.58 -11.19 -9.79
CA ARG A 155 -8.93 -10.98 -11.08
C ARG A 155 -9.90 -10.35 -12.08
N TYR A 156 -11.14 -10.83 -12.09
CA TYR A 156 -12.16 -10.25 -12.94
C TYR A 156 -12.40 -8.77 -12.63
N ARG A 157 -12.62 -8.44 -11.36
CA ARG A 157 -12.94 -7.05 -11.01
C ARG A 157 -11.78 -6.10 -11.27
N VAL A 158 -10.56 -6.58 -11.06
CA VAL A 158 -9.37 -5.77 -11.29
C VAL A 158 -9.18 -5.54 -12.79
N VAL A 159 -9.28 -6.60 -13.57
CA VAL A 159 -9.14 -6.45 -15.02
C VAL A 159 -10.21 -5.51 -15.57
N LEU A 160 -11.44 -5.65 -15.09
CA LEU A 160 -12.52 -4.78 -15.54
C LEU A 160 -12.25 -3.31 -15.22
N ASP A 161 -11.94 -3.03 -13.95
CA ASP A 161 -11.68 -1.65 -13.52
C ASP A 161 -10.52 -1.01 -14.26
N VAL A 162 -9.42 -1.75 -14.41
CA VAL A 162 -8.19 -1.22 -14.99
C VAL A 162 -8.28 -0.98 -16.49
N SER A 163 -8.95 -1.87 -17.21
CA SER A 163 -9.05 -1.79 -18.67
C SER A 163 -9.52 -0.44 -19.15
N ARG A 164 -8.79 0.15 -20.10
CA ARG A 164 -9.16 1.43 -20.69
C ARG A 164 -10.24 1.30 -21.74
N ASP A 165 -10.50 0.07 -22.18
CA ASP A 165 -11.59 -0.22 -23.11
C ASP A 165 -12.89 -0.05 -22.37
N PRO A 166 -13.71 0.94 -22.75
CA PRO A 166 -15.00 1.16 -22.08
C PRO A 166 -15.88 -0.07 -22.25
N MET A 167 -16.29 -0.68 -21.14
CA MET A 167 -17.07 -1.90 -21.17
C MET A 167 -18.27 -1.86 -20.23
N VAL A 168 -19.35 -2.50 -20.66
CA VAL A 168 -20.57 -2.59 -19.87
C VAL A 168 -21.07 -4.02 -19.93
N LEU A 169 -21.46 -4.55 -18.79
CA LEU A 169 -21.95 -5.92 -18.73
C LEU A 169 -23.44 -5.91 -18.38
N VAL A 170 -24.25 -6.47 -19.29
CA VAL A 170 -25.70 -6.42 -19.16
C VAL A 170 -26.31 -7.81 -19.05
N SER A 171 -27.19 -7.99 -18.08
CA SER A 171 -27.94 -9.24 -17.99
C SER A 171 -28.94 -9.32 -19.12
N MET A 172 -28.79 -10.33 -19.96
CA MET A 172 -29.74 -10.58 -21.04
C MET A 172 -31.13 -10.84 -20.50
N SER A 173 -31.21 -11.58 -19.39
CA SER A 173 -32.48 -11.98 -18.81
C SER A 173 -33.30 -10.79 -18.32
N THR A 174 -32.63 -9.76 -17.81
CA THR A 174 -33.32 -8.63 -17.19
C THR A 174 -33.17 -7.33 -17.99
N GLY A 175 -32.14 -7.27 -18.82
CA GLY A 175 -31.89 -6.08 -19.62
C GLY A 175 -31.22 -4.96 -18.84
N ARG A 176 -30.89 -5.22 -17.58
CA ARG A 176 -30.29 -4.20 -16.73
C ARG A 176 -28.79 -4.35 -16.63
N ILE A 177 -28.09 -3.22 -16.58
CA ILE A 177 -26.64 -3.18 -16.45
C ILE A 177 -26.17 -3.90 -15.19
N VAL A 178 -25.34 -4.91 -15.38
CA VAL A 178 -24.91 -5.75 -14.26
C VAL A 178 -23.50 -5.38 -13.78
N ASP A 179 -22.74 -4.69 -14.62
CA ASP A 179 -21.38 -4.26 -14.29
C ASP A 179 -20.84 -3.32 -15.37
N LEU A 180 -19.82 -2.54 -15.00
CA LEU A 180 -19.15 -1.64 -15.95
C LEU A 180 -17.91 -1.03 -15.30
N ASN A 181 -17.07 -0.39 -16.11
CA ASN A 181 -15.89 0.29 -15.59
C ASN A 181 -15.98 1.82 -15.70
N SER A 182 -15.05 2.53 -15.10
CA SER A 182 -15.12 3.99 -15.07
C SER A 182 -14.97 4.65 -16.45
N ALA A 183 -14.47 3.92 -17.43
CA ALA A 183 -14.35 4.45 -18.79
C ALA A 183 -15.72 4.49 -19.46
N ALA A 184 -16.44 3.39 -19.33
CA ALA A 184 -17.82 3.30 -19.78
C ALA A 184 -18.69 4.25 -18.98
N GLY A 185 -18.29 4.50 -17.73
CA GLY A 185 -19.01 5.44 -16.89
C GLY A 185 -18.82 6.86 -17.41
N LEU A 186 -17.60 7.16 -17.84
CA LEU A 186 -17.27 8.48 -18.39
C LEU A 186 -17.97 8.70 -19.72
N LEU A 187 -18.11 7.65 -20.52
CA LEU A 187 -18.83 7.78 -21.79
C LEU A 187 -20.34 7.88 -21.57
N LEU A 188 -20.87 7.04 -20.70
CA LEU A 188 -22.30 7.03 -20.40
C LEU A 188 -22.74 8.30 -19.69
N GLY A 189 -21.81 8.88 -18.94
CA GLY A 189 -22.06 10.11 -18.21
C GLY A 189 -22.41 9.90 -16.75
N GLY A 190 -21.91 8.83 -16.15
CA GLY A 190 -22.19 8.57 -14.76
C GLY A 190 -21.13 7.76 -14.04
N VAL A 191 -21.43 7.39 -12.80
CA VAL A 191 -20.54 6.56 -12.00
C VAL A 191 -21.12 5.15 -11.89
N ARG A 192 -20.25 4.17 -11.79
CA ARG A 192 -20.63 2.76 -11.59
C ARG A 192 -21.86 2.56 -10.71
N GLN A 193 -21.84 3.16 -9.52
CA GLN A 193 -22.92 3.00 -8.56
C GLN A 193 -24.26 3.43 -9.13
N ASP A 194 -24.25 4.46 -9.97
CA ASP A 194 -25.48 5.02 -10.51
C ASP A 194 -25.98 4.28 -11.75
N LEU A 195 -25.04 3.85 -12.58
CA LEU A 195 -25.38 3.12 -13.80
C LEU A 195 -25.68 1.66 -13.48
N LEU A 196 -25.25 1.22 -12.31
CA LEU A 196 -25.47 -0.16 -11.89
C LEU A 196 -26.96 -0.44 -11.75
N GLY A 197 -27.44 -1.44 -12.47
CA GLY A 197 -28.82 -1.85 -12.40
C GLY A 197 -29.75 -1.12 -13.36
N ALA A 198 -29.22 -0.10 -14.02
CA ALA A 198 -30.00 0.70 -14.95
C ALA A 198 -30.49 -0.12 -16.14
N ALA A 199 -31.68 0.19 -16.62
CA ALA A 199 -32.20 -0.42 -17.84
C ALA A 199 -31.35 0.02 -19.03
N ILE A 200 -30.88 -0.96 -19.81
CA ILE A 200 -29.93 -0.66 -20.88
C ILE A 200 -30.52 0.16 -22.03
N ALA A 201 -31.80 -0.06 -22.34
CA ALA A 201 -32.41 0.64 -23.46
C ALA A 201 -32.70 2.11 -23.12
N GLN A 202 -32.59 2.45 -21.85
CA GLN A 202 -32.84 3.82 -21.41
C GLN A 202 -31.52 4.59 -21.29
N GLU A 203 -30.42 3.95 -21.66
CA GLU A 203 -29.11 4.58 -21.59
C GLU A 203 -28.52 4.71 -23.00
N PHE A 204 -28.65 3.64 -23.78
CA PHE A 204 -28.27 3.66 -25.19
C PHE A 204 -29.47 4.09 -26.03
N GLU A 205 -29.51 5.37 -26.38
CA GLU A 205 -30.67 5.90 -27.06
C GLU A 205 -30.46 6.14 -28.55
N GLY A 206 -31.41 5.68 -29.36
CA GLY A 206 -31.46 6.03 -30.76
C GLY A 206 -32.77 6.75 -30.98
N ARG A 207 -33.15 6.96 -32.24
CA ARG A 207 -34.47 7.53 -32.50
C ARG A 207 -35.52 6.49 -32.11
N ARG A 208 -36.68 6.95 -31.67
CA ARG A 208 -37.76 6.08 -31.20
C ARG A 208 -37.42 5.32 -29.90
N ARG A 209 -37.45 6.06 -28.79
CA ARG A 209 -37.40 5.50 -27.44
C ARG A 209 -36.33 4.42 -27.19
N GLY A 210 -36.79 3.21 -26.90
CA GLY A 210 -35.90 2.10 -26.60
C GLY A 210 -35.55 1.29 -27.83
N GLU A 211 -35.00 1.97 -28.83
CA GLU A 211 -34.60 1.35 -30.09
C GLU A 211 -33.54 0.27 -29.89
N PHE A 212 -32.80 0.37 -28.79
CA PHE A 212 -31.73 -0.58 -28.50
C PHE A 212 -32.26 -1.98 -28.21
N MET A 213 -33.53 -2.08 -27.84
CA MET A 213 -34.15 -3.37 -27.55
C MET A 213 -34.27 -4.22 -28.81
N GLU A 214 -34.23 -3.59 -29.98
CA GLU A 214 -34.24 -4.31 -31.24
C GLU A 214 -32.92 -5.06 -31.42
N THR A 215 -31.83 -4.36 -31.14
CA THR A 215 -30.51 -4.97 -31.12
C THR A 215 -30.45 -6.07 -30.06
N MET A 216 -31.04 -5.82 -28.89
CA MET A 216 -31.16 -6.85 -27.84
C MET A 216 -31.87 -8.09 -28.38
N THR A 217 -32.92 -7.88 -29.16
CA THR A 217 -33.65 -8.98 -29.75
C THR A 217 -32.75 -9.77 -30.68
N ASN A 218 -31.95 -9.05 -31.48
CA ASN A 218 -31.00 -9.70 -32.37
C ASN A 218 -29.95 -10.52 -31.62
N LEU A 219 -29.49 -9.98 -30.49
CA LEU A 219 -28.47 -10.63 -29.67
C LEU A 219 -29.01 -11.89 -29.02
N ALA A 220 -30.28 -11.85 -28.64
CA ALA A 220 -30.91 -12.97 -27.93
C ALA A 220 -30.98 -14.26 -28.74
N ALA A 221 -30.93 -14.14 -30.07
CA ALA A 221 -31.08 -15.30 -30.94
C ALA A 221 -29.86 -15.57 -31.83
N THR A 222 -28.80 -14.80 -31.63
CA THR A 222 -27.68 -14.81 -32.56
C THR A 222 -26.34 -14.81 -31.81
N GLU A 223 -26.40 -14.40 -30.55
CA GLU A 223 -25.21 -14.25 -29.68
C GLU A 223 -24.31 -13.12 -30.15
N SER A 224 -24.75 -12.39 -31.18
CA SER A 224 -24.00 -11.28 -31.74
C SER A 224 -24.95 -10.36 -32.47
N ALA A 225 -24.49 -9.15 -32.79
CA ALA A 225 -25.27 -8.18 -33.56
C ALA A 225 -24.37 -7.08 -34.15
N ALA A 226 -24.79 -6.49 -35.27
CA ALA A 226 -24.04 -5.39 -35.87
C ALA A 226 -23.89 -4.26 -34.86
N PRO A 227 -22.66 -3.72 -34.73
CA PRO A 227 -22.40 -2.59 -33.83
C PRO A 227 -23.32 -1.40 -34.13
N VAL A 228 -23.87 -0.79 -33.09
CA VAL A 228 -24.90 0.24 -33.28
C VAL A 228 -24.48 1.62 -32.78
N GLU A 229 -24.82 2.64 -33.56
CA GLU A 229 -24.70 4.03 -33.14
C GLU A 229 -25.83 4.37 -32.18
N VAL A 230 -25.48 4.83 -30.99
CA VAL A 230 -26.47 5.31 -30.03
C VAL A 230 -26.07 6.67 -29.45
N LEU A 231 -26.91 7.21 -28.59
CA LEU A 231 -26.63 8.48 -27.92
C LEU A 231 -26.77 8.31 -26.41
N ALA A 232 -25.67 8.46 -25.69
CA ALA A 232 -25.67 8.34 -24.23
C ALA A 232 -26.62 9.36 -23.63
N ARG A 233 -27.64 8.89 -22.93
CA ARG A 233 -28.68 9.77 -22.39
C ARG A 233 -28.15 10.78 -21.39
N ARG A 234 -27.44 10.30 -20.38
CA ARG A 234 -26.90 11.14 -19.33
C ARG A 234 -25.81 12.08 -19.86
N SER A 235 -25.07 11.59 -20.85
CA SER A 235 -23.89 12.31 -21.32
C SER A 235 -24.14 13.13 -22.57
N GLN A 236 -25.20 12.80 -23.29
CA GLN A 236 -25.49 13.40 -24.59
C GLN A 236 -24.32 13.24 -25.56
N LYS A 237 -23.58 12.15 -25.41
CA LYS A 237 -22.46 11.87 -26.27
C LYS A 237 -22.85 10.87 -27.35
N ARG A 238 -22.47 11.15 -28.59
CA ARG A 238 -22.64 10.21 -29.68
C ARG A 238 -21.68 9.03 -29.51
N LEU A 239 -22.23 7.85 -29.27
CA LEU A 239 -21.43 6.66 -29.00
C LEU A 239 -21.62 5.57 -30.07
N LEU A 240 -20.76 4.56 -30.03
CA LEU A 240 -20.86 3.41 -30.93
C LEU A 240 -20.68 2.09 -30.17
N VAL A 241 -21.74 1.28 -30.10
CA VAL A 241 -21.75 0.09 -29.26
C VAL A 241 -21.55 -1.25 -29.99
N VAL A 242 -20.48 -1.94 -29.64
CA VAL A 242 -20.19 -3.26 -30.19
C VAL A 242 -20.60 -4.35 -29.20
N PRO A 243 -21.66 -5.11 -29.52
CA PRO A 243 -22.23 -6.13 -28.63
C PRO A 243 -21.81 -7.57 -28.95
N ARG A 244 -21.83 -8.41 -27.94
CA ARG A 244 -21.62 -9.86 -28.07
C ARG A 244 -22.14 -10.56 -26.83
N VAL A 245 -22.53 -11.83 -26.98
CA VAL A 245 -23.10 -12.57 -25.86
C VAL A 245 -22.28 -13.81 -25.53
N PHE A 246 -22.05 -14.05 -24.25
CA PHE A 246 -21.41 -15.29 -23.81
C PHE A 246 -22.22 -16.00 -22.74
N ARG A 247 -21.66 -17.07 -22.18
CA ARG A 247 -22.36 -17.84 -21.15
C ARG A 247 -21.51 -17.94 -19.91
N ALA A 248 -22.00 -17.38 -18.81
CA ALA A 248 -21.38 -17.58 -17.51
C ALA A 248 -22.39 -18.30 -16.62
N ALA A 249 -21.99 -19.45 -16.07
CA ALA A 249 -22.84 -20.24 -15.19
C ALA A 249 -24.20 -20.56 -15.81
N GLY A 250 -24.19 -20.91 -17.10
CA GLY A 250 -25.42 -21.28 -17.78
C GLY A 250 -26.20 -20.09 -18.30
N GLU A 251 -26.28 -19.03 -17.52
CA GLU A 251 -27.02 -17.84 -17.91
C GLU A 251 -26.22 -17.02 -18.92
N ARG A 252 -26.93 -16.31 -19.80
CA ARG A 252 -26.26 -15.53 -20.84
C ARG A 252 -26.08 -14.07 -20.45
N LEU A 253 -24.90 -13.54 -20.75
CA LEU A 253 -24.56 -12.17 -20.39
C LEU A 253 -24.08 -11.42 -21.62
N LEU A 254 -24.52 -10.17 -21.74
CA LEU A 254 -24.08 -9.31 -22.83
C LEU A 254 -22.87 -8.50 -22.40
N LEU A 255 -21.82 -8.53 -23.21
CA LEU A 255 -20.68 -7.64 -22.99
C LEU A 255 -20.64 -6.63 -24.11
N CYS A 256 -20.74 -5.35 -23.75
CA CYS A 256 -20.73 -4.27 -24.73
C CYS A 256 -19.41 -3.51 -24.67
N GLN A 257 -18.85 -3.22 -25.84
CA GLN A 257 -17.76 -2.29 -25.93
C GLN A 257 -18.31 -0.96 -26.42
N ILE A 258 -17.66 0.13 -26.04
CA ILE A 258 -18.16 1.46 -26.36
C ILE A 258 -17.10 2.33 -27.03
N ASP A 259 -17.47 2.93 -28.15
CA ASP A 259 -16.60 3.89 -28.82
C ASP A 259 -17.31 5.22 -28.92
N PRO A 260 -16.58 6.31 -28.63
CA PRO A 260 -17.12 7.64 -28.92
C PRO A 260 -17.21 7.83 -30.43
N ALA A 261 -18.37 8.23 -30.94
CA ALA A 261 -18.55 8.42 -32.38
C ALA A 261 -17.55 9.43 -32.94
N ASP A 262 -17.19 10.41 -32.12
CA ASP A 262 -16.18 11.41 -32.50
C ASP A 262 -14.91 11.24 -31.67
N ALA A 263 -13.85 11.94 -32.06
CA ALA A 263 -12.59 11.85 -31.35
C ALA A 263 -11.71 13.08 -31.62
N VAL A 267 -12.75 12.80 -23.17
CA VAL A 267 -12.86 11.76 -22.15
C VAL A 267 -11.84 11.99 -21.04
N GLY A 268 -11.64 13.26 -20.68
CA GLY A 268 -10.70 13.62 -19.64
C GLY A 268 -11.19 13.25 -18.25
N ASP A 269 -10.34 12.58 -17.49
CA ASP A 269 -10.69 12.16 -16.14
C ASP A 269 -10.61 13.32 -15.17
N GLU A 270 -10.88 13.05 -13.89
CA GLU A 270 -10.88 14.08 -12.86
C GLU A 270 -9.52 14.76 -12.70
N LEU A 271 -8.46 13.96 -12.75
CA LEU A 271 -7.12 14.48 -12.51
C LEU A 271 -6.68 15.50 -13.56
N SER A 272 -7.02 15.26 -14.82
CA SER A 272 -6.66 16.19 -15.89
C SER A 272 -7.36 17.52 -15.70
N GLU A 273 -8.62 17.45 -15.28
CA GLU A 273 -9.39 18.65 -15.06
C GLU A 273 -8.84 19.44 -13.89
N ASN A 274 -8.51 18.76 -12.80
CA ASN A 274 -7.95 19.44 -11.62
C ASN A 274 -6.54 20.01 -11.83
N LEU A 275 -5.76 19.34 -12.67
CA LEU A 275 -4.45 19.85 -13.06
C LEU A 275 -4.62 21.10 -13.93
N ALA A 276 -5.61 21.07 -14.82
CA ALA A 276 -5.98 22.26 -15.58
C ALA A 276 -6.38 23.41 -14.63
N ARG A 277 -7.16 23.07 -13.61
CA ARG A 277 -7.55 24.02 -12.57
C ARG A 277 -6.33 24.62 -11.88
N LEU A 278 -5.32 23.79 -11.63
CA LEU A 278 -4.08 24.25 -11.00
C LEU A 278 -3.29 25.19 -11.91
N TYR A 279 -3.28 24.88 -13.20
CA TYR A 279 -2.56 25.69 -14.17
C TYR A 279 -3.20 27.07 -14.27
N HIS A 280 -4.50 27.10 -14.54
CA HIS A 280 -5.17 28.38 -14.80
C HIS A 280 -5.54 29.19 -13.55
N GLU A 281 -5.72 28.52 -12.40
CA GLU A 281 -6.14 29.22 -11.19
C GLU A 281 -5.11 29.19 -10.08
N GLY A 282 -4.03 28.44 -10.26
CA GLY A 282 -3.01 28.32 -9.24
C GLY A 282 -2.20 29.58 -9.02
N VAL A 283 -1.67 29.72 -7.81
CA VAL A 283 -0.88 30.88 -7.42
C VAL A 283 0.50 30.86 -8.06
N ASP A 284 1.10 29.67 -8.15
CA ASP A 284 2.44 29.55 -8.73
C ASP A 284 2.40 29.59 -10.24
N GLY A 285 3.36 30.29 -10.83
CA GLY A 285 3.45 30.36 -12.27
C GLY A 285 3.97 29.07 -12.90
N ILE A 286 3.45 28.74 -14.06
CA ILE A 286 3.95 27.60 -14.82
C ILE A 286 4.27 28.04 -16.23
N VAL A 287 5.45 27.64 -16.72
CA VAL A 287 5.88 27.99 -18.07
C VAL A 287 6.41 26.76 -18.79
N PHE A 288 5.89 26.53 -19.99
CA PHE A 288 6.39 25.44 -20.84
C PHE A 288 7.25 26.03 -21.94
N SER A 289 8.46 25.52 -22.13
CA SER A 289 9.27 25.94 -23.26
C SER A 289 9.96 24.78 -23.97
N ASP A 290 10.41 25.02 -25.20
CA ASP A 290 11.16 24.02 -25.95
C ASP A 290 12.58 23.96 -25.41
N ALA A 291 13.40 23.08 -25.96
CA ALA A 291 14.78 22.97 -25.53
C ALA A 291 15.57 24.23 -25.82
N ASP A 292 15.05 25.08 -26.71
CA ASP A 292 15.68 26.37 -27.01
C ASP A 292 15.38 27.40 -25.94
N GLY A 293 14.41 27.08 -25.08
CA GLY A 293 14.01 28.00 -24.04
C GLY A 293 13.01 28.99 -24.60
N THR A 294 12.51 28.68 -25.78
CA THR A 294 11.48 29.50 -26.40
C THR A 294 10.11 29.08 -25.85
N ILE A 295 9.38 30.04 -25.29
CA ILE A 295 8.13 29.76 -24.57
C ILE A 295 7.02 29.18 -25.45
N ARG A 296 6.55 27.99 -25.11
CA ARG A 296 5.45 27.36 -25.83
C ARG A 296 4.12 27.72 -25.17
N GLY A 297 4.07 27.62 -23.85
CA GLY A 297 2.86 27.92 -23.11
C GLY A 297 3.16 28.52 -21.74
N ALA A 298 2.29 29.39 -21.28
CA ALA A 298 2.41 29.98 -19.96
C ALA A 298 1.04 30.10 -19.32
N ASN A 299 1.00 30.10 -18.00
CA ASN A 299 -0.25 30.23 -17.27
C ASN A 299 -0.49 31.66 -16.82
N GLU A 300 -1.68 31.92 -16.31
CA GLU A 300 -2.07 33.28 -15.93
C GLU A 300 -1.30 33.80 -14.71
N ALA A 301 -0.78 32.89 -13.89
CA ALA A 301 -0.01 33.30 -12.72
C ALA A 301 1.29 33.97 -13.15
N PHE A 302 1.99 33.32 -14.07
CA PHE A 302 3.23 33.84 -14.62
C PHE A 302 3.00 35.11 -15.44
N LEU A 303 1.86 35.16 -16.14
CA LEU A 303 1.49 36.33 -16.92
C LEU A 303 1.28 37.53 -16.00
N ASN A 304 0.49 37.35 -14.94
CA ASN A 304 0.26 38.42 -13.96
C ASN A 304 1.54 38.72 -13.17
N MET A 305 2.49 37.79 -13.22
CA MET A 305 3.75 37.95 -12.51
C MET A 305 4.70 38.84 -13.29
N THR A 306 4.71 38.69 -14.61
CA THR A 306 5.64 39.45 -15.46
C THR A 306 5.01 40.69 -16.08
N ASP A 307 3.80 41.04 -15.64
CA ASP A 307 3.05 42.16 -16.21
C ASP A 307 2.90 42.05 -17.72
N SER A 308 2.69 40.83 -18.19
CA SER A 308 2.45 40.59 -19.61
C SER A 308 0.98 40.78 -19.94
N SER A 309 0.71 41.39 -21.09
CA SER A 309 -0.67 41.67 -21.49
C SER A 309 -1.42 40.40 -21.91
N SER A 310 -0.76 39.53 -22.67
CA SER A 310 -1.44 38.34 -23.18
C SER A 310 -0.57 37.09 -23.20
N LEU A 311 -1.21 35.93 -23.25
CA LEU A 311 -0.52 34.67 -23.46
C LEU A 311 0.11 34.66 -24.84
N ALA A 312 -0.56 35.32 -25.79
CA ALA A 312 -0.14 35.32 -27.18
C ALA A 312 1.05 36.25 -27.43
N ALA A 313 1.20 37.26 -26.57
CA ALA A 313 2.25 38.26 -26.75
C ALA A 313 3.63 37.77 -26.32
N ILE A 314 3.67 36.87 -25.34
CA ILE A 314 4.93 36.35 -24.84
C ILE A 314 5.23 34.95 -25.36
N ARG A 315 4.24 34.31 -25.98
CA ARG A 315 4.46 33.03 -26.63
C ARG A 315 5.39 33.22 -27.81
N GLY A 316 6.38 32.34 -27.93
CA GLY A 316 7.34 32.45 -29.01
C GLY A 316 8.60 33.16 -28.57
N ARG A 317 8.45 34.05 -27.59
CA ARG A 317 9.59 34.78 -27.03
C ARG A 317 10.56 33.84 -26.32
N SER A 318 11.70 34.36 -25.91
CA SER A 318 12.68 33.54 -25.20
C SER A 318 12.62 33.74 -23.70
N ILE A 319 12.86 32.67 -22.97
CA ILE A 319 12.95 32.67 -21.52
C ILE A 319 13.88 33.77 -21.00
N ALA A 320 14.98 34.01 -21.72
CA ALA A 320 15.97 35.02 -21.33
C ALA A 320 15.40 36.43 -21.14
N ASP A 321 14.38 36.77 -21.91
CA ASP A 321 13.74 38.09 -21.81
C ASP A 321 12.90 38.24 -20.53
N PHE A 322 12.94 37.25 -19.66
CA PHE A 322 12.18 37.26 -18.41
C PHE A 322 13.05 36.89 -17.20
N LEU A 323 14.29 36.46 -17.46
CA LEU A 323 15.19 36.07 -16.37
C LEU A 323 16.37 37.03 -16.27
N ALA A 324 16.65 37.48 -15.05
CA ALA A 324 17.60 38.55 -14.78
C ALA A 324 18.99 38.32 -15.37
N ARG A 325 19.49 37.09 -15.23
CA ARG A 325 20.81 36.77 -15.74
C ARG A 325 20.76 36.34 -17.20
N GLY A 326 19.56 36.37 -17.77
CA GLY A 326 19.38 36.20 -19.21
C GLY A 326 19.87 34.87 -19.78
N SER A 327 20.83 34.95 -20.70
CA SER A 327 21.37 33.76 -21.36
C SER A 327 21.96 32.75 -20.35
N VAL A 328 22.61 33.28 -19.32
CA VAL A 328 23.16 32.47 -18.25
C VAL A 328 22.07 31.65 -17.56
N ASP A 329 20.97 32.30 -17.20
CA ASP A 329 19.89 31.60 -16.48
C ASP A 329 19.26 30.51 -17.35
N LEU A 330 19.10 30.82 -18.63
CA LEU A 330 18.57 29.88 -19.59
C LEU A 330 19.44 28.64 -19.63
N ARG A 331 20.74 28.86 -19.86
CA ARG A 331 21.69 27.76 -19.95
C ARG A 331 21.82 26.96 -18.66
N VAL A 332 21.77 27.62 -17.51
CA VAL A 332 21.90 26.91 -16.24
C VAL A 332 20.65 26.06 -15.96
N LEU A 333 19.46 26.62 -16.13
CA LEU A 333 18.24 25.84 -15.93
C LEU A 333 18.24 24.63 -16.86
N ILE A 334 18.42 24.89 -18.15
CA ILE A 334 18.32 23.82 -19.15
C ILE A 334 19.40 22.76 -19.00
N ASP A 335 20.65 23.19 -18.89
CA ASP A 335 21.74 22.23 -18.79
C ASP A 335 21.74 21.48 -17.45
N SER A 336 21.17 22.08 -16.40
CA SER A 336 21.04 21.36 -15.13
C SER A 336 19.96 20.28 -15.19
N VAL A 337 18.78 20.64 -15.67
CA VAL A 337 17.71 19.65 -15.76
C VAL A 337 18.00 18.55 -16.78
N ARG A 338 18.65 18.89 -17.88
CA ARG A 338 19.00 17.88 -18.88
C ARG A 338 19.92 16.80 -18.32
N ARG A 339 20.52 17.06 -17.18
CA ARG A 339 21.38 16.08 -16.52
C ARG A 339 20.65 15.36 -15.38
N THR A 340 19.98 16.11 -14.52
CA THR A 340 19.27 15.45 -13.40
C THR A 340 17.83 15.06 -13.75
N GLY A 341 17.18 15.85 -14.59
CA GLY A 341 15.79 15.63 -14.92
C GLY A 341 14.93 16.59 -14.11
N GLN A 342 15.50 17.02 -12.98
CA GLN A 342 14.80 17.91 -12.06
C GLN A 342 15.79 18.87 -11.43
N LEU A 343 15.33 20.10 -11.19
CA LEU A 343 16.09 21.08 -10.45
C LEU A 343 15.19 21.55 -9.30
N ARG A 344 15.63 21.36 -8.07
CA ARG A 344 14.76 21.57 -6.92
C ARG A 344 14.44 23.04 -6.64
N LEU A 345 15.47 23.86 -6.57
CA LEU A 345 15.28 25.27 -6.26
C LEU A 345 16.35 26.12 -6.92
N TYR A 346 15.92 27.14 -7.66
CA TYR A 346 16.85 28.05 -8.31
C TYR A 346 16.42 29.49 -8.10
N ALA A 347 17.27 30.26 -7.43
CA ALA A 347 16.97 31.65 -7.12
C ALA A 347 17.48 32.60 -8.22
N THR A 348 16.59 33.46 -8.70
CA THR A 348 16.95 34.47 -9.71
C THR A 348 15.95 35.62 -9.61
N ARG A 349 15.82 36.42 -10.67
CA ARG A 349 14.85 37.51 -10.69
C ARG A 349 14.13 37.62 -12.03
N LEU A 350 12.89 38.07 -12.00
CA LEU A 350 12.14 38.27 -13.22
C LEU A 350 12.31 39.71 -13.71
N THR A 351 12.83 39.90 -14.92
CA THR A 351 12.84 41.24 -15.49
C THR A 351 11.44 41.55 -16.02
N THR A 352 10.96 42.75 -15.69
CA THR A 352 9.61 43.19 -16.07
C THR A 352 9.69 44.19 -17.22
N ASP A 353 8.68 44.21 -18.07
CA ASP A 353 8.64 45.16 -19.17
C ASP A 353 8.54 46.60 -18.67
N PHE A 354 7.94 46.77 -17.49
CA PHE A 354 7.75 48.11 -16.95
C PHE A 354 8.02 48.22 -15.44
N ALA A 355 7.35 47.37 -14.65
CA ALA A 355 7.50 47.40 -13.20
C ALA A 355 8.91 47.02 -12.75
N GLY A 356 9.15 47.07 -11.45
CA GLY A 356 10.43 46.64 -10.91
C GLY A 356 10.62 45.15 -11.09
N GLN A 357 11.86 44.71 -11.23
CA GLN A 357 12.14 43.28 -11.36
C GLN A 357 11.79 42.53 -10.08
N ILE A 358 11.30 41.31 -10.23
CA ILE A 358 10.73 40.56 -9.10
C ILE A 358 11.64 39.45 -8.61
N ALA A 359 11.73 39.31 -7.28
CA ALA A 359 12.52 38.26 -6.66
C ALA A 359 11.81 36.93 -6.78
N ALA A 360 12.37 36.03 -7.57
CA ALA A 360 11.72 34.76 -7.86
C ALA A 360 12.50 33.53 -7.42
N GLU A 361 11.78 32.44 -7.19
CA GLU A 361 12.38 31.13 -6.97
C GLU A 361 11.78 30.11 -7.93
N ILE A 362 12.64 29.49 -8.72
CA ILE A 362 12.19 28.64 -9.83
C ILE A 362 12.58 27.18 -9.65
N SER A 363 11.61 26.29 -9.84
CA SER A 363 11.92 24.87 -9.95
C SER A 363 11.79 24.47 -11.41
N ALA A 364 12.54 23.46 -11.82
CA ALA A 364 12.56 23.07 -13.22
C ALA A 364 12.54 21.56 -13.41
N THR A 365 11.78 21.11 -14.39
CA THR A 365 11.68 19.69 -14.72
C THR A 365 11.89 19.51 -16.21
N TRP A 366 12.63 18.47 -16.58
CA TRP A 366 12.87 18.17 -17.99
C TRP A 366 12.00 17.01 -18.46
N LEU A 367 10.97 17.33 -19.24
CA LEU A 367 10.08 16.32 -19.78
C LEU A 367 10.64 15.82 -21.10
N ASP A 368 11.40 14.73 -21.04
CA ASP A 368 12.08 14.23 -22.24
C ASP A 368 11.11 13.70 -23.29
N ASP A 369 11.56 13.68 -24.53
CA ASP A 369 10.79 13.16 -25.65
C ASP A 369 11.76 12.91 -26.79
N ARG A 370 11.43 11.98 -27.67
CA ARG A 370 12.30 11.67 -28.80
C ARG A 370 12.24 12.78 -29.85
N GLU A 371 11.11 13.48 -29.90
CA GLU A 371 10.88 14.47 -30.96
C GLU A 371 10.78 15.92 -30.44
N ARG A 372 9.93 16.15 -29.45
CA ARG A 372 9.73 17.49 -28.90
C ARG A 372 9.91 17.53 -27.39
N PRO A 373 11.17 17.60 -26.91
CA PRO A 373 11.46 17.74 -25.48
C PRO A 373 10.93 19.07 -24.97
N LEU A 374 10.60 19.12 -23.68
CA LEU A 374 10.04 20.33 -23.10
C LEU A 374 10.66 20.64 -21.74
N LEU A 375 10.89 21.94 -21.50
CA LEU A 375 11.27 22.41 -20.17
C LEU A 375 10.05 23.01 -19.48
N VAL A 376 9.86 22.66 -18.22
CA VAL A 376 8.74 23.20 -17.44
C VAL A 376 9.25 23.93 -16.22
N LEU A 377 8.76 25.14 -16.02
CA LEU A 377 9.22 25.95 -14.90
C LEU A 377 8.08 26.31 -13.98
N VAL A 378 8.30 26.13 -12.69
CA VAL A 378 7.35 26.59 -11.69
C VAL A 378 7.92 27.81 -10.98
N VAL A 379 7.32 28.96 -11.25
CA VAL A 379 7.91 30.23 -10.85
C VAL A 379 7.15 30.87 -9.69
N ARG A 380 7.87 31.15 -8.61
CA ARG A 380 7.25 31.75 -7.43
C ARG A 380 7.76 33.17 -7.18
N ASP A 381 6.86 34.02 -6.70
CA ASP A 381 7.22 35.37 -6.28
C ASP A 381 7.53 35.31 -4.80
N THR A 382 8.72 35.74 -4.42
CA THR A 382 9.10 35.80 -3.01
C THR A 382 9.17 37.24 -2.53
N SER A 383 8.12 37.68 -1.87
CA SER A 383 7.99 39.06 -1.38
C SER A 383 8.25 40.10 -2.46
N SER B 11 -22.15 -66.32 31.84
CA SER B 11 -23.56 -65.96 31.77
C SER B 11 -23.91 -64.87 32.79
N LEU B 12 -24.97 -64.13 32.51
CA LEU B 12 -25.44 -63.08 33.41
C LEU B 12 -25.92 -63.68 34.73
N PRO B 13 -25.51 -63.08 35.86
CA PRO B 13 -25.89 -63.57 37.19
C PRO B 13 -27.36 -63.28 37.51
N SER B 14 -27.70 -63.34 38.79
CA SER B 14 -29.09 -63.13 39.22
C SER B 14 -29.52 -61.67 39.08
N LEU B 15 -30.32 -61.39 38.06
CA LEU B 15 -30.79 -60.03 37.80
C LEU B 15 -32.21 -59.80 38.30
N ALA B 16 -32.43 -58.63 38.90
CA ALA B 16 -33.76 -58.23 39.37
C ALA B 16 -34.45 -57.39 38.30
N PRO B 17 -35.79 -57.41 38.27
CA PRO B 17 -36.58 -56.65 37.30
C PRO B 17 -36.31 -55.14 37.27
N ASP B 18 -36.08 -54.52 38.43
CA ASP B 18 -35.73 -53.10 38.49
C ASP B 18 -34.47 -52.80 37.69
N LEU B 19 -33.40 -53.53 38.01
CA LEU B 19 -32.13 -53.39 37.34
C LEU B 19 -32.27 -53.65 35.84
N VAL B 20 -32.97 -54.72 35.48
CA VAL B 20 -33.20 -55.05 34.07
C VAL B 20 -33.90 -53.91 33.33
N ARG B 21 -34.89 -53.30 33.97
CA ARG B 21 -35.58 -52.14 33.40
C ARG B 21 -34.59 -50.99 33.20
N ASP B 22 -33.67 -50.80 34.13
CA ASP B 22 -32.64 -49.78 33.98
C ASP B 22 -31.67 -50.06 32.82
N LEU B 23 -31.23 -51.32 32.72
CA LEU B 23 -30.29 -51.75 31.70
C LEU B 23 -30.88 -51.56 30.31
N ILE B 24 -32.13 -51.99 30.15
CA ILE B 24 -32.82 -51.75 28.88
C ILE B 24 -32.98 -50.25 28.64
N ALA B 25 -33.32 -49.51 29.68
CA ALA B 25 -33.50 -48.06 29.57
C ALA B 25 -32.23 -47.28 29.21
N THR B 26 -31.06 -47.86 29.46
CA THR B 26 -29.80 -47.19 29.12
C THR B 26 -29.13 -47.76 27.85
N ALA B 27 -29.47 -48.99 27.50
CA ALA B 27 -28.89 -49.62 26.31
C ALA B 27 -29.59 -49.17 25.05
N ALA B 28 -30.91 -49.14 25.08
CA ALA B 28 -31.68 -48.59 23.98
C ALA B 28 -31.83 -47.09 24.21
N ASP B 29 -32.36 -46.38 23.21
CA ASP B 29 -32.59 -44.94 23.33
C ASP B 29 -34.00 -44.68 23.81
N ILE B 30 -34.94 -45.45 23.28
CA ILE B 30 -36.29 -45.49 23.83
C ILE B 30 -36.90 -46.88 23.70
N SER B 31 -37.55 -47.33 24.77
CA SER B 31 -38.21 -48.62 24.75
C SER B 31 -39.64 -48.49 25.21
N LEU B 32 -40.51 -49.34 24.68
CA LEU B 32 -41.92 -49.32 25.01
C LEU B 32 -42.40 -50.73 25.31
N LEU B 33 -43.14 -50.88 26.41
CA LEU B 33 -43.83 -52.13 26.70
C LEU B 33 -45.29 -51.96 26.33
N VAL B 34 -45.64 -52.40 25.13
CA VAL B 34 -47.02 -52.33 24.68
C VAL B 34 -47.73 -53.65 25.00
N SER B 35 -48.93 -53.54 25.56
CA SER B 35 -49.68 -54.72 25.95
C SER B 35 -50.16 -55.50 24.73
N GLN B 36 -50.82 -56.62 24.98
CA GLN B 36 -51.32 -57.47 23.90
C GLN B 36 -52.43 -56.76 23.12
N GLU B 37 -53.07 -55.79 23.77
CA GLU B 37 -54.19 -55.07 23.17
C GLU B 37 -53.77 -53.82 22.38
N GLY B 38 -52.47 -53.51 22.40
CA GLY B 38 -51.95 -52.40 21.62
C GLY B 38 -51.85 -51.08 22.37
N VAL B 39 -52.00 -51.13 23.69
CA VAL B 39 -51.88 -49.93 24.51
C VAL B 39 -50.55 -49.90 25.26
N VAL B 40 -49.90 -48.74 25.29
CA VAL B 40 -48.60 -48.57 25.92
C VAL B 40 -48.69 -48.55 27.45
N ARG B 41 -48.07 -49.54 28.08
CA ARG B 41 -48.13 -49.64 29.54
C ARG B 41 -46.91 -48.99 30.19
N GLU B 42 -45.74 -49.21 29.60
CA GLU B 42 -44.49 -48.70 30.16
C GLU B 42 -43.66 -47.99 29.10
N VAL B 43 -43.14 -46.82 29.46
CA VAL B 43 -42.24 -46.06 28.58
C VAL B 43 -40.89 -45.90 29.27
N MET B 44 -39.85 -46.49 28.68
CA MET B 44 -38.51 -46.45 29.28
C MET B 44 -37.52 -45.63 28.45
N ALA B 45 -37.41 -44.34 28.75
CA ALA B 45 -36.51 -43.47 28.01
C ALA B 45 -35.12 -43.44 28.65
N ASN B 46 -34.14 -42.94 27.90
CA ASN B 46 -32.76 -42.94 28.35
C ASN B 46 -32.38 -41.71 29.18
N PRO B 47 -31.73 -41.93 30.33
CA PRO B 47 -31.19 -40.86 31.18
C PRO B 47 -30.02 -40.15 30.52
N HIS B 48 -29.43 -40.78 29.50
CA HIS B 48 -28.31 -40.19 28.79
C HIS B 48 -28.71 -39.62 27.43
N HIS B 49 -29.99 -39.78 27.08
CA HIS B 49 -30.50 -39.25 25.81
C HIS B 49 -31.09 -37.86 25.98
N PRO B 50 -30.71 -36.92 25.10
CA PRO B 50 -31.04 -35.49 25.17
C PRO B 50 -32.51 -35.16 25.43
N SER B 51 -32.74 -34.37 26.49
CA SER B 51 -34.05 -33.79 26.81
C SER B 51 -35.18 -34.81 26.93
N PHE B 52 -34.96 -35.86 27.72
CA PHE B 52 -35.98 -36.89 27.89
C PHE B 52 -36.53 -36.96 29.31
N GLY B 53 -37.66 -37.63 29.45
CA GLY B 53 -38.42 -37.62 30.69
C GLY B 53 -39.70 -36.86 30.45
N GLN B 54 -39.81 -36.30 29.25
CA GLN B 54 -41.02 -35.60 28.83
C GLN B 54 -41.87 -36.50 27.93
N LEU B 55 -41.65 -37.81 28.05
CA LEU B 55 -42.37 -38.78 27.24
C LEU B 55 -43.41 -39.49 28.10
N SER B 56 -43.70 -38.91 29.26
CA SER B 56 -44.60 -39.54 30.23
C SER B 56 -46.04 -39.63 29.73
N GLU B 57 -46.38 -38.78 28.76
CA GLU B 57 -47.74 -38.75 28.23
C GLU B 57 -48.15 -40.08 27.59
N TRP B 58 -47.21 -40.74 26.95
CA TRP B 58 -47.48 -41.97 26.21
C TRP B 58 -48.01 -43.11 27.08
N GLU B 59 -47.70 -43.08 28.37
CA GLU B 59 -48.13 -44.13 29.29
C GLU B 59 -49.65 -44.20 29.39
N GLY B 60 -50.20 -45.37 29.08
CA GLY B 60 -51.64 -45.56 29.13
C GLY B 60 -52.34 -45.29 27.81
N ARG B 61 -51.65 -44.64 26.88
CA ARG B 61 -52.23 -44.34 25.57
C ARG B 61 -52.04 -45.51 24.62
N PRO B 62 -52.96 -45.67 23.65
CA PRO B 62 -52.79 -46.71 22.63
C PRO B 62 -51.62 -46.38 21.72
N LEU B 63 -51.08 -47.39 21.05
CA LEU B 63 -49.86 -47.26 20.24
C LEU B 63 -50.07 -46.35 19.03
N GLU B 64 -51.31 -46.01 18.74
CA GLU B 64 -51.64 -45.24 17.55
C GLU B 64 -51.51 -43.74 17.78
N GLU B 65 -51.32 -43.35 19.04
CA GLU B 65 -51.11 -41.95 19.39
C GLU B 65 -49.63 -41.63 19.51
N VAL B 66 -48.79 -42.62 19.25
CA VAL B 66 -47.34 -42.45 19.36
C VAL B 66 -46.61 -42.81 18.07
N LEU B 67 -47.32 -43.45 17.14
CA LEU B 67 -46.75 -43.85 15.86
C LEU B 67 -47.60 -43.35 14.70
N THR B 68 -46.95 -43.00 13.59
CA THR B 68 -47.68 -42.66 12.37
C THR B 68 -48.48 -43.88 11.94
N ALA B 69 -49.54 -43.65 11.17
CA ALA B 69 -50.44 -44.72 10.75
C ALA B 69 -49.69 -45.88 10.09
N GLU B 70 -48.88 -45.54 9.09
CA GLU B 70 -48.08 -46.54 8.37
C GLU B 70 -47.20 -47.32 9.34
N SER B 71 -46.63 -46.61 10.31
CA SER B 71 -45.76 -47.24 11.29
C SER B 71 -46.54 -48.24 12.14
N VAL B 72 -47.75 -47.86 12.53
CA VAL B 72 -48.64 -48.78 13.22
C VAL B 72 -48.86 -50.03 12.37
N ALA B 73 -49.10 -49.82 11.07
CA ALA B 73 -49.32 -50.93 10.14
C ALA B 73 -48.13 -51.90 10.05
N LYS B 74 -46.93 -51.34 9.88
CA LYS B 74 -45.71 -52.14 9.84
C LYS B 74 -45.54 -52.91 11.14
N PHE B 75 -45.81 -52.23 12.26
CA PHE B 75 -45.78 -52.86 13.58
C PHE B 75 -46.69 -54.08 13.64
N ARG B 76 -47.94 -53.89 13.23
CA ARG B 76 -48.93 -54.97 13.20
C ARG B 76 -48.44 -56.13 12.34
N LEU B 77 -47.91 -55.82 11.16
CA LEU B 77 -47.48 -56.83 10.22
C LEU B 77 -46.28 -57.67 10.71
N ARG B 78 -45.29 -57.01 11.31
CA ARG B 78 -44.13 -57.74 11.83
C ARG B 78 -44.49 -58.53 13.08
N SER B 79 -45.48 -58.05 13.81
CA SER B 79 -45.88 -58.66 15.07
C SER B 79 -47.04 -59.65 14.90
N GLU B 80 -47.40 -59.92 13.65
CA GLU B 80 -48.52 -60.79 13.34
C GLU B 80 -48.24 -62.24 13.74
N GLY B 81 -47.01 -62.69 13.49
CA GLY B 81 -46.64 -64.06 13.78
C GLY B 81 -45.63 -64.18 14.90
N LEU B 82 -45.25 -63.04 15.48
CA LEU B 82 -44.24 -62.99 16.54
C LEU B 82 -44.67 -63.74 17.81
N GLU B 83 -44.12 -64.94 17.99
CA GLU B 83 -44.48 -65.78 19.13
C GLU B 83 -43.44 -65.66 20.24
N PRO B 84 -43.88 -65.84 21.50
CA PRO B 84 -42.98 -65.71 22.65
C PRO B 84 -41.88 -66.76 22.63
N GLY B 85 -40.70 -66.39 23.10
CA GLY B 85 -39.65 -67.36 23.37
C GLY B 85 -38.77 -67.74 22.20
N ARG B 86 -39.33 -67.78 21.00
CA ARG B 86 -38.56 -68.14 19.81
C ARG B 86 -38.52 -67.02 18.78
N GLY B 87 -37.48 -66.21 18.83
CA GLY B 87 -37.24 -65.20 17.81
C GLY B 87 -37.59 -63.78 18.22
N SER B 88 -36.96 -62.83 17.53
CA SER B 88 -37.30 -61.42 17.64
C SER B 88 -37.17 -60.80 16.25
N VAL B 89 -37.83 -59.67 16.02
CA VAL B 89 -37.77 -59.02 14.71
C VAL B 89 -37.49 -57.52 14.81
N ALA B 90 -36.80 -56.98 13.82
CA ALA B 90 -36.48 -55.56 13.80
C ALA B 90 -37.27 -54.81 12.73
N VAL B 91 -37.73 -53.61 13.05
CA VAL B 91 -38.50 -52.81 12.11
C VAL B 91 -38.38 -51.31 12.39
N GLU B 92 -38.23 -50.52 11.34
CA GLU B 92 -38.19 -49.07 11.47
C GLU B 92 -39.59 -48.48 11.54
N LEU B 93 -39.90 -47.82 12.65
CA LEU B 93 -41.18 -47.15 12.81
C LEU B 93 -40.96 -45.66 13.05
N ASN B 94 -41.95 -44.84 12.71
CA ASN B 94 -41.85 -43.41 12.94
C ASN B 94 -42.87 -42.90 13.95
N HIS B 95 -42.41 -42.03 14.85
CA HIS B 95 -43.28 -41.38 15.82
C HIS B 95 -44.00 -40.20 15.17
N ILE B 96 -45.21 -39.91 15.62
CA ILE B 96 -45.98 -38.78 15.10
C ILE B 96 -45.32 -37.45 15.44
N ASP B 97 -45.02 -37.27 16.73
CA ASP B 97 -44.41 -36.03 17.21
C ASP B 97 -42.94 -35.98 16.81
N PRO B 98 -42.57 -35.03 15.93
CA PRO B 98 -41.17 -34.85 15.55
C PRO B 98 -40.42 -34.15 16.68
N ARG B 99 -41.18 -33.59 17.61
CA ARG B 99 -40.62 -32.92 18.78
C ARG B 99 -40.08 -33.92 19.79
N SER B 100 -40.54 -35.17 19.70
CA SER B 100 -40.03 -36.25 20.52
C SER B 100 -38.92 -37.01 19.78
N PHE B 101 -39.25 -37.50 18.59
CA PHE B 101 -38.32 -38.27 17.76
C PHE B 101 -38.46 -37.93 16.27
N GLU B 102 -37.68 -36.95 15.82
CA GLU B 102 -37.72 -36.48 14.43
C GLU B 102 -37.33 -37.56 13.43
N PHE B 103 -36.42 -38.44 13.83
CA PHE B 103 -35.90 -39.48 12.95
C PHE B 103 -36.47 -40.86 13.29
N PRO B 104 -36.60 -41.73 12.29
CA PRO B 104 -37.12 -43.10 12.50
C PRO B 104 -36.31 -43.91 13.52
N ILE B 105 -37.00 -44.75 14.27
CA ILE B 105 -36.37 -45.60 15.28
C ILE B 105 -36.37 -47.07 14.85
N ARG B 106 -35.22 -47.73 14.95
CA ARG B 106 -35.15 -49.16 14.74
C ARG B 106 -35.61 -49.94 15.96
N TYR B 107 -36.85 -50.41 15.95
CA TYR B 107 -37.36 -51.19 17.08
C TYR B 107 -37.13 -52.68 16.91
N ILE B 108 -36.52 -53.31 17.91
CA ILE B 108 -36.39 -54.76 17.94
C ILE B 108 -37.47 -55.34 18.85
N LEU B 109 -38.35 -56.15 18.27
CA LEU B 109 -39.59 -56.57 18.93
C LEU B 109 -39.50 -57.96 19.57
N HIS B 110 -39.98 -58.05 20.81
CA HIS B 110 -40.07 -59.32 21.52
C HIS B 110 -41.49 -59.52 22.03
N ARG B 111 -42.03 -60.72 21.83
CA ARG B 111 -43.33 -61.07 22.40
C ARG B 111 -43.12 -61.70 23.76
N LEU B 112 -43.62 -61.06 24.81
CA LEU B 112 -43.38 -61.53 26.18
C LEU B 112 -44.23 -62.76 26.53
N PRO B 113 -43.66 -63.69 27.32
CA PRO B 113 -44.28 -65.00 27.59
C PRO B 113 -45.60 -64.94 28.37
N ALA B 114 -45.65 -64.10 29.40
CA ALA B 114 -46.78 -64.13 30.34
C ALA B 114 -48.08 -63.54 29.79
N ASP B 115 -48.06 -62.25 29.46
CA ASP B 115 -49.26 -61.55 29.02
C ASP B 115 -49.27 -61.29 27.51
N ARG B 116 -48.34 -61.93 26.80
CA ARG B 116 -48.19 -61.76 25.35
C ARG B 116 -48.10 -60.29 24.94
N SER B 117 -47.55 -59.47 25.82
CA SER B 117 -47.25 -58.08 25.49
C SER B 117 -45.99 -58.07 24.65
N ILE B 118 -45.76 -56.96 23.97
CA ILE B 118 -44.58 -56.84 23.12
C ILE B 118 -43.65 -55.76 23.64
N LEU B 119 -42.40 -56.15 23.89
CA LEU B 119 -41.39 -55.19 24.30
C LEU B 119 -40.64 -54.67 23.08
N MET B 120 -40.71 -53.36 22.84
CA MET B 120 -40.03 -52.75 21.71
C MET B 120 -38.77 -52.04 22.16
N LEU B 121 -37.61 -52.50 21.68
CA LEU B 121 -36.33 -51.89 22.01
C LEU B 121 -35.86 -51.04 20.85
N GLY B 122 -35.77 -49.74 21.04
CA GLY B 122 -35.49 -48.83 19.94
C GLY B 122 -34.11 -48.21 19.89
N ARG B 123 -33.61 -48.01 18.67
CA ARG B 123 -32.34 -47.34 18.43
C ARG B 123 -32.59 -46.10 17.58
N ASP B 124 -32.20 -44.94 18.11
CA ASP B 124 -32.44 -43.68 17.44
C ASP B 124 -31.41 -43.44 16.32
N LEU B 125 -31.90 -43.29 15.10
CA LEU B 125 -31.07 -43.06 13.92
C LEU B 125 -30.48 -41.66 13.94
N ARG B 126 -31.03 -40.81 14.80
CA ARG B 126 -30.68 -39.40 14.90
C ARG B 126 -29.20 -39.02 14.70
N PRO B 127 -28.26 -39.65 15.44
CA PRO B 127 -26.84 -39.31 15.28
C PRO B 127 -26.33 -39.48 13.85
N ILE B 128 -26.37 -40.72 13.37
CA ILE B 128 -25.93 -41.06 12.02
C ILE B 128 -26.63 -40.18 10.98
N ALA B 129 -27.94 -40.00 11.14
CA ALA B 129 -28.74 -39.22 10.20
C ALA B 129 -28.32 -37.76 10.14
N GLU B 130 -28.03 -37.17 11.30
CA GLU B 130 -27.69 -35.75 11.32
C GLU B 130 -26.28 -35.49 10.79
N VAL B 131 -25.37 -36.43 11.09
CA VAL B 131 -24.01 -36.31 10.54
C VAL B 131 -24.02 -36.49 9.01
N GLN B 132 -24.72 -37.52 8.53
CA GLN B 132 -24.84 -37.78 7.10
C GLN B 132 -25.56 -36.66 6.35
N GLN B 133 -26.56 -36.07 6.99
CA GLN B 133 -27.25 -34.90 6.43
C GLN B 133 -26.32 -33.71 6.35
N GLN B 134 -25.46 -33.56 7.36
CA GLN B 134 -24.43 -32.54 7.34
C GLN B 134 -23.49 -32.75 6.15
N LEU B 135 -23.16 -34.01 5.87
CA LEU B 135 -22.35 -34.34 4.70
C LEU B 135 -23.05 -33.98 3.39
N VAL B 136 -24.35 -34.25 3.31
CA VAL B 136 -25.14 -33.93 2.12
C VAL B 136 -25.14 -32.42 1.89
N ALA B 137 -25.39 -31.68 2.97
CA ALA B 137 -25.32 -30.23 2.97
C ALA B 137 -23.99 -29.74 2.41
N ALA B 138 -22.91 -30.29 2.96
CA ALA B 138 -21.55 -29.94 2.53
C ALA B 138 -21.37 -30.16 1.04
N GLN B 139 -21.82 -31.31 0.55
CA GLN B 139 -21.66 -31.65 -0.86
C GLN B 139 -22.41 -30.66 -1.77
N LEU B 140 -23.62 -30.29 -1.38
CA LEU B 140 -24.38 -29.30 -2.15
C LEU B 140 -23.70 -27.92 -2.14
N ALA B 141 -23.19 -27.51 -0.98
CA ALA B 141 -22.43 -26.28 -0.86
C ALA B 141 -21.22 -26.29 -1.81
N MET B 142 -20.47 -27.39 -1.80
CA MET B 142 -19.34 -27.56 -2.72
C MET B 142 -19.79 -27.42 -4.18
N GLU B 143 -20.96 -27.99 -4.50
CA GLU B 143 -21.52 -27.86 -5.84
C GLU B 143 -21.65 -26.40 -6.25
N ARG B 144 -22.43 -25.64 -5.48
CA ARG B 144 -22.62 -24.23 -5.80
C ARG B 144 -21.30 -23.45 -5.81
N ASP B 145 -20.36 -23.87 -4.95
CA ASP B 145 -19.02 -23.28 -4.90
C ASP B 145 -18.26 -23.42 -6.22
N TYR B 146 -18.15 -24.65 -6.73
CA TYR B 146 -17.46 -24.84 -8.00
C TYR B 146 -18.19 -24.18 -9.17
N GLU B 147 -19.52 -24.19 -9.13
CA GLU B 147 -20.29 -23.52 -10.18
C GLU B 147 -20.00 -22.01 -10.24
N THR B 148 -20.05 -21.35 -9.09
CA THR B 148 -19.75 -19.91 -9.03
C THR B 148 -18.29 -19.63 -9.43
N GLN B 149 -17.39 -20.49 -8.99
CA GLN B 149 -15.99 -20.38 -9.36
C GLN B 149 -15.80 -20.41 -10.88
N ARG B 150 -16.47 -21.36 -11.54
CA ARG B 150 -16.42 -21.46 -13.00
C ARG B 150 -17.07 -20.26 -13.69
N GLU B 151 -18.13 -19.73 -13.07
CA GLU B 151 -18.78 -18.53 -13.60
C GLU B 151 -17.82 -17.35 -13.65
N MET B 152 -17.23 -17.05 -12.50
CA MET B 152 -16.31 -15.92 -12.41
C MET B 152 -15.08 -16.14 -13.29
N GLU B 153 -14.64 -17.40 -13.39
CA GLU B 153 -13.52 -17.74 -14.27
C GLU B 153 -13.86 -17.33 -15.70
N THR B 154 -15.00 -17.81 -16.19
CA THR B 154 -15.44 -17.46 -17.54
C THR B 154 -15.51 -15.95 -17.74
N ARG B 155 -16.12 -15.24 -16.79
CA ARG B 155 -16.21 -13.79 -16.86
C ARG B 155 -14.85 -13.09 -17.02
N TYR B 156 -13.91 -13.39 -16.12
CA TYR B 156 -12.56 -12.85 -16.19
C TYR B 156 -11.89 -13.15 -17.52
N ARG B 157 -12.08 -14.38 -17.99
CA ARG B 157 -11.56 -14.78 -19.29
C ARG B 157 -12.08 -13.88 -20.42
N VAL B 158 -13.39 -13.88 -20.62
CA VAL B 158 -14.02 -13.06 -21.66
C VAL B 158 -13.61 -11.59 -21.59
N VAL B 159 -13.64 -11.02 -20.39
CA VAL B 159 -13.28 -9.62 -20.24
C VAL B 159 -11.83 -9.35 -20.62
N LEU B 160 -10.92 -10.20 -20.18
CA LEU B 160 -9.50 -10.05 -20.53
C LEU B 160 -9.21 -10.22 -22.03
N ASP B 161 -9.82 -11.22 -22.66
CA ASP B 161 -9.57 -11.52 -24.07
C ASP B 161 -10.20 -10.49 -25.01
N VAL B 162 -11.46 -10.14 -24.75
CA VAL B 162 -12.20 -9.16 -25.56
C VAL B 162 -11.61 -7.74 -25.48
N SER B 163 -11.04 -7.41 -24.33
CA SER B 163 -10.53 -6.06 -24.07
C SER B 163 -9.44 -5.63 -25.06
N ARG B 164 -9.60 -4.43 -25.60
CA ARG B 164 -8.64 -3.89 -26.55
C ARG B 164 -7.44 -3.26 -25.86
N ASP B 165 -7.42 -3.30 -24.53
CA ASP B 165 -6.34 -2.73 -23.75
C ASP B 165 -5.30 -3.81 -23.43
N PRO B 166 -4.09 -3.69 -23.98
CA PRO B 166 -3.02 -4.66 -23.76
C PRO B 166 -2.64 -4.84 -22.29
N MET B 167 -2.97 -6.00 -21.72
CA MET B 167 -2.67 -6.29 -20.32
C MET B 167 -1.90 -7.60 -20.15
N VAL B 168 -1.03 -7.66 -19.15
CA VAL B 168 -0.26 -8.85 -18.83
C VAL B 168 -0.25 -9.04 -17.32
N LEU B 169 -0.48 -10.27 -16.87
CA LEU B 169 -0.47 -10.58 -15.44
C LEU B 169 0.77 -11.35 -15.04
N VAL B 170 1.57 -10.74 -14.17
CA VAL B 170 2.83 -11.33 -13.77
C VAL B 170 2.81 -11.76 -12.30
N SER B 171 3.32 -12.96 -12.04
CA SER B 171 3.44 -13.43 -10.67
C SER B 171 4.50 -12.64 -9.90
N MET B 172 4.10 -12.07 -8.77
CA MET B 172 5.02 -11.30 -7.94
C MET B 172 6.09 -12.16 -7.29
N SER B 173 5.93 -13.47 -7.33
CA SER B 173 6.88 -14.37 -6.69
C SER B 173 7.89 -14.92 -7.68
N THR B 174 7.47 -15.08 -8.93
CA THR B 174 8.29 -15.71 -9.94
C THR B 174 8.79 -14.72 -10.98
N GLY B 175 7.96 -13.73 -11.29
CA GLY B 175 8.29 -12.75 -12.30
C GLY B 175 7.95 -13.28 -13.68
N ARG B 176 7.12 -14.30 -13.70
CA ARG B 176 6.72 -14.92 -14.96
C ARG B 176 5.28 -14.59 -15.28
N ILE B 177 4.97 -14.46 -16.57
CA ILE B 177 3.63 -14.16 -17.03
C ILE B 177 2.66 -15.30 -16.72
N VAL B 178 1.56 -14.99 -16.03
CA VAL B 178 0.55 -16.00 -15.73
C VAL B 178 -0.64 -15.87 -16.67
N ASP B 179 -0.81 -14.69 -17.27
CA ASP B 179 -1.83 -14.49 -18.29
C ASP B 179 -1.63 -13.19 -19.04
N LEU B 180 -2.33 -13.08 -20.17
CA LEU B 180 -2.31 -11.89 -21.00
C LEU B 180 -3.43 -12.00 -22.04
N ASN B 181 -3.66 -10.94 -22.80
CA ASN B 181 -4.63 -10.97 -23.89
C ASN B 181 -3.93 -10.86 -25.23
N SER B 182 -4.69 -11.03 -26.31
CA SER B 182 -4.09 -11.06 -27.64
C SER B 182 -3.44 -9.74 -28.03
N ALA B 183 -3.89 -8.64 -27.41
CA ALA B 183 -3.34 -7.32 -27.71
C ALA B 183 -1.92 -7.18 -27.15
N ALA B 184 -1.74 -7.60 -25.90
CA ALA B 184 -0.42 -7.62 -25.28
C ALA B 184 0.53 -8.50 -26.07
N GLY B 185 0.02 -9.65 -26.52
CA GLY B 185 0.81 -10.57 -27.33
C GLY B 185 1.23 -9.94 -28.64
N LEU B 186 0.32 -9.23 -29.28
CA LEU B 186 0.62 -8.49 -30.50
C LEU B 186 1.73 -7.47 -30.26
N LEU B 187 1.64 -6.72 -29.18
CA LEU B 187 2.66 -5.73 -28.89
C LEU B 187 4.02 -6.37 -28.55
N LEU B 188 3.98 -7.55 -27.93
CA LEU B 188 5.20 -8.22 -27.48
C LEU B 188 5.86 -9.07 -28.57
N GLY B 189 5.06 -9.52 -29.54
CA GLY B 189 5.58 -10.30 -30.64
C GLY B 189 5.51 -11.80 -30.44
N GLY B 190 4.52 -12.25 -29.68
CA GLY B 190 4.33 -13.68 -29.47
C GLY B 190 2.87 -14.03 -29.21
N VAL B 191 2.42 -15.14 -29.78
CA VAL B 191 1.06 -15.61 -29.56
C VAL B 191 0.92 -16.06 -28.10
N ARG B 192 -0.27 -15.85 -27.53
CA ARG B 192 -0.55 -16.08 -26.12
C ARG B 192 0.11 -17.32 -25.48
N GLN B 193 0.13 -18.43 -26.21
CA GLN B 193 0.74 -19.66 -25.71
C GLN B 193 2.24 -19.53 -25.41
N ASP B 194 2.95 -18.74 -26.23
CA ASP B 194 4.41 -18.65 -26.15
C ASP B 194 4.92 -17.78 -25.01
N LEU B 195 4.09 -16.83 -24.57
CA LEU B 195 4.48 -15.88 -23.53
C LEU B 195 4.03 -16.34 -22.14
N LEU B 196 3.07 -17.25 -22.08
CA LEU B 196 2.65 -17.83 -20.82
C LEU B 196 3.83 -18.56 -20.17
N GLY B 197 4.19 -18.14 -18.97
CA GLY B 197 5.29 -18.76 -18.26
C GLY B 197 6.62 -18.09 -18.50
N ALA B 198 6.69 -17.23 -19.52
CA ALA B 198 7.92 -16.50 -19.81
C ALA B 198 8.15 -15.38 -18.81
N ALA B 199 9.31 -15.40 -18.16
CA ALA B 199 9.72 -14.37 -17.20
C ALA B 199 9.65 -13.00 -17.85
N ILE B 200 8.78 -12.13 -17.35
CA ILE B 200 8.45 -10.89 -18.05
C ILE B 200 9.69 -10.02 -18.30
N ALA B 201 10.59 -9.98 -17.33
CA ALA B 201 11.76 -9.10 -17.40
C ALA B 201 12.68 -9.47 -18.56
N GLN B 202 12.64 -10.74 -18.94
CA GLN B 202 13.52 -11.23 -20.00
C GLN B 202 12.95 -10.95 -21.40
N GLU B 203 11.70 -10.52 -21.45
CA GLU B 203 11.08 -10.13 -22.72
C GLU B 203 11.52 -8.72 -23.11
N PHE B 204 12.25 -8.05 -22.22
CA PHE B 204 12.73 -6.70 -22.48
C PHE B 204 14.24 -6.64 -22.42
N GLU B 205 14.86 -6.19 -23.52
CA GLU B 205 16.32 -6.10 -23.63
C GLU B 205 16.95 -5.29 -22.51
N GLY B 206 18.02 -5.83 -21.92
CA GLY B 206 18.81 -5.12 -20.93
C GLY B 206 18.28 -5.15 -19.51
N ARG B 207 17.10 -5.73 -19.33
CA ARG B 207 16.44 -5.79 -18.02
C ARG B 207 16.70 -7.11 -17.29
N ARG B 208 16.59 -7.08 -15.97
CA ARG B 208 16.77 -8.27 -15.12
C ARG B 208 15.56 -8.43 -14.19
N ARG B 209 15.31 -9.66 -13.74
CA ARG B 209 14.16 -9.96 -12.90
C ARG B 209 14.03 -9.06 -11.69
N GLY B 210 15.04 -9.11 -10.81
CA GLY B 210 15.02 -8.36 -9.58
C GLY B 210 14.75 -6.89 -9.78
N GLU B 211 15.64 -6.21 -10.49
CA GLU B 211 15.51 -4.77 -10.68
C GLU B 211 14.26 -4.34 -11.47
N PHE B 212 13.83 -5.15 -12.44
CA PHE B 212 12.66 -4.79 -13.22
C PHE B 212 11.41 -4.90 -12.38
N MET B 213 11.32 -5.97 -11.59
CA MET B 213 10.20 -6.14 -10.69
C MET B 213 10.19 -5.05 -9.63
N GLU B 214 11.37 -4.64 -9.17
CA GLU B 214 11.44 -3.54 -8.21
C GLU B 214 10.96 -2.23 -8.82
N THR B 215 11.33 -2.00 -10.09
CA THR B 215 10.86 -0.82 -10.82
C THR B 215 9.34 -0.81 -10.97
N MET B 216 8.79 -1.93 -11.46
CA MET B 216 7.35 -2.10 -11.60
C MET B 216 6.59 -1.88 -10.28
N THR B 217 7.07 -2.52 -9.22
CA THR B 217 6.40 -2.53 -7.93
C THR B 217 6.42 -1.15 -7.28
N ASN B 218 7.59 -0.53 -7.27
CA ASN B 218 7.69 0.83 -6.75
C ASN B 218 6.84 1.81 -7.55
N LEU B 219 6.83 1.65 -8.86
CA LEU B 219 5.99 2.49 -9.70
C LEU B 219 4.53 2.31 -9.35
N ALA B 220 4.11 1.07 -9.09
CA ALA B 220 2.72 0.80 -8.73
C ALA B 220 2.36 1.47 -7.41
N ALA B 221 3.25 1.35 -6.42
CA ALA B 221 3.03 1.98 -5.13
C ALA B 221 2.89 3.50 -5.24
N THR B 222 3.78 4.10 -6.02
CA THR B 222 3.73 5.52 -6.32
C THR B 222 2.41 5.93 -6.99
N GLU B 223 1.92 5.04 -7.85
CA GLU B 223 0.73 5.28 -8.68
C GLU B 223 0.97 6.38 -9.71
N SER B 224 2.24 6.62 -10.03
CA SER B 224 2.62 7.48 -11.14
C SER B 224 2.13 6.89 -12.45
N ALA B 225 1.70 7.75 -13.38
CA ALA B 225 1.30 7.31 -14.71
C ALA B 225 2.46 7.47 -15.69
N ALA B 226 3.64 7.80 -15.17
CA ALA B 226 4.85 7.87 -15.98
C ALA B 226 5.31 6.46 -16.30
N PRO B 227 5.18 6.05 -17.57
CA PRO B 227 5.42 4.67 -17.95
C PRO B 227 6.91 4.34 -18.02
N VAL B 228 7.23 3.06 -17.87
CA VAL B 228 8.59 2.58 -18.06
C VAL B 228 8.82 2.25 -19.53
N GLU B 229 9.83 2.85 -20.14
CA GLU B 229 10.15 2.56 -21.53
C GLU B 229 10.92 1.24 -21.63
N VAL B 230 10.43 0.35 -22.49
CA VAL B 230 11.03 -0.96 -22.67
C VAL B 230 11.08 -1.29 -24.15
N LEU B 231 11.93 -2.25 -24.50
CA LEU B 231 11.98 -2.76 -25.87
C LEU B 231 11.71 -4.26 -25.84
N ALA B 232 10.63 -4.68 -26.53
CA ALA B 232 10.27 -6.09 -26.59
C ALA B 232 11.24 -6.87 -27.47
N ARG B 233 11.86 -7.91 -26.91
CA ARG B 233 12.88 -8.70 -27.61
C ARG B 233 12.37 -9.30 -28.93
N ARG B 234 11.21 -9.93 -28.87
CA ARG B 234 10.63 -10.59 -30.04
C ARG B 234 10.12 -9.57 -31.05
N SER B 235 9.46 -8.54 -30.55
CA SER B 235 8.78 -7.57 -31.40
C SER B 235 9.71 -6.48 -31.95
N GLN B 236 10.76 -6.17 -31.19
CA GLN B 236 11.60 -4.99 -31.44
C GLN B 236 10.78 -3.71 -31.45
N LYS B 237 9.73 -3.69 -30.63
CA LYS B 237 8.88 -2.52 -30.48
C LYS B 237 9.18 -1.79 -29.18
N ARG B 238 9.37 -0.48 -29.28
CA ARG B 238 9.44 0.34 -28.09
C ARG B 238 8.05 0.32 -27.47
N LEU B 239 7.98 -0.11 -26.22
CA LEU B 239 6.71 -0.22 -25.54
C LEU B 239 6.75 0.57 -24.24
N LEU B 240 5.59 0.97 -23.76
CA LEU B 240 5.48 1.64 -22.48
C LEU B 240 4.70 0.75 -21.52
N VAL B 241 5.21 0.61 -20.29
CA VAL B 241 4.59 -0.27 -19.33
C VAL B 241 4.12 0.50 -18.10
N VAL B 242 2.84 0.33 -17.76
CA VAL B 242 2.26 0.97 -16.60
C VAL B 242 1.75 -0.09 -15.63
N PRO B 243 2.35 -0.16 -14.43
CA PRO B 243 2.12 -1.23 -13.45
C PRO B 243 1.05 -0.90 -12.39
N ARG B 244 0.41 -1.96 -11.90
CA ARG B 244 -0.52 -1.90 -10.78
C ARG B 244 -0.45 -3.21 -10.03
N VAL B 245 -0.38 -3.11 -8.71
CA VAL B 245 -0.33 -4.30 -7.86
C VAL B 245 -1.66 -4.51 -7.12
N PHE B 246 -2.14 -5.75 -7.10
CA PHE B 246 -3.37 -6.06 -6.38
C PHE B 246 -3.28 -7.39 -5.68
N ARG B 247 -4.01 -7.52 -4.59
CA ARG B 247 -4.02 -8.75 -3.81
C ARG B 247 -5.26 -9.56 -4.14
N ALA B 248 -5.05 -10.72 -4.75
CA ALA B 248 -6.14 -11.64 -5.06
C ALA B 248 -6.02 -12.86 -4.16
N ALA B 249 -7.06 -13.10 -3.37
CA ALA B 249 -7.11 -14.25 -2.47
C ALA B 249 -5.90 -14.36 -1.57
N GLY B 250 -5.37 -13.21 -1.15
CA GLY B 250 -4.30 -13.16 -0.17
C GLY B 250 -2.91 -13.14 -0.78
N GLU B 251 -2.84 -13.35 -2.10
CA GLU B 251 -1.58 -13.31 -2.83
C GLU B 251 -1.55 -12.08 -3.73
N ARG B 252 -0.38 -11.49 -3.92
CA ARG B 252 -0.26 -10.30 -4.76
C ARG B 252 0.07 -10.63 -6.22
N LEU B 253 -0.59 -9.92 -7.13
CA LEU B 253 -0.36 -10.05 -8.56
C LEU B 253 0.00 -8.70 -9.19
N LEU B 254 0.70 -8.75 -10.33
CA LEU B 254 1.13 -7.55 -11.03
C LEU B 254 0.47 -7.44 -12.40
N LEU B 255 -0.30 -6.39 -12.61
CA LEU B 255 -0.97 -6.17 -13.89
C LEU B 255 -0.28 -5.02 -14.61
N CYS B 256 0.23 -5.30 -15.81
CA CYS B 256 0.87 -4.28 -16.63
C CYS B 256 -0.05 -3.86 -17.76
N GLN B 257 -0.13 -2.56 -18.01
CA GLN B 257 -0.78 -2.08 -19.21
C GLN B 257 0.32 -1.70 -20.17
N ILE B 258 0.21 -2.15 -21.41
CA ILE B 258 1.25 -1.86 -22.38
C ILE B 258 0.75 -1.01 -23.54
N ASP B 259 1.48 0.04 -23.83
CA ASP B 259 1.25 0.81 -25.04
C ASP B 259 2.54 0.83 -25.84
N PRO B 260 2.43 1.00 -27.16
CA PRO B 260 3.65 1.25 -27.91
C PRO B 260 3.98 2.74 -27.84
N ALA B 261 5.27 3.07 -27.83
CA ALA B 261 5.69 4.47 -27.90
C ALA B 261 5.35 5.05 -29.27
N ASP B 262 5.94 6.20 -29.59
CA ASP B 262 5.68 6.91 -30.86
C ASP B 262 4.21 6.92 -31.30
N ALA B 263 3.31 6.95 -30.33
CA ALA B 263 1.89 6.90 -30.60
C ALA B 263 1.11 7.27 -29.34
N GLY B 268 -3.49 17.55 -31.29
CA GLY B 268 -3.61 18.73 -30.46
C GLY B 268 -3.70 18.39 -28.98
N ASP B 269 -4.18 19.35 -28.19
CA ASP B 269 -4.32 19.19 -26.74
C ASP B 269 -3.03 18.75 -26.06
N GLU B 270 -1.96 19.51 -26.31
CA GLU B 270 -0.68 19.23 -25.69
C GLU B 270 -0.68 19.68 -24.22
N LEU B 271 -1.54 20.64 -23.90
CA LEU B 271 -1.59 21.21 -22.57
C LEU B 271 -1.89 20.21 -21.46
N SER B 272 -2.95 19.41 -21.62
CA SER B 272 -3.30 18.41 -20.62
C SER B 272 -2.19 17.39 -20.45
N GLU B 273 -1.63 16.96 -21.58
CA GLU B 273 -0.50 16.03 -21.58
C GLU B 273 0.64 16.55 -20.73
N ASN B 274 1.09 17.75 -21.06
CA ASN B 274 2.21 18.37 -20.38
C ASN B 274 1.92 18.67 -18.91
N LEU B 275 0.67 18.93 -18.58
CA LEU B 275 0.24 19.08 -17.19
C LEU B 275 0.37 17.78 -16.39
N ALA B 276 -0.19 16.71 -16.93
CA ALA B 276 -0.04 15.39 -16.31
C ALA B 276 1.43 15.05 -16.11
N ARG B 277 2.24 15.33 -17.13
CA ARG B 277 3.67 15.08 -17.07
C ARG B 277 4.33 15.91 -15.95
N LEU B 278 3.88 17.15 -15.79
CA LEU B 278 4.36 18.00 -14.72
C LEU B 278 4.07 17.35 -13.37
N TYR B 279 2.88 16.76 -13.27
CA TYR B 279 2.46 16.12 -12.03
C TYR B 279 3.33 14.90 -11.69
N HIS B 280 3.33 13.91 -12.57
CA HIS B 280 3.99 12.64 -12.27
C HIS B 280 5.51 12.74 -12.30
N GLU B 281 6.05 13.71 -13.03
CA GLU B 281 7.49 13.79 -13.21
C GLU B 281 8.13 15.02 -12.55
N GLY B 282 7.30 15.94 -12.11
CA GLY B 282 7.78 17.21 -11.59
C GLY B 282 8.44 17.12 -10.24
N VAL B 283 9.44 17.98 -10.04
CA VAL B 283 10.23 18.02 -8.81
C VAL B 283 9.45 18.60 -7.63
N ASP B 284 8.49 19.48 -7.91
CA ASP B 284 7.64 20.00 -6.85
C ASP B 284 6.57 18.96 -6.50
N GLY B 285 6.28 18.83 -5.21
CA GLY B 285 5.21 17.96 -4.77
C GLY B 285 3.88 18.64 -4.96
N ILE B 286 2.89 17.88 -5.42
CA ILE B 286 1.53 18.40 -5.53
C ILE B 286 0.56 17.49 -4.79
N VAL B 287 -0.33 18.09 -4.00
CA VAL B 287 -1.29 17.34 -3.19
C VAL B 287 -2.70 17.86 -3.39
N PHE B 288 -3.59 16.99 -3.86
CA PHE B 288 -5.01 17.33 -3.90
C PHE B 288 -5.68 16.83 -2.62
N SER B 289 -6.64 17.58 -2.13
CA SER B 289 -7.26 17.25 -0.86
C SER B 289 -8.66 17.84 -0.69
N ASP B 290 -9.50 17.15 0.09
CA ASP B 290 -10.80 17.68 0.45
C ASP B 290 -10.62 18.96 1.26
N ALA B 291 -11.70 19.72 1.42
CA ALA B 291 -11.66 21.01 2.11
C ALA B 291 -11.18 20.91 3.56
N ASP B 292 -11.03 19.70 4.08
CA ASP B 292 -10.58 19.51 5.46
C ASP B 292 -9.16 18.96 5.53
N GLY B 293 -8.45 19.00 4.40
CA GLY B 293 -7.07 18.55 4.35
C GLY B 293 -6.88 17.09 4.05
N THR B 294 -7.98 16.33 3.96
CA THR B 294 -7.91 14.90 3.67
C THR B 294 -7.30 14.63 2.30
N ILE B 295 -6.12 14.03 2.28
CA ILE B 295 -5.42 13.80 1.03
C ILE B 295 -6.22 12.90 0.09
N ARG B 296 -6.54 13.42 -1.08
CA ARG B 296 -7.23 12.63 -2.11
C ARG B 296 -6.22 12.00 -3.06
N GLY B 297 -5.16 12.73 -3.38
CA GLY B 297 -4.09 12.22 -4.22
C GLY B 297 -2.82 13.04 -4.11
N ALA B 298 -1.72 12.50 -4.62
CA ALA B 298 -0.44 13.19 -4.55
C ALA B 298 0.53 12.58 -5.55
N ASN B 299 1.49 13.39 -6.00
CA ASN B 299 2.44 12.94 -7.00
C ASN B 299 3.65 12.23 -6.40
N GLU B 300 4.48 11.64 -7.25
CA GLU B 300 5.66 10.93 -6.76
C GLU B 300 6.58 11.84 -5.92
N ALA B 301 6.60 13.13 -6.22
CA ALA B 301 7.49 14.05 -5.52
C ALA B 301 7.10 14.20 -4.05
N PHE B 302 5.81 14.39 -3.78
CA PHE B 302 5.36 14.50 -2.41
C PHE B 302 5.64 13.22 -1.61
N LEU B 303 5.48 12.07 -2.28
CA LEU B 303 5.78 10.79 -1.66
C LEU B 303 7.25 10.66 -1.32
N ASN B 304 8.13 11.00 -2.26
CA ASN B 304 9.57 10.90 -2.02
C ASN B 304 9.98 11.86 -0.92
N MET B 305 9.42 13.06 -0.98
CA MET B 305 9.69 14.12 -0.02
C MET B 305 9.39 13.64 1.39
N THR B 306 8.19 13.07 1.56
CA THR B 306 7.74 12.61 2.87
C THR B 306 8.25 11.21 3.25
N ASP B 307 9.05 10.62 2.37
CA ASP B 307 9.52 9.24 2.55
C ASP B 307 8.37 8.25 2.72
N SER B 308 7.24 8.58 2.09
CA SER B 308 6.04 7.76 2.17
C SER B 308 6.18 6.48 1.35
N SER B 309 5.73 5.36 1.91
CA SER B 309 5.82 4.06 1.28
C SER B 309 5.07 3.99 -0.05
N SER B 310 3.94 4.68 -0.12
CA SER B 310 3.06 4.60 -1.27
C SER B 310 1.97 5.67 -1.21
N LEU B 311 1.37 5.97 -2.35
CA LEU B 311 0.27 6.91 -2.38
C LEU B 311 -0.89 6.43 -1.52
N ALA B 312 -1.18 5.14 -1.59
CA ALA B 312 -2.31 4.56 -0.88
C ALA B 312 -2.14 4.68 0.63
N ALA B 313 -0.88 4.74 1.06
CA ALA B 313 -0.56 4.79 2.48
C ALA B 313 -0.98 6.11 3.09
N ILE B 314 -0.95 7.16 2.28
CA ILE B 314 -1.25 8.50 2.76
C ILE B 314 -2.66 8.90 2.37
N ARG B 315 -3.14 8.32 1.28
CA ARG B 315 -4.48 8.65 0.77
C ARG B 315 -5.53 8.37 1.84
N GLY B 316 -6.30 9.38 2.19
CA GLY B 316 -7.33 9.25 3.20
C GLY B 316 -6.93 9.86 4.53
N ARG B 317 -5.63 10.09 4.71
CA ARG B 317 -5.12 10.75 5.91
C ARG B 317 -5.18 12.28 5.78
N SER B 318 -5.07 12.97 6.91
CA SER B 318 -5.00 14.43 6.92
C SER B 318 -3.61 14.93 6.59
N ILE B 319 -3.54 15.98 5.78
CA ILE B 319 -2.27 16.57 5.39
C ILE B 319 -1.49 17.07 6.61
N ALA B 320 -2.22 17.30 7.70
CA ALA B 320 -1.61 17.73 8.97
C ALA B 320 -0.63 16.70 9.52
N ASP B 321 -0.79 15.44 9.16
CA ASP B 321 0.08 14.37 9.65
C ASP B 321 1.49 14.52 9.13
N PHE B 322 1.66 15.37 8.12
CA PHE B 322 2.96 15.57 7.50
C PHE B 322 3.48 16.98 7.68
N LEU B 323 2.71 17.83 8.35
CA LEU B 323 3.15 19.18 8.66
C LEU B 323 3.63 19.27 10.10
N ALA B 324 4.73 20.00 10.30
CA ALA B 324 5.43 20.04 11.59
C ALA B 324 4.62 20.65 12.71
N ARG B 325 3.85 21.68 12.40
CA ARG B 325 3.07 22.38 13.43
C ARG B 325 1.76 21.64 13.71
N GLY B 326 1.43 20.67 12.87
CA GLY B 326 0.23 19.88 13.03
C GLY B 326 -1.04 20.67 12.80
N SER B 327 -1.82 20.86 13.86
CA SER B 327 -3.09 21.58 13.78
C SER B 327 -2.94 23.03 13.34
N VAL B 328 -1.86 23.67 13.77
CA VAL B 328 -1.65 25.08 13.49
C VAL B 328 -1.53 25.34 11.99
N ASP B 329 -0.74 24.51 11.32
CA ASP B 329 -0.53 24.61 9.89
C ASP B 329 -1.84 24.40 9.14
N LEU B 330 -2.57 23.35 9.50
CA LEU B 330 -3.85 23.07 8.88
C LEU B 330 -4.83 24.24 9.06
N ARG B 331 -4.84 24.81 10.27
CA ARG B 331 -5.67 25.98 10.55
C ARG B 331 -5.33 27.14 9.63
N VAL B 332 -4.04 27.38 9.43
CA VAL B 332 -3.61 28.46 8.55
C VAL B 332 -4.03 28.22 7.10
N LEU B 333 -3.72 27.04 6.58
CA LEU B 333 -4.09 26.67 5.23
C LEU B 333 -5.58 26.89 5.03
N ILE B 334 -6.39 26.29 5.89
CA ILE B 334 -7.82 26.38 5.77
C ILE B 334 -8.36 27.82 5.86
N ASP B 335 -7.87 28.59 6.83
CA ASP B 335 -8.33 29.98 7.00
C ASP B 335 -8.01 30.86 5.78
N SER B 336 -6.77 30.79 5.32
CA SER B 336 -6.35 31.55 4.15
C SER B 336 -7.12 31.13 2.89
N VAL B 337 -7.03 29.86 2.55
CA VAL B 337 -7.70 29.33 1.36
C VAL B 337 -9.23 29.51 1.38
N ARG B 338 -9.82 29.55 2.57
CA ARG B 338 -11.26 29.79 2.66
C ARG B 338 -11.58 31.29 2.66
N ARG B 339 -10.57 32.11 2.92
CA ARG B 339 -10.78 33.56 2.89
C ARG B 339 -10.58 34.16 1.50
N THR B 340 -9.38 34.01 0.95
CA THR B 340 -9.03 34.64 -0.33
C THR B 340 -9.04 33.67 -1.50
N GLY B 341 -9.23 32.38 -1.21
CA GLY B 341 -9.20 31.37 -2.24
C GLY B 341 -7.77 30.94 -2.56
N GLN B 342 -6.81 31.67 -1.98
CA GLN B 342 -5.40 31.45 -2.27
C GLN B 342 -4.50 31.69 -1.06
N LEU B 343 -3.51 30.81 -0.90
CA LEU B 343 -2.42 31.03 0.02
C LEU B 343 -1.14 31.07 -0.81
N ARG B 344 -0.44 32.20 -0.79
CA ARG B 344 0.67 32.39 -1.71
C ARG B 344 1.93 31.61 -1.32
N LEU B 345 2.53 31.97 -0.19
CA LEU B 345 3.76 31.32 0.26
C LEU B 345 3.70 31.10 1.76
N TYR B 346 3.77 29.85 2.18
CA TYR B 346 3.73 29.51 3.60
C TYR B 346 4.89 28.59 3.93
N ALA B 347 5.58 28.90 5.02
CA ALA B 347 6.79 28.17 5.39
C ALA B 347 6.54 27.33 6.63
N THR B 348 6.98 26.08 6.55
CA THR B 348 6.80 25.15 7.64
C THR B 348 7.73 23.98 7.37
N ARG B 349 7.58 22.89 8.12
CA ARG B 349 8.38 21.70 7.89
C ARG B 349 7.53 20.48 7.60
N LEU B 350 7.98 19.66 6.65
CA LEU B 350 7.34 18.38 6.36
C LEU B 350 7.91 17.30 7.27
N THR B 351 7.06 16.44 7.79
CA THR B 351 7.54 15.36 8.65
C THR B 351 7.29 13.99 8.03
N THR B 352 8.30 13.14 8.08
CA THR B 352 8.17 11.77 7.63
C THR B 352 7.65 10.95 8.80
N ASP B 353 7.22 9.72 8.52
CA ASP B 353 6.72 8.82 9.57
C ASP B 353 7.85 8.16 10.37
N PHE B 354 9.07 8.65 10.17
CA PHE B 354 10.19 8.27 11.03
C PHE B 354 10.79 9.51 11.68
N ALA B 355 9.94 10.48 11.97
CA ALA B 355 10.31 11.70 12.69
C ALA B 355 11.37 12.55 11.98
N GLY B 356 11.42 12.46 10.67
CA GLY B 356 12.28 13.34 9.90
C GLY B 356 11.63 14.69 9.72
N GLN B 357 12.41 15.69 9.35
CA GLN B 357 11.89 17.03 9.13
C GLN B 357 12.58 17.69 7.95
N ILE B 358 11.78 18.17 7.01
CA ILE B 358 12.31 18.79 5.80
C ILE B 358 11.84 20.24 5.78
N ALA B 359 12.64 21.13 5.18
CA ALA B 359 12.22 22.51 5.00
C ALA B 359 11.28 22.61 3.81
N ALA B 360 10.09 23.16 4.02
CA ALA B 360 9.08 23.18 2.97
C ALA B 360 8.35 24.52 2.85
N GLU B 361 8.04 24.88 1.61
CA GLU B 361 7.32 26.11 1.30
C GLU B 361 6.09 25.73 0.48
N ILE B 362 4.92 26.04 1.01
CA ILE B 362 3.65 25.60 0.40
C ILE B 362 2.85 26.74 -0.22
N SER B 363 2.23 26.47 -1.37
CA SER B 363 1.25 27.36 -1.97
C SER B 363 -0.03 26.56 -2.24
N ALA B 364 -1.18 27.21 -2.26
CA ALA B 364 -2.46 26.50 -2.32
C ALA B 364 -3.61 27.28 -2.95
N THR B 365 -4.56 26.55 -3.53
CA THR B 365 -5.65 27.14 -4.30
C THR B 365 -6.95 26.37 -4.06
N TRP B 366 -8.04 27.11 -3.84
CA TRP B 366 -9.35 26.51 -3.68
C TRP B 366 -9.99 26.25 -5.05
N LEU B 367 -10.42 25.01 -5.27
CA LEU B 367 -11.02 24.63 -6.55
C LEU B 367 -12.55 24.72 -6.56
N ASP B 368 -13.04 25.95 -6.34
CA ASP B 368 -14.46 26.34 -6.33
C ASP B 368 -15.48 25.30 -6.80
N ASP B 369 -16.12 24.62 -5.85
CA ASP B 369 -17.11 23.61 -6.19
C ASP B 369 -18.28 23.60 -5.21
N ARG B 370 -19.46 23.22 -5.71
CA ARG B 370 -20.67 23.17 -4.91
C ARG B 370 -20.74 21.89 -4.09
N GLU B 371 -20.32 20.78 -4.70
CA GLU B 371 -20.36 19.48 -4.03
C GLU B 371 -19.02 19.07 -3.42
N ARG B 372 -17.98 19.04 -4.24
CA ARG B 372 -16.65 18.62 -3.81
C ARG B 372 -15.61 19.75 -3.93
N PRO B 373 -15.61 20.67 -2.96
CA PRO B 373 -14.57 21.69 -2.90
C PRO B 373 -13.20 21.06 -2.67
N LEU B 374 -12.25 21.33 -3.57
CA LEU B 374 -10.93 20.73 -3.48
C LEU B 374 -9.87 21.71 -3.00
N LEU B 375 -8.70 21.17 -2.73
CA LEU B 375 -7.50 21.97 -2.46
C LEU B 375 -6.42 21.44 -3.36
N VAL B 376 -5.68 22.32 -4.01
CA VAL B 376 -4.47 21.89 -4.67
C VAL B 376 -3.29 22.60 -4.04
N LEU B 377 -2.36 21.82 -3.52
CA LEU B 377 -1.22 22.34 -2.80
C LEU B 377 0.03 22.02 -3.58
N VAL B 378 0.83 23.04 -3.84
CA VAL B 378 2.16 22.84 -4.37
C VAL B 378 3.13 22.90 -3.20
N VAL B 379 3.87 21.82 -2.99
CA VAL B 379 4.80 21.73 -1.87
C VAL B 379 6.21 21.64 -2.39
N ARG B 380 7.07 22.55 -1.95
CA ARG B 380 8.44 22.58 -2.44
C ARG B 380 9.44 22.36 -1.32
N ASP B 381 10.40 21.48 -1.58
CA ASP B 381 11.47 21.22 -0.64
C ASP B 381 12.48 22.35 -0.75
N THR B 382 12.66 23.08 0.35
CA THR B 382 13.50 24.27 0.35
C THR B 382 14.77 24.11 1.19
N SER B 383 15.63 23.18 0.78
CA SER B 383 16.88 22.88 1.48
C SER B 383 16.64 22.48 2.94
N SER C 11 40.48 51.87 -42.56
CA SER C 11 39.21 52.58 -42.37
C SER C 11 38.02 51.76 -42.88
N LEU C 12 36.83 52.34 -42.78
CA LEU C 12 35.60 51.66 -43.18
C LEU C 12 34.78 52.52 -44.15
N PRO C 13 33.96 51.88 -44.99
CA PRO C 13 33.09 52.60 -45.93
C PRO C 13 32.14 53.59 -45.23
N SER C 14 31.94 54.75 -45.84
CA SER C 14 31.06 55.78 -45.28
C SER C 14 29.63 55.27 -45.14
N LEU C 15 28.90 55.79 -44.15
CA LEU C 15 27.58 55.26 -43.83
C LEU C 15 26.54 56.33 -43.53
N ALA C 16 25.29 56.03 -43.85
CA ALA C 16 24.16 56.91 -43.57
C ALA C 16 23.99 57.05 -42.05
N PRO C 17 23.40 58.18 -41.60
CA PRO C 17 23.18 58.43 -40.17
C PRO C 17 22.40 57.32 -39.47
N ASP C 18 21.37 56.81 -40.13
CA ASP C 18 20.53 55.74 -39.60
C ASP C 18 21.35 54.47 -39.39
N LEU C 19 22.13 54.12 -40.41
CA LEU C 19 23.00 52.95 -40.37
C LEU C 19 23.97 53.06 -39.20
N VAL C 20 24.54 54.24 -39.01
CA VAL C 20 25.43 54.52 -37.89
C VAL C 20 24.72 54.27 -36.55
N ARG C 21 23.52 54.83 -36.42
CA ARG C 21 22.73 54.67 -35.20
C ARG C 21 22.47 53.20 -34.86
N ASP C 22 22.13 52.42 -35.88
CA ASP C 22 21.83 51.00 -35.68
C ASP C 22 23.08 50.15 -35.41
N LEU C 23 24.21 50.53 -36.00
CA LEU C 23 25.47 49.86 -35.72
C LEU C 23 25.92 50.11 -34.28
N ILE C 24 25.85 51.36 -33.83
CA ILE C 24 26.11 51.67 -32.43
C ILE C 24 25.15 50.90 -31.52
N ALA C 25 23.88 50.88 -31.88
CA ALA C 25 22.85 50.22 -31.07
C ALA C 25 23.03 48.70 -30.98
N THR C 26 23.58 48.07 -32.01
CA THR C 26 23.77 46.62 -31.97
C THR C 26 25.16 46.21 -31.50
N ALA C 27 26.10 47.15 -31.50
CA ALA C 27 27.44 46.88 -30.98
C ALA C 27 27.43 46.87 -29.46
N ALA C 28 26.61 47.75 -28.88
CA ALA C 28 26.46 47.83 -27.43
C ALA C 28 25.29 46.95 -26.98
N ASP C 29 25.36 46.45 -25.75
CA ASP C 29 24.24 45.71 -25.19
C ASP C 29 23.10 46.69 -24.93
N ILE C 30 23.49 47.91 -24.57
CA ILE C 30 22.57 49.01 -24.35
C ILE C 30 23.41 50.27 -24.42
N SER C 31 22.81 51.40 -24.77
CA SER C 31 23.54 52.65 -24.85
C SER C 31 22.66 53.86 -24.58
N LEU C 32 23.20 54.81 -23.82
CA LEU C 32 22.48 56.02 -23.48
C LEU C 32 23.13 57.25 -24.12
N LEU C 33 22.30 58.14 -24.65
CA LEU C 33 22.79 59.42 -25.12
C LEU C 33 22.37 60.50 -24.11
N VAL C 34 23.35 61.00 -23.36
CA VAL C 34 23.06 61.95 -22.31
C VAL C 34 23.58 63.32 -22.68
N SER C 35 22.72 64.33 -22.58
CA SER C 35 23.08 65.68 -22.98
C SER C 35 24.22 66.21 -22.13
N GLN C 36 24.83 67.30 -22.60
CA GLN C 36 25.91 67.94 -21.89
C GLN C 36 25.54 68.27 -20.46
N GLU C 37 24.25 68.55 -20.24
CA GLU C 37 23.76 69.00 -18.95
C GLU C 37 23.48 67.87 -17.96
N GLY C 38 23.26 66.67 -18.47
CA GLY C 38 23.04 65.52 -17.61
C GLY C 38 21.70 64.84 -17.85
N VAL C 39 20.98 65.30 -18.87
CA VAL C 39 19.67 64.75 -19.19
C VAL C 39 19.77 63.62 -20.22
N VAL C 40 19.10 62.50 -19.94
CA VAL C 40 19.07 61.38 -20.88
C VAL C 40 18.23 61.75 -22.10
N ARG C 41 18.89 62.03 -23.22
CA ARG C 41 18.19 62.37 -24.45
C ARG C 41 17.56 61.14 -25.08
N GLU C 42 18.33 60.06 -25.16
CA GLU C 42 17.83 58.85 -25.81
C GLU C 42 18.39 57.57 -25.21
N VAL C 43 17.56 56.52 -25.20
CA VAL C 43 17.99 55.21 -24.76
C VAL C 43 17.89 54.24 -25.93
N MET C 44 19.02 53.65 -26.31
CA MET C 44 19.06 52.75 -27.46
C MET C 44 19.29 51.31 -27.03
N ALA C 45 18.28 50.46 -27.26
CA ALA C 45 18.34 49.07 -26.86
C ALA C 45 18.85 48.17 -27.99
N ASN C 46 19.38 47.01 -27.61
CA ASN C 46 19.79 46.00 -28.57
C ASN C 46 18.75 44.90 -28.60
N PRO C 47 17.97 44.81 -29.70
CA PRO C 47 16.90 43.82 -29.83
C PRO C 47 17.43 42.40 -29.81
N HIS C 48 18.72 42.27 -30.15
CA HIS C 48 19.39 40.97 -30.14
C HIS C 48 19.85 40.62 -28.73
N HIS C 49 19.78 41.59 -27.83
CA HIS C 49 20.22 41.40 -26.46
C HIS C 49 19.05 41.40 -25.48
N PRO C 50 19.01 40.41 -24.56
CA PRO C 50 17.95 40.18 -23.58
C PRO C 50 17.37 41.45 -22.95
N SER C 51 16.07 41.43 -22.70
CA SER C 51 15.32 42.60 -22.25
C SER C 51 15.87 43.23 -20.98
N PHE C 52 15.84 44.56 -20.94
CA PHE C 52 16.19 45.30 -19.73
C PHE C 52 14.90 45.83 -19.15
N GLY C 53 13.81 45.62 -19.89
CA GLY C 53 12.56 46.33 -19.66
C GLY C 53 12.52 47.49 -20.62
N GLN C 54 11.51 48.35 -20.50
CA GLN C 54 11.44 49.55 -21.34
C GLN C 54 12.12 50.73 -20.67
N LEU C 55 13.35 51.02 -21.11
CA LEU C 55 14.13 52.10 -20.53
C LEU C 55 13.96 53.40 -21.31
N SER C 56 13.01 53.39 -22.24
CA SER C 56 12.68 54.59 -23.00
C SER C 56 12.01 55.63 -22.11
N GLU C 57 11.64 55.23 -20.89
CA GLU C 57 11.05 56.16 -19.93
C GLU C 57 12.10 56.91 -19.11
N TRP C 58 13.38 56.63 -19.40
CA TRP C 58 14.45 57.43 -18.81
C TRP C 58 14.66 58.68 -19.64
N GLU C 59 14.22 58.63 -20.91
CA GLU C 59 14.38 59.73 -21.84
C GLU C 59 13.58 60.95 -21.40
N GLY C 60 14.27 61.98 -20.96
CA GLY C 60 13.65 63.19 -20.48
C GLY C 60 14.11 63.57 -19.07
N ARG C 61 14.47 62.56 -18.30
CA ARG C 61 14.92 62.76 -16.92
C ARG C 61 16.44 62.82 -16.83
N PRO C 62 16.96 63.39 -15.72
CA PRO C 62 18.42 63.43 -15.56
C PRO C 62 19.00 62.06 -15.24
N LEU C 63 20.20 61.80 -15.75
CA LEU C 63 20.83 60.49 -15.59
C LEU C 63 21.02 60.12 -14.13
N GLU C 64 21.28 61.12 -13.30
CA GLU C 64 21.64 60.90 -11.89
C GLU C 64 20.54 60.24 -11.06
N GLU C 65 19.29 60.37 -11.50
CA GLU C 65 18.17 59.82 -10.73
C GLU C 65 17.91 58.34 -11.04
N VAL C 66 18.56 57.82 -12.07
CA VAL C 66 18.50 56.40 -12.37
C VAL C 66 19.86 55.75 -12.16
N LEU C 67 20.66 56.37 -11.28
CA LEU C 67 21.94 55.83 -10.86
C LEU C 67 21.97 55.71 -9.34
N THR C 68 22.87 54.88 -8.83
CA THR C 68 23.13 54.87 -7.39
C THR C 68 24.05 56.04 -7.06
N ALA C 69 24.21 56.35 -5.78
CA ALA C 69 25.01 57.50 -5.35
C ALA C 69 26.48 57.34 -5.76
N GLU C 70 27.00 56.13 -5.54
CA GLU C 70 28.38 55.81 -5.93
C GLU C 70 28.53 55.91 -7.44
N SER C 71 27.57 55.35 -8.17
CA SER C 71 27.57 55.43 -9.63
C SER C 71 27.51 56.88 -10.09
N VAL C 72 26.78 57.72 -9.35
CA VAL C 72 26.71 59.14 -9.63
C VAL C 72 28.09 59.79 -9.51
N ALA C 73 28.71 59.64 -8.36
CA ALA C 73 30.04 60.21 -8.14
C ALA C 73 31.05 59.71 -9.18
N LYS C 74 31.02 58.41 -9.46
CA LYS C 74 31.93 57.81 -10.43
C LYS C 74 31.73 58.37 -11.85
N PHE C 75 30.46 58.46 -12.27
CA PHE C 75 30.13 59.05 -13.56
C PHE C 75 30.58 60.51 -13.65
N ARG C 76 30.46 61.25 -12.56
CA ARG C 76 30.97 62.62 -12.50
C ARG C 76 32.48 62.63 -12.73
N LEU C 77 33.19 61.77 -11.99
CA LEU C 77 34.65 61.72 -12.06
C LEU C 77 35.16 61.36 -13.45
N ARG C 78 34.52 60.40 -14.10
CA ARG C 78 34.95 59.98 -15.44
C ARG C 78 34.50 60.92 -16.56
N SER C 79 33.35 61.55 -16.39
CA SER C 79 32.82 62.44 -17.41
C SER C 79 33.47 63.82 -17.42
N GLU C 80 33.66 64.39 -16.24
CA GLU C 80 34.18 65.75 -16.11
C GLU C 80 35.52 65.97 -16.82
N GLY C 81 36.40 64.98 -16.77
CA GLY C 81 37.71 65.11 -17.38
C GLY C 81 37.72 64.75 -18.86
N LEU C 82 36.71 64.01 -19.28
CA LEU C 82 36.63 63.50 -20.65
C LEU C 82 36.40 64.62 -21.66
N GLU C 83 37.20 64.63 -22.72
CA GLU C 83 37.13 65.67 -23.74
C GLU C 83 36.94 65.07 -25.14
N PRO C 84 36.28 65.81 -26.04
CA PRO C 84 36.02 65.34 -27.41
C PRO C 84 37.30 65.02 -28.18
N GLY C 85 37.35 63.84 -28.78
CA GLY C 85 38.50 63.44 -29.57
C GLY C 85 39.66 62.88 -28.75
N ARG C 86 39.53 62.96 -27.42
CA ARG C 86 40.57 62.46 -26.52
C ARG C 86 40.26 61.04 -26.08
N GLY C 87 40.00 60.18 -27.06
CA GLY C 87 39.71 58.78 -26.78
C GLY C 87 38.41 58.56 -26.03
N SER C 88 38.45 57.62 -25.10
CA SER C 88 37.27 57.22 -24.33
C SER C 88 37.69 56.62 -23.00
N VAL C 89 36.77 56.62 -22.03
CA VAL C 89 37.06 56.01 -20.73
C VAL C 89 35.99 54.99 -20.36
N ALA C 90 36.22 54.27 -19.28
CA ALA C 90 35.30 53.22 -18.86
C ALA C 90 34.93 53.35 -17.39
N VAL C 91 33.67 53.04 -17.07
CA VAL C 91 33.21 53.12 -15.70
C VAL C 91 32.05 52.15 -15.50
N GLU C 92 31.95 51.57 -14.32
CA GLU C 92 30.87 50.65 -14.01
C GLU C 92 29.86 51.32 -13.11
N LEU C 93 28.63 51.43 -13.60
CA LEU C 93 27.57 52.10 -12.88
C LEU C 93 26.46 51.12 -12.58
N ASN C 94 25.81 51.29 -11.43
CA ASN C 94 24.62 50.51 -11.11
C ASN C 94 23.38 51.37 -11.30
N HIS C 95 22.50 50.97 -12.19
CA HIS C 95 21.22 51.66 -12.36
C HIS C 95 20.26 51.19 -11.29
N ILE C 96 19.18 51.94 -11.08
CA ILE C 96 18.21 51.61 -10.06
C ILE C 96 16.83 51.31 -10.67
N ASP C 97 16.30 50.14 -10.33
CA ASP C 97 14.99 49.69 -10.79
C ASP C 97 13.88 50.49 -10.10
N PRO C 98 12.75 50.69 -10.80
CA PRO C 98 11.53 51.33 -10.29
C PRO C 98 11.24 51.06 -8.82
N ARG C 99 11.19 49.78 -8.42
CA ARG C 99 10.95 49.44 -7.03
C ARG C 99 11.38 48.02 -6.62
N SER C 100 12.59 47.87 -6.10
CA SER C 100 13.58 48.94 -5.99
C SER C 100 14.95 48.33 -6.23
N PHE C 101 15.03 47.39 -7.16
CA PHE C 101 16.25 46.63 -7.37
C PHE C 101 17.31 47.40 -8.15
N GLU C 102 18.36 46.69 -8.57
CA GLU C 102 19.45 47.31 -9.33
C GLU C 102 19.90 46.39 -10.46
N PHE C 103 20.65 46.94 -11.40
CA PHE C 103 21.30 46.16 -12.44
C PHE C 103 22.54 46.88 -12.99
N PRO C 104 23.68 46.18 -13.03
CA PRO C 104 24.98 46.78 -13.34
C PRO C 104 25.32 46.81 -14.83
N ILE C 105 25.82 47.94 -15.30
CA ILE C 105 26.28 48.08 -16.68
C ILE C 105 27.69 48.60 -16.70
N ARG C 106 28.51 48.06 -17.59
CA ARG C 106 29.84 48.61 -17.81
C ARG C 106 29.82 49.53 -19.03
N TYR C 107 29.90 50.83 -18.77
CA TYR C 107 29.86 51.82 -19.83
C TYR C 107 31.24 52.26 -20.30
N ILE C 108 31.34 52.57 -21.58
CA ILE C 108 32.49 53.26 -22.13
C ILE C 108 32.03 54.63 -22.60
N LEU C 109 32.62 55.68 -22.04
CA LEU C 109 32.15 57.04 -22.25
C LEU C 109 32.91 57.75 -23.37
N HIS C 110 32.14 58.29 -24.32
CA HIS C 110 32.68 59.13 -25.37
C HIS C 110 32.04 60.51 -25.24
N ARG C 111 32.83 61.56 -25.46
CA ARG C 111 32.25 62.88 -25.54
C ARG C 111 32.22 63.34 -27.00
N LEU C 112 31.03 63.64 -27.49
CA LEU C 112 30.84 63.99 -28.89
C LEU C 112 31.21 65.45 -29.13
N PRO C 113 31.95 65.72 -30.22
CA PRO C 113 32.48 67.06 -30.48
C PRO C 113 31.37 68.03 -30.88
N ALA C 114 30.21 67.50 -31.24
CA ALA C 114 29.13 68.32 -31.76
C ALA C 114 28.24 68.92 -30.67
N ASP C 115 28.03 68.18 -29.58
CA ASP C 115 27.13 68.62 -28.51
C ASP C 115 27.85 68.89 -27.20
N ARG C 116 29.03 68.30 -27.05
CA ARG C 116 29.68 68.09 -25.75
C ARG C 116 28.78 67.23 -24.86
N SER C 117 27.88 66.48 -25.49
CA SER C 117 27.03 65.52 -24.80
C SER C 117 27.84 64.26 -24.60
N ILE C 118 27.29 63.30 -23.86
CA ILE C 118 28.02 62.08 -23.55
C ILE C 118 27.34 60.85 -24.11
N LEU C 119 28.06 60.13 -24.96
CA LEU C 119 27.59 58.85 -25.46
C LEU C 119 28.12 57.75 -24.55
N MET C 120 27.21 56.95 -24.00
CA MET C 120 27.57 55.85 -23.11
C MET C 120 27.28 54.51 -23.76
N LEU C 121 28.30 53.68 -23.91
CA LEU C 121 28.17 52.40 -24.57
C LEU C 121 28.22 51.26 -23.56
N GLY C 122 27.12 50.53 -23.43
CA GLY C 122 27.00 49.58 -22.33
C GLY C 122 27.21 48.11 -22.61
N ARG C 123 28.02 47.49 -21.74
CA ARG C 123 28.12 46.06 -21.67
C ARG C 123 27.30 45.60 -20.47
N ASP C 124 26.39 44.66 -20.72
CA ASP C 124 25.51 44.11 -19.69
C ASP C 124 26.30 43.29 -18.67
N LEU C 125 26.07 43.55 -17.39
CA LEU C 125 26.75 42.80 -16.33
C LEU C 125 25.81 41.89 -15.50
N ARG C 126 24.51 42.02 -15.73
CA ARG C 126 23.50 41.15 -15.09
C ARG C 126 23.80 39.65 -15.13
N PRO C 127 24.25 39.13 -16.29
CA PRO C 127 24.49 37.68 -16.31
C PRO C 127 25.66 37.26 -15.42
N ILE C 128 26.53 38.21 -15.11
CA ILE C 128 27.79 37.95 -14.45
C ILE C 128 27.76 38.32 -12.96
N ALA C 129 27.04 39.40 -12.64
CA ALA C 129 27.05 40.01 -11.31
C ALA C 129 26.86 39.06 -10.14
N GLU C 130 27.70 39.23 -9.12
CA GLU C 130 27.61 38.50 -7.86
C GLU C 130 27.63 36.97 -7.96
N VAL C 131 27.96 36.45 -9.14
CA VAL C 131 28.00 35.01 -9.37
C VAL C 131 29.11 34.38 -8.54
N GLN C 132 30.28 34.99 -8.61
CA GLN C 132 31.49 34.46 -7.96
C GLN C 132 31.36 34.38 -6.44
N GLN C 133 30.80 35.44 -5.85
CA GLN C 133 30.51 35.48 -4.43
C GLN C 133 29.59 34.32 -4.07
N GLN C 134 28.58 34.11 -4.90
CA GLN C 134 27.66 33.00 -4.73
C GLN C 134 28.42 31.69 -4.69
N LEU C 135 29.39 31.54 -5.59
CA LEU C 135 30.13 30.28 -5.67
C LEU C 135 31.01 30.05 -4.43
N VAL C 136 31.64 31.10 -3.93
CA VAL C 136 32.37 31.00 -2.68
C VAL C 136 31.44 30.52 -1.55
N ALA C 137 30.26 31.15 -1.48
CA ALA C 137 29.25 30.76 -0.49
C ALA C 137 28.82 29.31 -0.67
N ALA C 138 28.76 28.84 -1.91
CA ALA C 138 28.34 27.47 -2.20
C ALA C 138 29.39 26.50 -1.70
N GLN C 139 30.65 26.85 -1.85
CA GLN C 139 31.71 26.02 -1.32
C GLN C 139 31.63 25.93 0.21
N LEU C 140 31.49 27.07 0.88
CA LEU C 140 31.40 27.04 2.34
C LEU C 140 30.20 26.21 2.80
N ALA C 141 29.07 26.42 2.13
CA ALA C 141 27.85 25.66 2.42
C ALA C 141 28.09 24.16 2.23
N MET C 142 28.87 23.82 1.21
CA MET C 142 29.24 22.42 0.95
C MET C 142 30.13 21.82 2.04
N GLU C 143 31.08 22.60 2.55
CA GLU C 143 31.91 22.17 3.67
C GLU C 143 31.04 21.85 4.89
N ARG C 144 30.12 22.76 5.19
CA ARG C 144 29.19 22.53 6.30
C ARG C 144 28.38 21.25 6.11
N ASP C 145 27.75 21.15 4.93
CA ASP C 145 26.93 19.99 4.59
C ASP C 145 27.75 18.72 4.80
N TYR C 146 29.01 18.79 4.43
CA TYR C 146 29.93 17.67 4.57
C TYR C 146 30.14 17.29 6.03
N GLU C 147 30.35 18.29 6.89
CA GLU C 147 30.49 18.02 8.32
C GLU C 147 29.26 17.29 8.83
N THR C 148 28.09 17.81 8.48
CA THR C 148 26.83 17.20 8.93
C THR C 148 26.73 15.75 8.46
N GLN C 149 27.10 15.51 7.21
CA GLN C 149 27.09 14.16 6.65
C GLN C 149 27.98 13.24 7.45
N ARG C 150 29.18 13.73 7.78
CA ARG C 150 30.11 12.95 8.58
C ARG C 150 29.49 12.57 9.92
N GLU C 151 28.87 13.55 10.57
CA GLU C 151 28.24 13.33 11.86
C GLU C 151 27.16 12.26 11.77
N MET C 152 26.22 12.45 10.85
CA MET C 152 25.08 11.54 10.67
C MET C 152 25.55 10.14 10.30
N GLU C 153 26.60 10.06 9.50
CA GLU C 153 27.25 8.80 9.16
C GLU C 153 27.73 8.06 10.40
N THR C 154 28.51 8.75 11.24
CA THR C 154 29.01 8.15 12.47
C THR C 154 27.87 7.71 13.40
N ARG C 155 26.85 8.55 13.53
CA ARG C 155 25.67 8.20 14.34
C ARG C 155 25.00 6.93 13.83
N TYR C 156 24.85 6.83 12.51
CA TYR C 156 24.26 5.66 11.89
C TYR C 156 25.08 4.40 12.18
N ARG C 157 26.38 4.49 11.99
CA ARG C 157 27.26 3.37 12.23
C ARG C 157 27.21 2.89 13.67
N VAL C 158 27.35 3.83 14.61
CA VAL C 158 27.31 3.50 16.03
C VAL C 158 25.96 2.90 16.46
N VAL C 159 24.87 3.50 16.00
CA VAL C 159 23.55 3.01 16.37
C VAL C 159 23.27 1.62 15.80
N LEU C 160 23.69 1.39 14.56
CA LEU C 160 23.51 0.08 13.96
C LEU C 160 24.37 -0.99 14.64
N ASP C 161 25.65 -0.70 14.83
CA ASP C 161 26.61 -1.69 15.33
C ASP C 161 26.42 -2.02 16.81
N VAL C 162 26.18 -1.00 17.63
CA VAL C 162 25.98 -1.18 19.07
C VAL C 162 24.65 -1.89 19.40
N SER C 163 23.65 -1.68 18.55
CA SER C 163 22.32 -2.26 18.77
C SER C 163 22.34 -3.77 18.98
N ARG C 164 21.69 -4.21 20.05
CA ARG C 164 21.52 -5.63 20.35
C ARG C 164 20.40 -6.26 19.53
N ASP C 165 19.74 -5.46 18.70
CA ASP C 165 18.69 -5.97 17.82
C ASP C 165 19.32 -6.33 16.47
N PRO C 166 19.36 -7.63 16.14
CA PRO C 166 19.99 -8.13 14.93
C PRO C 166 19.30 -7.61 13.67
N MET C 167 19.96 -6.71 12.95
CA MET C 167 19.35 -6.08 11.79
C MET C 167 20.17 -6.24 10.51
N VAL C 168 19.47 -6.44 9.40
CA VAL C 168 20.08 -6.56 8.09
C VAL C 168 19.35 -5.66 7.10
N LEU C 169 20.09 -4.77 6.42
CA LEU C 169 19.54 -3.92 5.37
C LEU C 169 19.73 -4.57 4.02
N VAL C 170 18.64 -4.76 3.30
CA VAL C 170 18.71 -5.44 2.01
C VAL C 170 18.26 -4.52 0.88
N SER C 171 19.00 -4.53 -0.22
CA SER C 171 18.58 -3.83 -1.43
C SER C 171 17.34 -4.47 -2.05
N MET C 172 16.42 -3.64 -2.51
CA MET C 172 15.21 -4.13 -3.18
C MET C 172 15.43 -4.43 -4.66
N SER C 173 16.49 -3.89 -5.23
CA SER C 173 16.73 -4.07 -6.66
C SER C 173 17.69 -5.21 -6.93
N THR C 174 18.62 -5.44 -6.01
CA THR C 174 19.63 -6.48 -6.17
C THR C 174 19.37 -7.68 -5.26
N GLY C 175 18.65 -7.46 -4.16
CA GLY C 175 18.37 -8.53 -3.22
C GLY C 175 19.57 -8.84 -2.34
N ARG C 176 20.61 -8.05 -2.51
CA ARG C 176 21.84 -8.24 -1.77
C ARG C 176 21.86 -7.41 -0.49
N ILE C 177 22.58 -7.90 0.50
CA ILE C 177 22.74 -7.22 1.78
C ILE C 177 23.62 -5.99 1.58
N VAL C 178 23.13 -4.82 1.95
CA VAL C 178 23.93 -3.60 1.83
C VAL C 178 24.57 -3.20 3.16
N ASP C 179 24.00 -3.67 4.26
CA ASP C 179 24.56 -3.40 5.59
C ASP C 179 23.92 -4.30 6.63
N LEU C 180 24.60 -4.46 7.76
CA LEU C 180 24.13 -5.29 8.87
C LEU C 180 25.00 -5.03 10.11
N ASN C 181 24.51 -5.40 11.28
CA ASN C 181 25.31 -5.29 12.50
C ASN C 181 25.94 -6.61 12.93
N SER C 182 26.86 -6.55 13.90
CA SER C 182 27.59 -7.73 14.33
C SER C 182 26.66 -8.80 14.93
N ALA C 183 25.52 -8.35 15.45
CA ALA C 183 24.53 -9.25 16.04
C ALA C 183 23.88 -10.15 14.98
N ALA C 184 23.34 -9.50 13.94
CA ALA C 184 22.82 -10.21 12.78
C ALA C 184 23.90 -11.12 12.21
N GLY C 185 25.13 -10.61 12.18
CA GLY C 185 26.27 -11.37 11.69
C GLY C 185 26.51 -12.62 12.50
N LEU C 186 26.22 -12.56 13.79
CA LEU C 186 26.38 -13.73 14.65
C LEU C 186 25.27 -14.74 14.41
N LEU C 187 24.03 -14.27 14.27
CA LEU C 187 22.92 -15.18 14.00
C LEU C 187 23.07 -15.88 12.63
N LEU C 188 23.51 -15.13 11.62
CA LEU C 188 23.69 -15.66 10.27
C LEU C 188 24.91 -16.56 10.18
N GLY C 189 25.84 -16.37 11.11
CA GLY C 189 27.05 -17.17 11.15
C GLY C 189 28.07 -16.75 10.11
N GLY C 190 28.35 -15.46 10.05
CA GLY C 190 29.32 -14.96 9.10
C GLY C 190 29.94 -13.63 9.49
N VAL C 191 31.19 -13.44 9.09
CA VAL C 191 31.85 -12.16 9.27
C VAL C 191 31.10 -11.14 8.42
N ARG C 192 31.05 -9.91 8.90
CA ARG C 192 30.42 -8.81 8.18
C ARG C 192 30.89 -8.72 6.73
N GLN C 193 32.20 -8.86 6.52
CA GLN C 193 32.78 -8.71 5.19
C GLN C 193 32.44 -9.86 4.22
N ASP C 194 31.91 -10.95 4.75
CA ASP C 194 31.50 -12.07 3.91
C ASP C 194 30.06 -11.88 3.49
N LEU C 195 29.26 -11.31 4.39
CA LEU C 195 27.83 -11.13 4.20
C LEU C 195 27.49 -9.85 3.43
N LEU C 196 28.35 -8.84 3.53
CA LEU C 196 28.18 -7.61 2.78
C LEU C 196 28.24 -7.86 1.27
N GLY C 197 27.10 -7.72 0.61
CA GLY C 197 27.03 -7.89 -0.82
C GLY C 197 26.37 -9.20 -1.21
N ALA C 198 26.09 -10.02 -0.21
CA ALA C 198 25.50 -11.35 -0.45
C ALA C 198 24.00 -11.27 -0.67
N ALA C 199 23.51 -12.01 -1.65
CA ALA C 199 22.07 -12.11 -1.86
C ALA C 199 21.42 -12.71 -0.62
N ILE C 200 20.51 -11.95 -0.01
CA ILE C 200 19.93 -12.35 1.27
C ILE C 200 19.27 -13.73 1.24
N ALA C 201 18.59 -14.03 0.13
CA ALA C 201 17.83 -15.27 -0.01
C ALA C 201 18.73 -16.49 0.15
N GLN C 202 19.89 -16.43 -0.47
CA GLN C 202 20.79 -17.58 -0.54
C GLN C 202 21.49 -17.87 0.78
N GLU C 203 21.26 -17.04 1.79
CA GLU C 203 21.74 -17.30 3.14
C GLU C 203 20.76 -18.18 3.93
N PHE C 204 19.63 -18.49 3.31
CA PHE C 204 18.59 -19.29 3.97
C PHE C 204 18.28 -20.51 3.12
N GLU C 205 18.21 -21.67 3.77
CA GLU C 205 18.03 -22.94 3.06
C GLU C 205 16.69 -23.04 2.35
N GLY C 206 16.74 -23.41 1.06
CA GLY C 206 15.55 -23.63 0.27
C GLY C 206 14.77 -22.38 -0.14
N ARG C 207 15.44 -21.23 -0.15
CA ARG C 207 14.80 -19.99 -0.61
C ARG C 207 15.42 -19.47 -1.90
N ARG C 208 14.69 -18.62 -2.62
CA ARG C 208 15.18 -17.96 -3.84
C ARG C 208 14.86 -16.47 -3.78
N ARG C 209 15.66 -15.66 -4.48
CA ARG C 209 15.51 -14.19 -4.47
C ARG C 209 14.07 -13.74 -4.65
N GLY C 210 13.44 -14.20 -5.73
CA GLY C 210 12.09 -13.78 -6.06
C GLY C 210 11.08 -14.06 -4.97
N GLU C 211 10.83 -15.35 -4.71
CA GLU C 211 9.81 -15.76 -3.75
C GLU C 211 10.08 -15.22 -2.35
N PHE C 212 11.35 -15.16 -1.98
CA PHE C 212 11.71 -14.66 -0.66
C PHE C 212 11.45 -13.17 -0.55
N MET C 213 11.84 -12.41 -1.57
CA MET C 213 11.61 -10.97 -1.55
C MET C 213 10.11 -10.67 -1.58
N GLU C 214 9.33 -11.55 -2.22
CA GLU C 214 7.89 -11.38 -2.21
C GLU C 214 7.30 -11.67 -0.83
N THR C 215 7.81 -12.71 -0.18
CA THR C 215 7.38 -13.03 1.18
C THR C 215 7.64 -11.85 2.11
N MET C 216 8.86 -11.32 2.05
CA MET C 216 9.24 -10.20 2.90
C MET C 216 8.45 -8.92 2.62
N THR C 217 8.36 -8.53 1.34
CA THR C 217 7.62 -7.33 0.98
C THR C 217 6.15 -7.43 1.38
N ASN C 218 5.52 -8.54 1.03
CA ASN C 218 4.12 -8.73 1.37
C ASN C 218 3.86 -8.74 2.88
N LEU C 219 4.73 -9.41 3.64
CA LEU C 219 4.57 -9.44 5.10
C LEU C 219 4.80 -8.05 5.70
N ALA C 220 5.65 -7.26 5.07
CA ALA C 220 5.87 -5.90 5.53
C ALA C 220 4.62 -5.08 5.29
N ALA C 221 4.01 -5.24 4.12
CA ALA C 221 2.80 -4.50 3.77
C ALA C 221 1.63 -4.90 4.67
N THR C 222 1.67 -6.16 5.11
CA THR C 222 0.61 -6.73 5.94
C THR C 222 0.75 -6.26 7.38
N GLU C 223 1.99 -6.14 7.82
CA GLU C 223 2.36 -5.72 9.18
C GLU C 223 2.04 -6.76 10.25
N SER C 224 1.79 -8.00 9.83
CA SER C 224 1.59 -9.12 10.74
C SER C 224 2.86 -9.40 11.52
N ALA C 225 2.71 -9.63 12.82
CA ALA C 225 3.85 -9.90 13.67
C ALA C 225 4.31 -11.35 13.56
N ALA C 226 3.56 -12.15 12.79
CA ALA C 226 3.92 -13.55 12.56
C ALA C 226 5.11 -13.66 11.61
N PRO C 227 6.30 -13.93 12.15
CA PRO C 227 7.56 -13.86 11.41
C PRO C 227 7.84 -15.09 10.54
N VAL C 228 8.79 -14.95 9.62
CA VAL C 228 9.14 -16.02 8.70
C VAL C 228 10.25 -16.90 9.28
N GLU C 229 10.02 -18.21 9.29
CA GLU C 229 11.02 -19.15 9.77
C GLU C 229 12.04 -19.45 8.67
N VAL C 230 13.32 -19.28 8.98
CA VAL C 230 14.37 -19.64 8.05
C VAL C 230 15.48 -20.44 8.74
N LEU C 231 16.29 -21.12 7.94
CA LEU C 231 17.49 -21.77 8.44
C LEU C 231 18.72 -21.09 7.85
N ALA C 232 19.51 -20.45 8.70
CA ALA C 232 20.73 -19.77 8.26
C ALA C 232 21.74 -20.78 7.74
N ARG C 233 22.20 -20.60 6.51
CA ARG C 233 23.06 -21.58 5.85
C ARG C 233 24.36 -21.87 6.58
N ARG C 234 25.02 -20.81 7.04
CA ARG C 234 26.32 -20.96 7.69
C ARG C 234 26.19 -21.44 9.13
N SER C 235 25.39 -20.75 9.93
CA SER C 235 25.26 -21.09 11.35
C SER C 235 24.43 -22.34 11.57
N GLN C 236 23.60 -22.68 10.59
CA GLN C 236 22.66 -23.80 10.69
C GLN C 236 21.70 -23.64 11.87
N LYS C 237 21.40 -22.40 12.23
CA LYS C 237 20.47 -22.09 13.30
C LYS C 237 19.11 -21.68 12.74
N ARG C 238 18.05 -22.17 13.37
CA ARG C 238 16.70 -21.74 13.03
C ARG C 238 16.51 -20.29 13.45
N LEU C 239 16.05 -19.46 12.53
CA LEU C 239 15.88 -18.03 12.81
C LEU C 239 14.46 -17.56 12.50
N LEU C 240 14.10 -16.41 13.05
CA LEU C 240 12.81 -15.79 12.76
C LEU C 240 13.04 -14.37 12.24
N VAL C 241 12.45 -14.05 11.08
CA VAL C 241 12.71 -12.78 10.45
C VAL C 241 11.45 -11.89 10.33
N VAL C 242 11.60 -10.60 10.63
CA VAL C 242 10.51 -9.65 10.54
C VAL C 242 10.86 -8.47 9.63
N PRO C 243 10.20 -8.39 8.46
CA PRO C 243 10.48 -7.39 7.42
C PRO C 243 10.03 -5.98 7.74
N ARG C 244 10.74 -5.02 7.18
CA ARG C 244 10.36 -3.62 7.20
C ARG C 244 10.76 -2.98 5.88
N VAL C 245 9.82 -2.32 5.23
CA VAL C 245 10.13 -1.68 3.97
C VAL C 245 9.98 -0.18 4.09
N PHE C 246 11.08 0.55 3.86
CA PHE C 246 11.04 2.00 3.90
C PHE C 246 11.59 2.59 2.63
N ARG C 247 11.36 3.89 2.44
CA ARG C 247 11.82 4.60 1.26
C ARG C 247 12.85 5.64 1.68
N ALA C 248 14.05 5.56 1.10
CA ALA C 248 15.09 6.53 1.37
C ALA C 248 15.58 7.10 0.06
N ALA C 249 15.59 8.43 -0.03
CA ALA C 249 15.93 9.14 -1.28
C ALA C 249 15.32 8.51 -2.53
N GLY C 250 14.02 8.26 -2.49
CA GLY C 250 13.28 7.80 -3.65
C GLY C 250 13.31 6.31 -3.94
N GLU C 251 14.23 5.61 -3.28
CA GLU C 251 14.35 4.17 -3.49
C GLU C 251 13.97 3.39 -2.24
N ARG C 252 13.55 2.15 -2.42
CA ARG C 252 13.04 1.36 -1.29
C ARG C 252 14.10 0.40 -0.73
N LEU C 253 14.02 0.16 0.58
CA LEU C 253 14.95 -0.71 1.27
C LEU C 253 14.22 -1.70 2.14
N LEU C 254 14.88 -2.81 2.44
CA LEU C 254 14.31 -3.84 3.29
C LEU C 254 15.09 -3.91 4.58
N LEU C 255 14.40 -3.75 5.71
CA LEU C 255 15.03 -3.92 7.01
C LEU C 255 14.55 -5.22 7.64
N CYS C 256 15.50 -6.06 8.02
CA CYS C 256 15.16 -7.34 8.62
C CYS C 256 15.57 -7.38 10.09
N GLN C 257 14.59 -7.66 10.94
CA GLN C 257 14.89 -7.98 12.32
C GLN C 257 14.98 -9.50 12.43
N ILE C 258 16.05 -9.98 13.05
CA ILE C 258 16.24 -11.42 13.17
C ILE C 258 16.29 -11.86 14.62
N ASP C 259 15.65 -12.98 14.92
CA ASP C 259 15.70 -13.57 16.24
C ASP C 259 15.84 -15.09 16.13
N PRO C 260 16.55 -15.71 17.08
CA PRO C 260 16.63 -17.17 17.13
C PRO C 260 15.25 -17.77 17.41
N ALA C 261 14.88 -18.80 16.66
CA ALA C 261 13.57 -19.43 16.77
C ALA C 261 13.40 -20.15 18.11
N ASP C 262 14.52 -20.60 18.66
CA ASP C 262 14.49 -21.31 19.94
C ASP C 262 15.18 -20.49 21.02
N ALA C 263 14.41 -19.59 21.65
CA ALA C 263 14.93 -18.75 22.72
C ALA C 263 13.78 -18.11 23.51
N VAL C 267 5.78 -11.53 25.89
CA VAL C 267 6.64 -12.70 26.04
C VAL C 267 6.40 -13.38 27.39
N GLY C 268 6.13 -12.56 28.41
CA GLY C 268 5.91 -13.07 29.75
C GLY C 268 4.54 -13.71 29.94
N ASP C 269 3.56 -13.25 29.16
CA ASP C 269 2.18 -13.72 29.30
C ASP C 269 1.80 -14.70 28.18
N GLU C 270 1.15 -15.79 28.56
CA GLU C 270 0.71 -16.79 27.58
C GLU C 270 -0.57 -16.37 26.86
N LEU C 271 -1.54 -15.87 27.62
CA LEU C 271 -2.78 -15.40 27.05
C LEU C 271 -2.53 -14.24 26.07
N SER C 272 -1.61 -13.36 26.41
CA SER C 272 -1.32 -12.21 25.56
C SER C 272 -0.67 -12.60 24.25
N GLU C 273 0.27 -13.54 24.32
CA GLU C 273 0.92 -14.04 23.12
C GLU C 273 -0.07 -14.80 22.25
N ASN C 274 -0.88 -15.63 22.89
CA ASN C 274 -1.91 -16.39 22.19
C ASN C 274 -2.89 -15.46 21.47
N LEU C 275 -3.28 -14.39 22.15
CA LEU C 275 -4.18 -13.42 21.55
C LEU C 275 -3.50 -12.73 20.38
N ALA C 276 -2.22 -12.41 20.54
CA ALA C 276 -1.45 -11.81 19.46
C ALA C 276 -1.48 -12.71 18.23
N ARG C 277 -1.33 -14.01 18.47
CA ARG C 277 -1.30 -15.00 17.42
C ARG C 277 -2.67 -15.15 16.75
N LEU C 278 -3.73 -15.18 17.55
CA LEU C 278 -5.09 -15.23 17.00
C LEU C 278 -5.31 -14.03 16.10
N TYR C 279 -4.77 -12.89 16.50
CA TYR C 279 -4.90 -11.67 15.70
C TYR C 279 -4.17 -11.75 14.36
N HIS C 280 -2.85 -11.94 14.41
CA HIS C 280 -2.05 -11.92 13.18
C HIS C 280 -2.20 -13.15 12.28
N GLU C 281 -2.70 -14.26 12.83
CA GLU C 281 -2.67 -15.53 12.12
C GLU C 281 -4.05 -16.14 11.99
N GLY C 282 -4.99 -15.61 12.77
CA GLY C 282 -6.33 -16.18 12.80
C GLY C 282 -7.07 -15.99 11.50
N VAL C 283 -8.15 -16.75 11.32
CA VAL C 283 -8.92 -16.71 10.10
C VAL C 283 -9.96 -15.56 10.07
N ASP C 284 -10.51 -15.20 11.23
CA ASP C 284 -11.49 -14.11 11.30
C ASP C 284 -10.83 -12.74 11.16
N GLY C 285 -11.42 -11.89 10.34
CA GLY C 285 -10.94 -10.52 10.23
C GLY C 285 -11.26 -9.75 11.49
N ILE C 286 -10.27 -8.99 11.97
CA ILE C 286 -10.44 -8.16 13.16
C ILE C 286 -10.05 -6.70 12.90
N VAL C 287 -10.96 -5.78 13.22
CA VAL C 287 -10.71 -4.36 13.05
C VAL C 287 -10.91 -3.56 14.33
N PHE C 288 -9.91 -2.79 14.72
CA PHE C 288 -10.07 -1.82 15.81
C PHE C 288 -10.22 -0.42 15.23
N SER C 289 -11.28 0.27 15.61
CA SER C 289 -11.49 1.62 15.11
C SER C 289 -11.82 2.62 16.20
N ASP C 290 -11.86 3.90 15.84
CA ASP C 290 -12.24 4.96 16.77
C ASP C 290 -13.75 5.05 16.83
N ALA C 291 -14.25 5.80 17.80
CA ALA C 291 -15.69 5.98 17.97
C ALA C 291 -16.41 6.43 16.70
N ASP C 292 -15.72 7.18 15.84
CA ASP C 292 -16.33 7.69 14.61
C ASP C 292 -16.19 6.75 13.40
N GLY C 293 -15.51 5.63 13.59
CA GLY C 293 -15.36 4.64 12.52
C GLY C 293 -14.01 4.67 11.81
N THR C 294 -13.07 5.42 12.38
CA THR C 294 -11.73 5.55 11.80
C THR C 294 -10.88 4.35 12.16
N ILE C 295 -10.42 3.62 11.14
CA ILE C 295 -9.66 2.39 11.36
C ILE C 295 -8.31 2.65 12.02
N ARG C 296 -8.12 2.06 13.20
CA ARG C 296 -6.86 2.16 13.92
C ARG C 296 -5.96 0.97 13.58
N GLY C 297 -6.56 -0.19 13.39
CA GLY C 297 -5.81 -1.39 13.11
C GLY C 297 -6.68 -2.45 12.48
N ALA C 298 -6.03 -3.41 11.83
CA ALA C 298 -6.72 -4.54 11.25
C ALA C 298 -5.71 -5.66 11.00
N ASN C 299 -6.19 -6.90 11.04
CA ASN C 299 -5.27 -8.02 10.90
C ASN C 299 -5.13 -8.44 9.44
N GLU C 300 -4.24 -9.41 9.19
CA GLU C 300 -4.01 -9.86 7.83
C GLU C 300 -5.30 -10.39 7.20
N ALA C 301 -6.13 -11.06 8.00
CA ALA C 301 -7.36 -11.66 7.50
C ALA C 301 -8.30 -10.62 6.89
N PHE C 302 -8.37 -9.45 7.51
CA PHE C 302 -9.23 -8.38 7.01
C PHE C 302 -8.70 -7.81 5.69
N LEU C 303 -7.38 -7.62 5.63
CA LEU C 303 -6.74 -7.17 4.40
C LEU C 303 -7.01 -8.16 3.28
N ASN C 304 -6.93 -9.46 3.57
CA ASN C 304 -7.19 -10.50 2.58
C ASN C 304 -8.65 -10.58 2.15
N MET C 305 -9.57 -10.36 3.09
CA MET C 305 -10.99 -10.36 2.77
C MET C 305 -11.36 -9.20 1.88
N THR C 306 -10.66 -8.07 2.06
CA THR C 306 -11.06 -6.84 1.39
C THR C 306 -10.17 -6.48 0.21
N ASP C 307 -9.23 -7.37 -0.11
CA ASP C 307 -8.30 -7.19 -1.22
C ASP C 307 -7.41 -5.96 -1.06
N SER C 308 -7.22 -5.56 0.20
CA SER C 308 -6.41 -4.39 0.53
C SER C 308 -4.92 -4.68 0.34
N SER C 309 -4.23 -3.74 -0.30
CA SER C 309 -2.81 -3.91 -0.60
C SER C 309 -1.97 -3.99 0.66
N SER C 310 -2.36 -3.24 1.68
CA SER C 310 -1.56 -3.14 2.90
C SER C 310 -2.40 -2.62 4.05
N LEU C 311 -1.89 -2.75 5.27
CA LEU C 311 -2.55 -2.18 6.43
C LEU C 311 -2.50 -0.65 6.34
N ALA C 312 -1.41 -0.13 5.80
CA ALA C 312 -1.22 1.30 5.63
C ALA C 312 -2.29 1.90 4.73
N ALA C 313 -2.70 1.15 3.71
CA ALA C 313 -3.65 1.66 2.73
C ALA C 313 -5.05 1.83 3.30
N ILE C 314 -5.35 1.16 4.39
CA ILE C 314 -6.69 1.25 4.98
C ILE C 314 -6.68 2.02 6.31
N ARG C 315 -5.54 2.06 6.96
CA ARG C 315 -5.41 2.80 8.22
C ARG C 315 -5.68 4.29 8.01
N GLY C 316 -6.42 4.89 8.93
CA GLY C 316 -6.81 6.28 8.82
C GLY C 316 -8.12 6.42 8.08
N ARG C 317 -8.43 5.45 7.22
CA ARG C 317 -9.67 5.50 6.46
C ARG C 317 -10.87 4.99 7.27
N SER C 318 -12.06 5.22 6.74
CA SER C 318 -13.29 4.88 7.45
C SER C 318 -13.70 3.46 7.16
N ILE C 319 -14.28 2.81 8.17
CA ILE C 319 -14.87 1.50 8.01
C ILE C 319 -15.90 1.53 6.88
N ALA C 320 -16.63 2.63 6.80
CA ALA C 320 -17.67 2.81 5.77
C ALA C 320 -17.16 2.62 4.34
N ASP C 321 -15.86 2.82 4.14
CA ASP C 321 -15.25 2.60 2.83
C ASP C 321 -15.38 1.14 2.39
N PHE C 322 -15.54 0.25 3.37
CA PHE C 322 -15.55 -1.18 3.09
C PHE C 322 -16.92 -1.80 3.29
N LEU C 323 -17.92 -0.95 3.51
CA LEU C 323 -19.30 -1.40 3.61
C LEU C 323 -20.04 -1.10 2.30
N ALA C 324 -20.89 -2.02 1.87
CA ALA C 324 -21.59 -1.87 0.61
C ALA C 324 -22.67 -0.80 0.69
N ARG C 325 -23.48 -0.87 1.74
CA ARG C 325 -24.45 0.16 2.04
C ARG C 325 -23.72 1.49 2.25
N GLY C 326 -22.49 1.40 2.73
CA GLY C 326 -21.63 2.56 2.89
C GLY C 326 -21.83 3.28 4.21
N SER C 327 -22.16 4.56 4.12
CA SER C 327 -22.31 5.40 5.30
C SER C 327 -23.45 4.94 6.20
N VAL C 328 -24.65 4.80 5.64
CA VAL C 328 -25.84 4.40 6.40
C VAL C 328 -25.62 3.10 7.17
N ASP C 329 -24.88 2.19 6.56
CA ASP C 329 -24.49 0.93 7.19
C ASP C 329 -23.72 1.20 8.47
N LEU C 330 -22.67 2.00 8.35
CA LEU C 330 -21.83 2.37 9.48
C LEU C 330 -22.62 3.10 10.56
N ARG C 331 -23.58 3.91 10.15
CA ARG C 331 -24.46 4.61 11.08
C ARG C 331 -25.22 3.58 11.92
N VAL C 332 -25.93 2.68 11.25
CA VAL C 332 -26.71 1.66 11.95
C VAL C 332 -25.84 0.78 12.88
N LEU C 333 -24.69 0.35 12.36
CA LEU C 333 -23.77 -0.48 13.13
C LEU C 333 -23.26 0.27 14.36
N ILE C 334 -22.56 1.37 14.14
CA ILE C 334 -22.04 2.21 15.22
C ILE C 334 -23.07 2.56 16.28
N ASP C 335 -24.25 3.03 15.86
CA ASP C 335 -25.28 3.40 16.83
C ASP C 335 -25.76 2.20 17.65
N SER C 336 -26.13 1.13 16.95
CA SER C 336 -26.52 -0.12 17.59
C SER C 336 -25.53 -0.53 18.67
N VAL C 337 -24.26 -0.67 18.28
CA VAL C 337 -23.22 -1.12 19.21
C VAL C 337 -22.89 -0.09 20.28
N ARG C 338 -23.17 1.18 19.98
CA ARG C 338 -22.86 2.26 20.91
C ARG C 338 -23.78 2.16 22.10
N ARG C 339 -25.07 1.96 21.86
CA ARG C 339 -25.99 1.82 22.99
C ARG C 339 -26.02 0.39 23.55
N THR C 340 -26.27 -0.58 22.70
CA THR C 340 -26.42 -1.98 23.13
C THR C 340 -25.15 -2.55 23.77
N GLY C 341 -24.00 -2.06 23.34
CA GLY C 341 -22.73 -2.51 23.89
C GLY C 341 -22.15 -3.66 23.10
N GLN C 342 -23.02 -4.54 22.63
CA GLN C 342 -22.62 -5.71 21.85
C GLN C 342 -23.61 -5.99 20.72
N LEU C 343 -23.13 -6.68 19.69
CA LEU C 343 -23.95 -7.03 18.55
C LEU C 343 -23.41 -8.35 18.02
N ARG C 344 -24.17 -9.43 18.14
CA ARG C 344 -23.64 -10.76 17.86
C ARG C 344 -23.62 -11.15 16.37
N LEU C 345 -24.59 -10.66 15.61
CA LEU C 345 -24.71 -11.05 14.21
C LEU C 345 -25.21 -9.90 13.36
N TYR C 346 -24.30 -9.02 12.96
CA TYR C 346 -24.65 -7.95 12.05
C TYR C 346 -24.33 -8.35 10.61
N ALA C 347 -25.37 -8.58 9.81
CA ALA C 347 -25.19 -9.06 8.45
C ALA C 347 -25.13 -7.92 7.46
N THR C 348 -24.06 -7.86 6.67
CA THR C 348 -23.94 -6.91 5.56
C THR C 348 -23.13 -7.42 4.40
N ARG C 349 -22.58 -6.48 3.65
CA ARG C 349 -21.71 -6.78 2.52
C ARG C 349 -20.47 -5.92 2.60
N LEU C 350 -19.32 -6.57 2.50
CA LEU C 350 -18.03 -5.89 2.44
C LEU C 350 -17.72 -5.44 1.03
N THR C 351 -16.90 -4.41 0.88
CA THR C 351 -16.44 -4.02 -0.44
C THR C 351 -14.91 -3.90 -0.49
N THR C 352 -14.39 -3.92 -1.71
CA THR C 352 -12.96 -3.82 -1.94
C THR C 352 -12.73 -2.52 -2.69
N ASP C 353 -11.47 -2.15 -2.88
CA ASP C 353 -11.18 -0.95 -3.64
C ASP C 353 -11.52 -1.13 -5.12
N PHE C 354 -11.82 -2.37 -5.52
CA PHE C 354 -12.18 -2.65 -6.90
C PHE C 354 -13.65 -3.01 -7.04
N ALA C 355 -14.46 -2.50 -6.11
CA ALA C 355 -15.92 -2.54 -6.22
C ALA C 355 -16.52 -3.94 -6.11
N GLY C 356 -15.93 -4.78 -5.27
CA GLY C 356 -16.50 -6.08 -5.02
C GLY C 356 -17.58 -6.01 -3.95
N GLN C 357 -18.38 -7.07 -3.86
CA GLN C 357 -19.36 -7.20 -2.79
C GLN C 357 -19.27 -8.59 -2.17
N ILE C 358 -18.75 -8.64 -0.96
CA ILE C 358 -18.59 -9.91 -0.24
C ILE C 358 -19.61 -10.00 0.88
N ALA C 359 -20.44 -11.03 0.86
CA ALA C 359 -21.34 -11.27 1.98
C ALA C 359 -20.52 -11.52 3.24
N ALA C 360 -20.97 -10.98 4.37
CA ALA C 360 -20.24 -11.09 5.62
C ALA C 360 -21.15 -10.96 6.85
N GLU C 361 -20.68 -11.50 7.96
CA GLU C 361 -21.35 -11.39 9.25
C GLU C 361 -20.40 -10.77 10.24
N ILE C 362 -20.80 -9.65 10.82
CA ILE C 362 -19.95 -8.94 11.76
C ILE C 362 -20.45 -9.06 13.20
N SER C 363 -19.51 -9.28 14.12
CA SER C 363 -19.82 -9.16 15.55
C SER C 363 -19.06 -7.98 16.12
N ALA C 364 -19.79 -7.07 16.76
CA ALA C 364 -19.20 -5.81 17.18
C ALA C 364 -19.27 -5.62 18.69
N THR C 365 -18.17 -5.14 19.27
CA THR C 365 -18.16 -4.79 20.69
C THR C 365 -17.69 -3.36 20.94
N TRP C 366 -18.40 -2.66 21.80
CA TRP C 366 -18.08 -1.28 22.14
C TRP C 366 -17.20 -1.20 23.38
N LEU C 367 -15.89 -1.26 23.18
CA LEU C 367 -14.93 -1.11 24.27
C LEU C 367 -15.03 0.27 24.89
N ASP C 368 -15.73 0.35 26.02
CA ASP C 368 -16.10 1.63 26.64
C ASP C 368 -15.00 2.25 27.49
N ASP C 369 -14.36 3.29 26.96
CA ASP C 369 -13.38 4.08 27.71
C ASP C 369 -13.86 5.53 27.75
N ARG C 370 -13.84 6.12 28.94
CA ARG C 370 -14.40 7.46 29.14
C ARG C 370 -13.73 8.53 28.27
N GLU C 371 -12.43 8.36 28.03
CA GLU C 371 -11.67 9.27 27.17
C GLU C 371 -11.87 8.93 25.69
N ARG C 372 -11.11 7.95 25.19
CA ARG C 372 -11.22 7.53 23.80
C ARG C 372 -11.77 6.11 23.68
N PRO C 373 -13.09 6.00 23.47
CA PRO C 373 -13.76 4.71 23.28
C PRO C 373 -13.26 4.01 22.01
N LEU C 374 -13.27 2.69 22.02
CA LEU C 374 -12.82 1.92 20.88
C LEU C 374 -13.93 1.03 20.36
N LEU C 375 -13.89 0.76 19.06
CA LEU C 375 -14.86 -0.14 18.44
C LEU C 375 -14.11 -1.32 17.84
N VAL C 376 -14.43 -2.53 18.32
CA VAL C 376 -13.82 -3.72 17.74
C VAL C 376 -14.83 -4.57 16.95
N LEU C 377 -14.42 -4.97 15.76
CA LEU C 377 -15.26 -5.74 14.87
C LEU C 377 -14.57 -7.05 14.57
N VAL C 378 -15.25 -8.17 14.81
CA VAL C 378 -14.77 -9.44 14.27
C VAL C 378 -15.57 -9.75 13.00
N VAL C 379 -14.85 -9.90 11.89
CA VAL C 379 -15.49 -9.95 10.59
C VAL C 379 -15.31 -11.32 9.97
N ARG C 380 -16.40 -11.87 9.45
CA ARG C 380 -16.39 -13.23 8.95
C ARG C 380 -17.04 -13.28 7.59
N ASP C 381 -16.35 -13.89 6.64
CA ASP C 381 -16.86 -14.11 5.29
C ASP C 381 -17.77 -15.34 5.32
N THR C 382 -19.06 -15.13 5.13
CA THR C 382 -20.02 -16.23 5.25
C THR C 382 -20.21 -17.03 3.95
N SER C 383 -20.36 -16.32 2.83
CA SER C 383 -20.49 -16.99 1.54
C SER C 383 -20.03 -16.08 0.41
N SER D 11 18.59 60.41 -31.25
CA SER D 11 18.83 61.83 -31.43
C SER D 11 20.33 62.08 -31.57
N LEU D 12 20.98 61.22 -32.34
CA LEU D 12 22.43 61.29 -32.53
C LEU D 12 22.87 62.40 -33.47
N PRO D 13 23.88 63.18 -33.05
CA PRO D 13 24.45 64.29 -33.81
C PRO D 13 25.14 63.84 -35.11
N SER D 14 25.71 64.82 -35.82
CA SER D 14 26.56 64.56 -36.97
C SER D 14 27.92 64.05 -36.51
N LEU D 15 28.13 62.74 -36.64
CA LEU D 15 29.34 62.10 -36.16
C LEU D 15 30.38 61.87 -37.26
N ALA D 16 31.62 62.27 -36.99
CA ALA D 16 32.76 61.99 -37.88
C ALA D 16 32.88 60.49 -38.13
N PRO D 17 33.31 60.09 -39.35
CA PRO D 17 33.42 58.68 -39.73
C PRO D 17 34.38 57.86 -38.87
N ASP D 18 35.55 58.41 -38.58
CA ASP D 18 36.53 57.71 -37.75
C ASP D 18 36.07 57.66 -36.30
N LEU D 19 35.34 58.69 -35.87
CA LEU D 19 34.72 58.67 -34.55
C LEU D 19 33.70 57.55 -34.45
N VAL D 20 32.94 57.34 -35.52
CA VAL D 20 31.95 56.26 -35.59
C VAL D 20 32.67 54.91 -35.54
N ARG D 21 33.79 54.82 -36.26
CA ARG D 21 34.63 53.63 -36.24
C ARG D 21 35.08 53.32 -34.81
N ASP D 22 35.46 54.36 -34.08
CA ASP D 22 35.86 54.21 -32.68
C ASP D 22 34.68 53.77 -31.79
N LEU D 23 33.52 54.39 -31.98
CA LEU D 23 32.33 54.04 -31.22
C LEU D 23 32.00 52.55 -31.38
N ILE D 24 31.98 52.09 -32.63
CA ILE D 24 31.75 50.68 -32.90
C ILE D 24 32.85 49.80 -32.29
N ALA D 25 34.09 50.27 -32.35
CA ALA D 25 35.22 49.50 -31.83
C ALA D 25 35.19 49.32 -30.31
N THR D 26 34.81 50.36 -29.59
CA THR D 26 34.80 50.35 -28.13
C THR D 26 33.54 49.73 -27.57
N ALA D 27 32.41 49.95 -28.25
CA ALA D 27 31.15 49.33 -27.87
C ALA D 27 31.29 47.80 -27.86
N ALA D 28 31.74 47.25 -28.98
CA ALA D 28 31.93 45.82 -29.10
C ALA D 28 33.30 45.41 -28.59
N ASP D 29 33.58 44.11 -28.62
CA ASP D 29 34.83 43.58 -28.12
C ASP D 29 35.80 43.28 -29.24
N ILE D 30 35.26 42.79 -30.35
CA ILE D 30 36.06 42.56 -31.55
C ILE D 30 35.14 42.50 -32.76
N SER D 31 35.31 43.46 -33.66
CA SER D 31 34.41 43.60 -34.80
C SER D 31 35.12 43.34 -36.13
N LEU D 32 34.51 42.51 -36.97
CA LEU D 32 35.14 42.12 -38.24
C LEU D 32 34.40 42.63 -39.48
N LEU D 33 35.17 43.12 -40.44
CA LEU D 33 34.65 43.50 -41.74
C LEU D 33 35.10 42.43 -42.74
N VAL D 34 34.17 41.93 -43.54
CA VAL D 34 34.47 40.86 -44.48
C VAL D 34 33.67 40.99 -45.79
N SER D 35 34.37 40.87 -46.92
CA SER D 35 33.76 40.99 -48.24
C SER D 35 32.73 39.89 -48.49
N GLN D 36 31.98 40.02 -49.58
CA GLN D 36 30.92 39.07 -49.91
C GLN D 36 31.48 37.68 -50.21
N GLU D 37 32.75 37.59 -50.58
CA GLU D 37 33.39 36.30 -50.79
C GLU D 37 33.57 35.55 -49.48
N GLY D 38 34.17 36.22 -48.49
CA GLY D 38 34.38 35.62 -47.19
C GLY D 38 35.79 35.81 -46.67
N VAL D 39 36.47 36.84 -47.16
CA VAL D 39 37.84 37.12 -46.73
C VAL D 39 37.88 38.24 -45.70
N VAL D 40 38.64 38.03 -44.63
CA VAL D 40 38.76 39.01 -43.56
C VAL D 40 39.41 40.29 -44.06
N ARG D 41 38.60 41.32 -44.29
CA ARG D 41 39.11 42.61 -44.74
C ARG D 41 39.89 43.33 -43.65
N GLU D 42 39.28 43.47 -42.48
CA GLU D 42 39.89 44.23 -41.39
C GLU D 42 39.51 43.68 -40.01
N VAL D 43 40.41 43.86 -39.04
CA VAL D 43 40.14 43.51 -37.64
C VAL D 43 39.98 44.76 -36.78
N MET D 44 38.80 44.93 -36.21
CA MET D 44 38.54 46.06 -35.33
C MET D 44 38.29 45.61 -33.90
N ALA D 45 39.34 45.13 -33.24
CA ALA D 45 39.24 44.70 -31.86
C ALA D 45 39.07 45.90 -30.94
N ASN D 46 38.54 45.66 -29.75
CA ASN D 46 38.37 46.71 -28.75
C ASN D 46 39.71 47.28 -28.32
N PRO D 47 39.80 48.61 -28.22
CA PRO D 47 41.03 49.28 -27.79
C PRO D 47 41.39 49.01 -26.33
N HIS D 48 40.39 49.04 -25.43
CA HIS D 48 40.64 48.91 -24.01
C HIS D 48 41.01 47.49 -23.58
N HIS D 49 40.97 46.58 -24.55
CA HIS D 49 41.43 45.21 -24.35
C HIS D 49 42.65 44.97 -25.25
N PRO D 50 43.84 45.37 -24.76
CA PRO D 50 45.09 45.40 -25.52
C PRO D 50 45.53 44.03 -26.04
N SER D 51 45.06 42.97 -25.40
CA SER D 51 45.51 41.62 -25.70
C SER D 51 44.87 41.05 -26.96
N PHE D 52 43.93 41.79 -27.54
CA PHE D 52 43.29 41.38 -28.78
C PHE D 52 44.06 41.87 -30.00
N GLY D 53 45.12 42.66 -29.75
CA GLY D 53 45.90 43.27 -30.81
C GLY D 53 46.51 42.30 -31.80
N GLN D 54 46.81 41.09 -31.35
CA GLN D 54 47.48 40.10 -32.18
C GLN D 54 46.52 39.35 -33.10
N LEU D 55 45.23 39.62 -32.97
CA LEU D 55 44.24 39.02 -33.85
C LEU D 55 44.27 39.65 -35.24
N SER D 56 45.09 40.68 -35.40
CA SER D 56 45.21 41.39 -36.68
C SER D 56 45.74 40.50 -37.80
N GLU D 57 46.43 39.42 -37.44
CA GLU D 57 46.98 38.50 -38.42
C GLU D 57 45.90 37.74 -39.19
N TRP D 58 44.66 37.86 -38.74
CA TRP D 58 43.52 37.27 -39.43
C TRP D 58 43.27 37.99 -40.74
N GLU D 59 43.70 39.25 -40.80
CA GLU D 59 43.61 40.04 -42.02
C GLU D 59 44.47 39.42 -43.11
N GLY D 60 43.83 39.06 -44.22
CA GLY D 60 44.51 38.41 -45.32
C GLY D 60 44.12 36.95 -45.41
N ARG D 61 43.50 36.45 -44.36
CA ARG D 61 43.04 35.07 -44.31
C ARG D 61 41.53 35.01 -44.58
N PRO D 62 41.05 33.86 -45.06
CA PRO D 62 39.60 33.67 -45.11
C PRO D 62 39.06 33.48 -43.70
N LEU D 63 37.78 33.74 -43.49
CA LEU D 63 37.18 33.65 -42.17
C LEU D 63 36.77 32.20 -41.83
N GLU D 64 37.61 31.24 -42.21
CA GLU D 64 37.33 29.83 -41.94
C GLU D 64 38.55 29.07 -41.44
N GLU D 65 39.72 29.67 -41.60
CA GLU D 65 40.93 29.10 -41.02
C GLU D 65 41.07 29.54 -39.58
N VAL D 66 40.14 30.40 -39.14
CA VAL D 66 40.13 30.89 -37.77
C VAL D 66 38.78 30.62 -37.11
N LEU D 67 37.99 29.74 -37.72
CA LEU D 67 36.70 29.33 -37.17
C LEU D 67 36.58 27.82 -37.14
N THR D 68 35.67 27.32 -36.30
CA THR D 68 35.33 25.90 -36.30
C THR D 68 34.31 25.63 -37.40
N ALA D 69 34.30 24.41 -37.92
CA ALA D 69 33.44 24.05 -39.05
C ALA D 69 31.96 24.28 -38.75
N GLU D 70 31.56 24.03 -37.51
CA GLU D 70 30.19 24.25 -37.08
C GLU D 70 29.86 25.74 -37.15
N SER D 71 30.77 26.54 -36.61
CA SER D 71 30.64 28.00 -36.64
C SER D 71 30.67 28.50 -38.07
N VAL D 72 31.44 27.83 -38.91
CA VAL D 72 31.51 28.14 -40.34
C VAL D 72 30.14 27.96 -40.97
N ALA D 73 29.53 26.80 -40.73
CA ALA D 73 28.21 26.49 -41.26
C ALA D 73 27.18 27.52 -40.81
N LYS D 74 27.08 27.67 -39.48
CA LYS D 74 26.15 28.62 -38.87
C LYS D 74 26.30 30.00 -39.51
N PHE D 75 27.54 30.46 -39.61
CA PHE D 75 27.86 31.74 -40.23
C PHE D 75 27.35 31.84 -41.66
N ARG D 76 27.64 30.82 -42.47
CA ARG D 76 27.20 30.80 -43.86
C ARG D 76 25.68 30.94 -43.99
N LEU D 77 24.96 30.12 -43.23
CA LEU D 77 23.50 30.15 -43.25
C LEU D 77 22.95 31.52 -42.85
N ARG D 78 23.30 31.98 -41.65
CA ARG D 78 22.79 33.25 -41.13
C ARG D 78 23.17 34.42 -42.04
N SER D 79 24.32 34.32 -42.70
CA SER D 79 24.79 35.37 -43.60
C SER D 79 23.95 35.42 -44.86
N GLU D 80 23.75 34.26 -45.48
CA GLU D 80 22.95 34.19 -46.70
C GLU D 80 21.47 34.46 -46.45
N GLY D 81 21.05 34.41 -45.19
CA GLY D 81 19.69 34.75 -44.83
C GLY D 81 19.38 36.24 -44.79
N LEU D 82 20.35 37.04 -44.32
CA LEU D 82 20.18 38.47 -44.08
C LEU D 82 19.86 39.31 -45.32
N GLU D 83 19.16 40.43 -45.13
CA GLU D 83 18.91 41.40 -46.18
C GLU D 83 19.61 42.72 -45.86
N PRO D 84 20.22 43.36 -46.87
CA PRO D 84 21.03 44.57 -46.64
C PRO D 84 20.20 45.84 -46.56
N GLY D 85 20.20 46.48 -45.40
CA GLY D 85 19.40 47.67 -45.17
C GLY D 85 18.00 47.31 -44.75
N ARG D 86 17.83 46.10 -44.21
CA ARG D 86 16.53 45.61 -43.78
C ARG D 86 16.54 45.12 -42.34
N GLY D 87 17.73 45.08 -41.75
CA GLY D 87 17.89 44.63 -40.38
C GLY D 87 19.18 43.87 -40.14
N SER D 88 19.21 43.07 -39.08
CA SER D 88 20.41 42.32 -38.72
C SER D 88 20.09 40.92 -38.19
N VAL D 89 21.12 40.19 -37.79
CA VAL D 89 20.97 38.83 -37.30
C VAL D 89 22.09 38.41 -36.36
N ALA D 90 21.72 37.89 -35.19
CA ALA D 90 22.69 37.41 -34.20
C ALA D 90 23.05 35.94 -34.44
N VAL D 91 24.29 35.58 -34.18
CA VAL D 91 24.76 34.20 -34.33
C VAL D 91 25.99 33.94 -33.47
N GLU D 92 26.03 32.79 -32.80
CA GLU D 92 27.16 32.45 -31.96
C GLU D 92 28.18 31.63 -32.71
N LEU D 93 29.40 32.15 -32.79
CA LEU D 93 30.48 31.47 -33.49
C LEU D 93 31.64 31.17 -32.55
N ASN D 94 32.54 30.32 -33.01
CA ASN D 94 33.75 29.98 -32.26
C ASN D 94 35.00 30.23 -33.07
N HIS D 95 35.88 31.09 -32.55
CA HIS D 95 37.13 31.42 -33.22
C HIS D 95 38.24 30.44 -32.85
N ILE D 96 39.38 30.61 -33.51
CA ILE D 96 40.61 29.93 -33.09
C ILE D 96 41.60 31.00 -32.68
N ASP D 97 41.74 31.18 -31.38
CA ASP D 97 42.64 32.19 -30.83
C ASP D 97 44.08 31.79 -31.11
N PRO D 98 45.06 32.66 -30.79
CA PRO D 98 46.47 32.30 -30.95
C PRO D 98 46.90 30.96 -30.33
N ARG D 99 46.10 30.41 -29.44
CA ARG D 99 46.33 29.05 -28.94
C ARG D 99 45.55 28.05 -29.79
N SER D 100 45.24 26.90 -29.20
CA SER D 100 44.43 25.90 -29.90
C SER D 100 42.99 26.01 -29.43
N PHE D 101 42.78 26.86 -28.41
CA PHE D 101 41.46 27.03 -27.80
C PHE D 101 40.45 27.59 -28.79
N GLU D 102 39.17 27.30 -28.54
CA GLU D 102 38.08 27.89 -29.29
C GLU D 102 37.32 28.84 -28.39
N PHE D 103 37.16 30.09 -28.82
CA PHE D 103 36.47 31.06 -27.96
C PHE D 103 35.24 31.73 -28.59
N PRO D 104 34.09 31.60 -27.89
CA PRO D 104 32.75 31.96 -28.35
C PRO D 104 32.50 33.46 -28.44
N ILE D 105 31.80 33.89 -29.49
CA ILE D 105 31.47 35.30 -29.67
C ILE D 105 30.06 35.47 -30.23
N ARG D 106 29.25 36.29 -29.56
CA ARG D 106 27.93 36.63 -30.09
C ARG D 106 28.04 37.70 -31.18
N TYR D 107 28.04 37.27 -32.44
CA TYR D 107 28.18 38.18 -33.57
C TYR D 107 26.85 38.72 -34.08
N ILE D 108 26.79 40.03 -34.28
CA ILE D 108 25.62 40.68 -34.84
C ILE D 108 25.90 41.10 -36.28
N LEU D 109 25.30 40.38 -37.22
CA LEU D 109 25.61 40.59 -38.63
C LEU D 109 24.78 41.69 -39.27
N HIS D 110 25.47 42.71 -39.76
CA HIS D 110 24.87 43.79 -40.54
C HIS D 110 25.52 43.79 -41.91
N ARG D 111 24.75 43.53 -42.96
CA ARG D 111 25.31 43.65 -44.30
C ARG D 111 25.17 45.07 -44.84
N LEU D 112 26.31 45.65 -45.20
CA LEU D 112 26.36 47.03 -45.66
C LEU D 112 25.85 47.14 -47.09
N PRO D 113 24.95 48.11 -47.33
CA PRO D 113 24.49 48.42 -48.69
C PRO D 113 25.61 49.12 -49.47
N ALA D 114 26.78 49.23 -48.86
CA ALA D 114 27.93 49.89 -49.46
C ALA D 114 28.72 49.00 -50.42
N ASP D 115 28.74 47.69 -50.14
CA ASP D 115 29.59 46.77 -50.89
C ASP D 115 29.13 45.31 -50.81
N ARG D 116 27.95 45.10 -50.22
CA ARG D 116 27.42 43.75 -49.96
C ARG D 116 28.33 42.96 -49.01
N SER D 117 29.28 43.66 -48.40
CA SER D 117 30.16 43.07 -47.42
C SER D 117 29.44 43.01 -46.09
N ILE D 118 29.90 42.15 -45.20
CA ILE D 118 29.23 41.99 -43.91
C ILE D 118 30.04 42.56 -42.75
N LEU D 119 29.39 43.38 -41.92
CA LEU D 119 30.03 43.91 -40.73
C LEU D 119 29.64 43.08 -39.52
N MET D 120 30.64 42.44 -38.92
CA MET D 120 30.41 41.59 -37.76
C MET D 120 30.68 42.36 -36.47
N LEU D 121 29.74 42.30 -35.53
CA LEU D 121 29.89 42.98 -34.25
C LEU D 121 29.98 41.98 -33.11
N GLY D 122 31.19 41.78 -32.60
CA GLY D 122 31.45 40.74 -31.64
C GLY D 122 31.33 41.12 -30.18
N ARG D 123 30.57 40.31 -29.44
CA ARG D 123 30.49 40.43 -27.99
C ARG D 123 31.16 39.20 -27.39
N ASP D 124 32.21 39.43 -26.60
CA ASP D 124 32.96 38.35 -25.98
C ASP D 124 32.06 37.53 -25.07
N LEU D 125 31.90 36.25 -25.38
CA LEU D 125 31.03 35.36 -24.61
C LEU D 125 31.78 34.47 -23.62
N ARG D 126 33.09 34.63 -23.53
CA ARG D 126 33.88 33.82 -22.61
C ARG D 126 33.49 33.92 -21.11
N PRO D 127 33.39 35.14 -20.56
CA PRO D 127 33.07 35.23 -19.12
C PRO D 127 31.71 34.60 -18.80
N ILE D 128 30.75 34.84 -19.67
CA ILE D 128 29.43 34.25 -19.56
C ILE D 128 29.51 32.72 -19.58
N ALA D 129 30.32 32.18 -20.49
CA ALA D 129 30.49 30.73 -20.63
C ALA D 129 31.05 30.11 -19.35
N GLU D 130 32.16 30.67 -18.87
CA GLU D 130 32.76 30.23 -17.63
C GLU D 130 31.73 30.23 -16.50
N VAL D 131 30.97 31.31 -16.42
CA VAL D 131 29.91 31.42 -15.41
C VAL D 131 28.85 30.30 -15.55
N GLN D 132 28.49 29.97 -16.78
CA GLN D 132 27.49 28.92 -17.01
C GLN D 132 27.97 27.57 -16.52
N GLN D 133 29.19 27.20 -16.91
CA GLN D 133 29.76 25.92 -16.49
C GLN D 133 29.91 25.84 -14.96
N GLN D 134 30.42 26.90 -14.35
CA GLN D 134 30.55 26.92 -12.90
C GLN D 134 29.22 26.76 -12.20
N LEU D 135 28.22 27.52 -12.65
CA LEU D 135 26.91 27.50 -12.03
C LEU D 135 26.22 26.14 -12.16
N VAL D 136 26.34 25.53 -13.34
CA VAL D 136 25.79 24.20 -13.55
C VAL D 136 26.47 23.16 -12.66
N ALA D 137 27.79 23.23 -12.58
CA ALA D 137 28.55 22.34 -11.71
C ALA D 137 28.10 22.47 -10.26
N ALA D 138 27.93 23.71 -9.80
CA ALA D 138 27.46 23.95 -8.44
C ALA D 138 26.06 23.39 -8.21
N GLN D 139 25.17 23.63 -9.17
CA GLN D 139 23.80 23.13 -9.13
C GLN D 139 23.74 21.61 -8.95
N LEU D 140 24.36 20.91 -9.88
CA LEU D 140 24.42 19.45 -9.84
C LEU D 140 25.06 18.92 -8.56
N ALA D 141 26.15 19.55 -8.14
CA ALA D 141 26.83 19.17 -6.91
C ALA D 141 25.93 19.27 -5.69
N MET D 142 25.24 20.40 -5.55
CA MET D 142 24.34 20.60 -4.42
C MET D 142 23.15 19.63 -4.42
N GLU D 143 22.61 19.34 -5.61
CA GLU D 143 21.53 18.35 -5.70
C GLU D 143 21.99 16.94 -5.28
N ARG D 144 23.14 16.51 -5.80
CA ARG D 144 23.69 15.20 -5.41
C ARG D 144 23.96 15.12 -3.91
N ASP D 145 24.54 16.18 -3.37
CA ASP D 145 24.79 16.29 -1.95
C ASP D 145 23.51 16.17 -1.14
N TYR D 146 22.45 16.81 -1.64
CA TYR D 146 21.16 16.72 -0.98
C TYR D 146 20.66 15.28 -0.95
N GLU D 147 20.63 14.63 -2.11
CA GLU D 147 20.20 13.23 -2.20
C GLU D 147 20.97 12.31 -1.23
N THR D 148 22.29 12.44 -1.26
CA THR D 148 23.16 11.69 -0.35
C THR D 148 22.79 11.89 1.12
N GLN D 149 22.66 13.16 1.53
CA GLN D 149 22.28 13.50 2.90
C GLN D 149 20.96 12.86 3.28
N ARG D 150 19.97 13.03 2.42
CA ARG D 150 18.65 12.52 2.71
C ARG D 150 18.66 11.01 2.89
N GLU D 151 19.38 10.31 2.02
CA GLU D 151 19.42 8.85 2.14
C GLU D 151 20.08 8.41 3.43
N MET D 152 21.23 9.02 3.75
CA MET D 152 21.92 8.63 4.98
C MET D 152 21.09 8.92 6.22
N GLU D 153 20.61 10.16 6.32
CA GLU D 153 19.77 10.56 7.44
C GLU D 153 18.55 9.64 7.59
N THR D 154 17.92 9.25 6.48
CA THR D 154 16.75 8.38 6.55
C THR D 154 17.11 6.98 7.04
N ARG D 155 18.20 6.42 6.50
CA ARG D 155 18.70 5.15 6.99
C ARG D 155 18.84 5.21 8.50
N TYR D 156 19.56 6.22 8.98
CA TYR D 156 19.73 6.46 10.41
C TYR D 156 18.41 6.50 11.18
N ARG D 157 17.48 7.32 10.71
CA ARG D 157 16.18 7.49 11.33
C ARG D 157 15.48 6.16 11.53
N VAL D 158 15.41 5.35 10.47
CA VAL D 158 14.66 4.10 10.56
C VAL D 158 15.40 3.02 11.36
N VAL D 159 16.71 2.95 11.24
CA VAL D 159 17.46 1.96 12.01
C VAL D 159 17.29 2.26 13.50
N LEU D 160 17.21 3.54 13.84
CA LEU D 160 16.96 3.93 15.23
C LEU D 160 15.53 3.63 15.68
N ASP D 161 14.57 4.07 14.88
CA ASP D 161 13.17 3.93 15.25
C ASP D 161 12.75 2.46 15.40
N VAL D 162 13.23 1.63 14.49
CA VAL D 162 12.82 0.24 14.41
C VAL D 162 13.54 -0.66 15.44
N SER D 163 14.82 -0.37 15.69
CA SER D 163 15.62 -1.11 16.66
C SER D 163 14.94 -1.24 18.01
N ARG D 164 14.74 -2.49 18.43
CA ARG D 164 14.06 -2.79 19.68
C ARG D 164 14.96 -2.52 20.88
N ASP D 165 16.21 -2.17 20.60
CA ASP D 165 17.16 -1.79 21.63
C ASP D 165 16.95 -0.32 22.00
N PRO D 166 16.34 -0.06 23.17
CA PRO D 166 15.97 1.30 23.57
C PRO D 166 17.19 2.19 23.69
N MET D 167 17.26 3.25 22.90
CA MET D 167 18.47 4.09 22.90
C MET D 167 18.21 5.58 23.06
N VAL D 168 19.09 6.23 23.80
CA VAL D 168 19.06 7.67 23.96
C VAL D 168 20.44 8.21 23.64
N LEU D 169 20.48 9.23 22.78
CA LEU D 169 21.73 9.84 22.38
C LEU D 169 21.83 11.21 23.03
N VAL D 170 22.85 11.42 23.85
CA VAL D 170 23.00 12.67 24.59
C VAL D 170 24.22 13.46 24.13
N SER D 171 24.10 14.79 24.12
CA SER D 171 25.24 15.65 23.85
C SER D 171 26.12 15.71 25.08
N MET D 172 27.40 15.42 24.91
CA MET D 172 28.35 15.48 26.02
C MET D 172 28.53 16.92 26.49
N SER D 173 28.47 17.85 25.54
CA SER D 173 28.71 19.26 25.82
C SER D 173 27.59 19.90 26.64
N THR D 174 26.35 19.60 26.29
CA THR D 174 25.22 20.23 26.97
C THR D 174 24.53 19.30 27.98
N GLY D 175 24.62 18.00 27.76
CA GLY D 175 23.92 17.05 28.62
C GLY D 175 22.47 16.90 28.23
N ARG D 176 22.10 17.47 27.09
CA ARG D 176 20.72 17.40 26.62
C ARG D 176 20.52 16.27 25.62
N ILE D 177 19.35 15.62 25.70
CA ILE D 177 19.00 14.54 24.78
C ILE D 177 18.88 15.08 23.36
N VAL D 178 19.71 14.56 22.45
CA VAL D 178 19.63 15.03 21.07
C VAL D 178 18.73 14.14 20.21
N ASP D 179 18.60 12.87 20.59
CA ASP D 179 17.73 11.94 19.88
C ASP D 179 17.46 10.66 20.68
N LEU D 180 16.39 9.97 20.33
CA LEU D 180 16.06 8.69 20.96
C LEU D 180 15.12 7.89 20.07
N ASN D 181 14.60 6.79 20.61
CA ASN D 181 13.64 5.98 19.87
C ASN D 181 12.42 5.63 20.73
N SER D 182 11.40 5.08 20.11
CA SER D 182 10.14 4.77 20.80
C SER D 182 10.33 3.85 22.01
N ALA D 183 11.17 2.84 21.87
CA ALA D 183 11.44 1.91 22.96
C ALA D 183 11.92 2.63 24.22
N ALA D 184 12.96 3.43 24.05
CA ALA D 184 13.51 4.22 25.14
C ALA D 184 12.45 5.13 25.73
N GLY D 185 11.64 5.73 24.85
CA GLY D 185 10.60 6.64 25.26
C GLY D 185 9.59 5.96 26.17
N LEU D 186 9.23 4.73 25.81
CA LEU D 186 8.32 3.93 26.61
C LEU D 186 8.94 3.63 27.96
N LEU D 187 10.25 3.40 27.99
CA LEU D 187 10.91 3.14 29.27
C LEU D 187 11.02 4.38 30.17
N LEU D 188 11.19 5.55 29.56
CA LEU D 188 11.35 6.81 30.30
C LEU D 188 10.00 7.42 30.67
N GLY D 189 8.96 7.03 29.95
CA GLY D 189 7.61 7.52 30.22
C GLY D 189 7.31 8.83 29.53
N GLY D 190 7.91 9.04 28.36
CA GLY D 190 7.71 10.27 27.62
C GLY D 190 7.54 10.04 26.14
N VAL D 191 6.87 10.97 25.47
CA VAL D 191 6.74 10.92 24.02
C VAL D 191 7.98 11.57 23.42
N ARG D 192 8.27 11.23 22.17
CA ARG D 192 9.45 11.72 21.47
C ARG D 192 9.71 13.23 21.63
N GLN D 193 8.66 14.03 21.41
CA GLN D 193 8.80 15.48 21.38
C GLN D 193 8.94 16.11 22.75
N ASP D 194 8.63 15.36 23.80
CA ASP D 194 8.74 15.87 25.15
C ASP D 194 10.17 15.76 25.67
N LEU D 195 10.90 14.78 25.15
CA LEU D 195 12.21 14.42 25.69
C LEU D 195 13.38 15.03 24.94
N LEU D 196 13.15 15.47 23.70
CA LEU D 196 14.18 16.14 22.92
C LEU D 196 14.55 17.48 23.54
N GLY D 197 15.84 17.71 23.76
CA GLY D 197 16.32 18.95 24.33
C GLY D 197 16.37 18.92 25.84
N ALA D 198 15.75 17.91 26.43
CA ALA D 198 15.69 17.76 27.88
C ALA D 198 17.03 17.39 28.48
N ALA D 199 17.30 17.88 29.68
CA ALA D 199 18.47 17.45 30.43
C ALA D 199 18.30 15.97 30.68
N ILE D 200 19.33 15.18 30.39
CA ILE D 200 19.24 13.75 30.56
C ILE D 200 19.22 13.39 32.04
N ALA D 201 19.99 14.15 32.82
CA ALA D 201 20.12 13.87 34.26
C ALA D 201 18.81 14.08 34.98
N GLN D 202 17.96 14.96 34.44
CA GLN D 202 16.70 15.29 35.09
C GLN D 202 15.55 14.35 34.73
N GLU D 203 15.85 13.25 34.05
CA GLU D 203 14.85 12.24 33.77
C GLU D 203 14.96 11.11 34.79
N PHE D 204 16.09 11.06 35.46
CA PHE D 204 16.36 10.03 36.45
C PHE D 204 16.31 10.60 37.84
N GLU D 205 15.45 10.04 38.69
CA GLU D 205 15.20 10.57 40.02
C GLU D 205 16.49 10.78 40.81
N GLY D 206 16.71 12.03 41.21
CA GLY D 206 17.84 12.39 42.05
C GLY D 206 19.18 12.29 41.37
N ARG D 207 19.29 12.83 40.15
CA ARG D 207 20.58 12.93 39.47
C ARG D 207 20.78 14.37 39.00
N ARG D 208 22.01 14.85 39.09
CA ARG D 208 22.35 16.18 38.58
C ARG D 208 23.24 16.06 37.35
N ARG D 209 23.12 17.01 36.43
CA ARG D 209 24.05 17.11 35.31
C ARG D 209 25.46 17.31 35.87
N GLY D 210 26.47 16.83 35.15
CA GLY D 210 27.83 16.95 35.63
C GLY D 210 28.26 15.70 36.36
N GLU D 211 27.63 15.44 37.51
CA GLU D 211 27.90 14.19 38.22
C GLU D 211 27.41 13.02 37.38
N PHE D 212 26.31 13.21 36.67
CA PHE D 212 25.74 12.16 35.85
C PHE D 212 26.58 11.98 34.59
N MET D 213 27.02 13.07 34.01
CA MET D 213 27.81 13.00 32.79
C MET D 213 29.18 12.41 33.06
N GLU D 214 29.77 12.75 34.21
CA GLU D 214 31.05 12.19 34.61
C GLU D 214 30.92 10.73 35.00
N THR D 215 29.80 10.40 35.65
CA THR D 215 29.48 9.00 35.98
C THR D 215 29.43 8.16 34.70
N MET D 216 28.61 8.59 33.74
CA MET D 216 28.46 7.88 32.47
C MET D 216 29.75 7.81 31.67
N THR D 217 30.52 8.90 31.66
CA THR D 217 31.79 8.93 30.93
C THR D 217 32.78 7.92 31.53
N ASN D 218 33.00 8.02 32.83
CA ASN D 218 33.89 7.10 33.54
C ASN D 218 33.47 5.66 33.38
N LEU D 219 32.16 5.40 33.47
CA LEU D 219 31.63 4.06 33.33
C LEU D 219 31.83 3.52 31.93
N ALA D 220 31.78 4.43 30.94
CA ALA D 220 32.03 4.07 29.56
C ALA D 220 33.51 3.72 29.36
N ALA D 221 34.38 4.45 30.03
CA ALA D 221 35.82 4.19 29.95
C ALA D 221 36.18 2.80 30.48
N THR D 222 35.37 2.29 31.40
CA THR D 222 35.58 0.97 31.96
C THR D 222 35.20 -0.12 30.95
N GLU D 223 36.12 -1.04 30.70
CA GLU D 223 35.89 -2.12 29.74
C GLU D 223 34.85 -3.09 30.28
N SER D 224 35.14 -3.72 31.41
CA SER D 224 34.19 -4.59 32.08
C SER D 224 33.18 -3.73 32.84
N ALA D 225 32.31 -3.05 32.10
CA ALA D 225 31.39 -2.09 32.68
C ALA D 225 30.22 -2.75 33.40
N ALA D 226 29.46 -1.92 34.12
CA ALA D 226 28.26 -2.36 34.83
C ALA D 226 27.12 -1.40 34.57
N PRO D 227 25.92 -1.93 34.33
CA PRO D 227 24.73 -1.08 34.13
C PRO D 227 24.36 -0.29 35.39
N VAL D 228 24.19 1.02 35.24
CA VAL D 228 23.74 1.88 36.32
C VAL D 228 22.22 1.81 36.48
N GLU D 229 21.75 1.31 37.62
CA GLU D 229 20.33 1.34 37.90
C GLU D 229 19.88 2.78 38.17
N VAL D 230 18.79 3.18 37.52
CA VAL D 230 18.23 4.50 37.73
C VAL D 230 16.71 4.42 37.88
N LEU D 231 16.13 5.51 38.36
CA LEU D 231 14.68 5.60 38.47
C LEU D 231 14.18 6.69 37.52
N ALA D 232 13.47 6.30 36.48
CA ALA D 232 12.93 7.27 35.53
C ALA D 232 11.91 8.14 36.22
N ARG D 233 12.10 9.45 36.15
CA ARG D 233 11.26 10.38 36.89
C ARG D 233 9.80 10.34 36.41
N ARG D 234 9.60 10.32 35.10
CA ARG D 234 8.27 10.28 34.53
C ARG D 234 7.64 8.90 34.69
N SER D 235 8.33 7.90 34.15
CA SER D 235 7.83 6.52 34.15
C SER D 235 7.75 5.90 35.53
N GLN D 236 8.60 6.38 36.44
CA GLN D 236 8.72 5.81 37.79
C GLN D 236 9.25 4.38 37.75
N LYS D 237 9.75 3.97 36.59
CA LYS D 237 10.34 2.65 36.41
C LYS D 237 11.79 2.60 36.88
N ARG D 238 12.17 1.51 37.52
CA ARG D 238 13.57 1.22 37.72
C ARG D 238 14.14 0.79 36.36
N LEU D 239 15.21 1.44 35.94
CA LEU D 239 15.84 1.13 34.66
C LEU D 239 17.32 0.83 34.86
N LEU D 240 17.93 0.20 33.87
CA LEU D 240 19.37 0.01 33.86
C LEU D 240 19.96 0.74 32.66
N VAL D 241 21.00 1.53 32.91
CA VAL D 241 21.61 2.34 31.85
C VAL D 241 23.04 1.91 31.55
N VAL D 242 23.34 1.70 30.28
CA VAL D 242 24.67 1.33 29.82
C VAL D 242 25.20 2.37 28.82
N PRO D 243 26.30 3.04 29.17
CA PRO D 243 26.80 4.15 28.34
C PRO D 243 27.97 3.79 27.42
N ARG D 244 27.97 4.37 26.22
CA ARG D 244 29.10 4.30 25.31
C ARG D 244 29.39 5.70 24.78
N VAL D 245 30.63 6.15 24.92
CA VAL D 245 31.01 7.48 24.44
C VAL D 245 31.78 7.40 23.13
N PHE D 246 31.29 8.09 22.12
CA PHE D 246 31.96 8.15 20.84
C PHE D 246 32.01 9.58 20.32
N ARG D 247 32.89 9.82 19.36
CA ARG D 247 33.02 11.12 18.71
C ARG D 247 32.37 11.09 17.33
N ALA D 248 31.56 12.11 17.05
CA ALA D 248 30.91 12.24 15.76
C ALA D 248 31.12 13.65 15.18
N ALA D 249 31.97 13.73 14.17
CA ALA D 249 32.31 15.00 13.51
C ALA D 249 32.68 16.10 14.50
N GLY D 250 33.70 15.85 15.31
CA GLY D 250 34.21 16.86 16.23
C GLY D 250 33.29 17.15 17.39
N GLU D 251 32.25 16.34 17.53
CA GLU D 251 31.28 16.53 18.60
C GLU D 251 31.13 15.25 19.40
N ARG D 252 31.39 15.33 20.70
CA ARG D 252 31.30 14.16 21.57
C ARG D 252 29.84 13.82 21.88
N LEU D 253 29.50 12.54 21.76
CA LEU D 253 28.14 12.10 22.07
C LEU D 253 28.11 10.91 23.03
N LEU D 254 27.06 10.87 23.84
CA LEU D 254 26.84 9.78 24.78
C LEU D 254 25.68 8.92 24.31
N LEU D 255 25.92 7.64 24.16
CA LEU D 255 24.86 6.72 23.75
C LEU D 255 24.40 5.94 24.98
N CYS D 256 23.09 5.80 25.14
CA CYS D 256 22.54 5.12 26.31
C CYS D 256 21.62 3.97 25.93
N GLN D 257 22.04 2.74 26.22
CA GLN D 257 21.17 1.60 26.08
C GLN D 257 20.42 1.43 27.39
N ILE D 258 19.11 1.29 27.30
CA ILE D 258 18.28 1.23 28.50
C ILE D 258 17.50 -0.08 28.54
N ASP D 259 17.46 -0.69 29.72
CA ASP D 259 16.65 -1.88 29.92
C ASP D 259 15.93 -1.77 31.25
N PRO D 260 14.74 -2.39 31.34
CA PRO D 260 14.04 -2.43 32.62
C PRO D 260 14.78 -3.31 33.62
N ALA D 261 14.83 -2.86 34.87
CA ALA D 261 15.44 -3.63 35.94
C ALA D 261 14.63 -4.89 36.23
N ASP D 262 13.39 -4.93 35.74
CA ASP D 262 12.52 -6.09 35.91
C ASP D 262 12.14 -6.67 34.54
N ALA D 263 12.82 -7.75 34.16
CA ALA D 263 12.55 -8.39 32.88
C ALA D 263 11.22 -9.16 32.87
N THR D 264 10.58 -9.23 34.03
CA THR D 264 9.29 -9.89 34.15
C THR D 264 8.17 -9.12 33.45
N GLN D 265 7.92 -7.90 33.92
CA GLN D 265 6.86 -7.05 33.37
C GLN D 265 7.16 -6.65 31.92
N PRO D 266 6.36 -7.16 30.98
CA PRO D 266 6.58 -6.96 29.54
C PRO D 266 5.94 -5.67 29.03
N VAL D 267 5.21 -4.98 29.90
CA VAL D 267 4.52 -3.74 29.56
C VAL D 267 3.43 -3.90 28.49
N GLY D 268 3.82 -4.37 27.30
CA GLY D 268 2.87 -4.57 26.22
C GLY D 268 2.49 -3.27 25.53
N ASP D 269 1.89 -3.38 24.34
CA ASP D 269 1.51 -2.20 23.57
C ASP D 269 0.00 -1.98 23.53
N GLU D 270 -0.43 -1.00 22.75
CA GLU D 270 -1.85 -0.71 22.62
C GLU D 270 -2.61 -1.90 22.04
N LEU D 271 -2.02 -2.59 21.07
CA LEU D 271 -2.66 -3.73 20.44
C LEU D 271 -2.92 -4.86 21.44
N SER D 272 -1.94 -5.14 22.28
CA SER D 272 -2.09 -6.11 23.37
C SER D 272 -3.28 -5.77 24.26
N GLU D 273 -3.35 -4.50 24.65
CA GLU D 273 -4.45 -3.99 25.48
C GLU D 273 -5.79 -4.26 24.79
N ASN D 274 -5.90 -3.77 23.56
CA ASN D 274 -7.13 -3.90 22.78
C ASN D 274 -7.56 -5.34 22.63
N LEU D 275 -6.60 -6.24 22.40
CA LEU D 275 -6.89 -7.65 22.25
C LEU D 275 -7.41 -8.23 23.56
N ALA D 276 -6.78 -7.84 24.67
CA ALA D 276 -7.23 -8.28 25.97
C ALA D 276 -8.67 -7.86 26.20
N ARG D 277 -8.98 -6.63 25.81
CA ARG D 277 -10.35 -6.15 25.95
C ARG D 277 -11.32 -6.92 25.03
N LEU D 278 -10.86 -7.30 23.85
CA LEU D 278 -11.65 -8.09 22.92
C LEU D 278 -12.02 -9.45 23.52
N TYR D 279 -11.02 -10.11 24.08
CA TYR D 279 -11.18 -11.42 24.70
C TYR D 279 -12.12 -11.31 25.92
N HIS D 280 -11.75 -10.50 26.91
CA HIS D 280 -12.54 -10.45 28.15
C HIS D 280 -13.94 -9.84 27.97
N GLU D 281 -14.10 -8.96 26.99
CA GLU D 281 -15.35 -8.17 26.87
C GLU D 281 -16.13 -8.36 25.58
N GLY D 282 -15.54 -9.06 24.62
CA GLY D 282 -16.17 -9.21 23.31
C GLY D 282 -17.37 -10.14 23.30
N VAL D 283 -18.22 -9.98 22.29
CA VAL D 283 -19.44 -10.75 22.20
C VAL D 283 -19.22 -12.20 21.73
N ASP D 284 -18.10 -12.45 21.04
CA ASP D 284 -17.81 -13.82 20.55
C ASP D 284 -17.06 -14.67 21.59
N GLY D 285 -17.38 -15.96 21.61
CA GLY D 285 -16.66 -16.90 22.44
C GLY D 285 -15.30 -17.17 21.84
N ILE D 286 -14.28 -17.23 22.68
CA ILE D 286 -12.93 -17.55 22.23
C ILE D 286 -12.35 -18.64 23.12
N VAL D 287 -11.80 -19.68 22.49
CA VAL D 287 -11.23 -20.82 23.21
C VAL D 287 -9.85 -21.17 22.67
N PHE D 288 -8.89 -21.36 23.57
CA PHE D 288 -7.59 -21.89 23.22
C PHE D 288 -7.47 -23.27 23.84
N SER D 289 -7.27 -24.30 23.02
CA SER D 289 -7.01 -25.63 23.57
C SER D 289 -5.68 -26.17 23.07
N ASP D 290 -5.23 -27.26 23.69
CA ASP D 290 -4.06 -27.97 23.22
C ASP D 290 -4.39 -28.68 21.92
N ALA D 291 -3.44 -29.45 21.41
CA ALA D 291 -3.62 -30.15 20.16
C ALA D 291 -4.68 -31.23 20.26
N ASP D 292 -4.91 -31.74 21.46
CA ASP D 292 -5.91 -32.79 21.68
C ASP D 292 -7.26 -32.23 22.08
N GLY D 293 -7.33 -30.92 22.23
CA GLY D 293 -8.58 -30.25 22.51
C GLY D 293 -8.91 -29.99 23.97
N THR D 294 -8.00 -30.31 24.88
CA THR D 294 -8.25 -29.90 26.26
C THR D 294 -8.03 -28.38 26.40
N ILE D 295 -9.00 -27.73 27.02
CA ILE D 295 -9.05 -26.28 27.07
C ILE D 295 -8.00 -25.65 28.00
N ARG D 296 -7.24 -24.69 27.47
CA ARG D 296 -6.26 -23.96 28.25
C ARG D 296 -6.83 -22.62 28.74
N GLY D 297 -7.71 -22.02 27.94
CA GLY D 297 -8.35 -20.78 28.32
C GLY D 297 -9.60 -20.46 27.54
N ALA D 298 -10.54 -19.78 28.18
CA ALA D 298 -11.80 -19.40 27.56
C ALA D 298 -12.31 -18.10 28.14
N ASN D 299 -12.88 -17.25 27.29
CA ASN D 299 -13.40 -15.94 27.71
C ASN D 299 -14.82 -16.00 28.24
N GLU D 300 -15.28 -14.91 28.82
CA GLU D 300 -16.59 -14.86 29.45
C GLU D 300 -17.74 -15.23 28.51
N ALA D 301 -17.66 -14.80 27.26
CA ALA D 301 -18.72 -15.04 26.28
C ALA D 301 -18.95 -16.52 26.03
N PHE D 302 -17.85 -17.27 25.96
CA PHE D 302 -17.94 -18.72 25.82
C PHE D 302 -18.57 -19.33 27.06
N LEU D 303 -18.17 -18.87 28.23
CA LEU D 303 -18.74 -19.38 29.47
C LEU D 303 -20.26 -19.17 29.51
N ASN D 304 -20.71 -17.98 29.09
CA ASN D 304 -22.14 -17.65 29.11
C ASN D 304 -22.91 -18.42 28.05
N MET D 305 -22.25 -18.66 26.93
CA MET D 305 -22.82 -19.36 25.81
C MET D 305 -23.17 -20.81 26.16
N THR D 306 -22.35 -21.42 27.01
CA THR D 306 -22.46 -22.85 27.30
C THR D 306 -23.03 -23.12 28.68
N ASP D 307 -23.48 -22.06 29.35
CA ASP D 307 -23.98 -22.15 30.72
C ASP D 307 -22.96 -22.74 31.68
N SER D 308 -21.68 -22.50 31.39
CA SER D 308 -20.60 -22.96 32.26
C SER D 308 -20.63 -22.19 33.57
N SER D 309 -20.22 -22.84 34.66
CA SER D 309 -20.22 -22.18 35.96
C SER D 309 -19.04 -21.21 36.12
N SER D 310 -17.87 -21.60 35.60
CA SER D 310 -16.71 -20.73 35.67
C SER D 310 -15.62 -21.20 34.70
N LEU D 311 -14.63 -20.35 34.47
CA LEU D 311 -13.48 -20.67 33.64
C LEU D 311 -12.64 -21.75 34.29
N ALA D 312 -12.64 -21.75 35.63
CA ALA D 312 -11.89 -22.74 36.39
C ALA D 312 -12.50 -24.12 36.21
N ALA D 313 -13.83 -24.15 36.15
CA ALA D 313 -14.59 -25.39 36.07
C ALA D 313 -14.56 -26.03 34.68
N ILE D 314 -14.00 -25.32 33.70
CA ILE D 314 -13.91 -25.88 32.37
C ILE D 314 -12.49 -25.88 31.83
N ARG D 315 -11.55 -25.31 32.59
CA ARG D 315 -10.16 -25.35 32.18
C ARG D 315 -9.65 -26.76 32.45
N GLY D 316 -9.26 -27.45 31.39
CA GLY D 316 -8.85 -28.83 31.50
C GLY D 316 -9.82 -29.80 30.86
N ARG D 317 -11.00 -29.31 30.49
CA ARG D 317 -11.97 -30.14 29.80
C ARG D 317 -11.71 -30.16 28.30
N SER D 318 -12.24 -31.19 27.63
CA SER D 318 -12.14 -31.31 26.19
C SER D 318 -13.26 -30.51 25.55
N ILE D 319 -12.97 -29.90 24.40
CA ILE D 319 -13.97 -29.22 23.60
C ILE D 319 -15.21 -30.09 23.37
N ALA D 320 -14.97 -31.40 23.22
CA ALA D 320 -16.04 -32.34 22.96
C ALA D 320 -17.07 -32.37 24.08
N ASP D 321 -16.69 -31.90 25.26
CA ASP D 321 -17.60 -31.84 26.39
C ASP D 321 -18.68 -30.78 26.19
N PHE D 322 -18.48 -29.88 25.24
CA PHE D 322 -19.41 -28.78 24.98
C PHE D 322 -20.03 -28.82 23.59
N LEU D 323 -19.63 -29.81 22.78
CA LEU D 323 -20.20 -29.99 21.46
C LEU D 323 -21.27 -31.06 21.51
N ALA D 324 -22.40 -30.81 20.85
CA ALA D 324 -23.55 -31.73 20.90
C ALA D 324 -23.21 -33.12 20.37
N ARG D 325 -22.67 -33.18 19.16
CA ARG D 325 -22.31 -34.45 18.54
C ARG D 325 -21.00 -35.00 19.12
N GLY D 326 -20.34 -34.20 19.95
CA GLY D 326 -19.19 -34.67 20.70
C GLY D 326 -17.91 -34.91 19.91
N SER D 327 -17.33 -36.09 20.13
CA SER D 327 -16.06 -36.50 19.55
C SER D 327 -15.91 -36.17 18.07
N VAL D 328 -16.97 -36.42 17.29
CA VAL D 328 -16.89 -36.22 15.86
C VAL D 328 -16.66 -34.78 15.45
N ASP D 329 -17.37 -33.84 16.09
CA ASP D 329 -17.17 -32.41 15.81
C ASP D 329 -15.72 -31.99 16.08
N LEU D 330 -15.18 -32.51 17.19
CA LEU D 330 -13.81 -32.21 17.59
C LEU D 330 -12.82 -32.73 16.56
N ARG D 331 -12.97 -34.01 16.22
CA ARG D 331 -12.11 -34.63 15.21
C ARG D 331 -12.18 -33.91 13.86
N VAL D 332 -13.38 -33.50 13.46
CA VAL D 332 -13.53 -32.78 12.19
C VAL D 332 -12.78 -31.46 12.23
N LEU D 333 -13.02 -30.67 13.29
CA LEU D 333 -12.33 -29.39 13.47
C LEU D 333 -10.82 -29.52 13.45
N ILE D 334 -10.28 -30.38 14.32
CA ILE D 334 -8.84 -30.53 14.46
C ILE D 334 -8.20 -31.09 13.20
N ASP D 335 -8.78 -32.15 12.64
CA ASP D 335 -8.22 -32.79 11.46
C ASP D 335 -8.27 -31.86 10.26
N SER D 336 -9.26 -30.97 10.26
CA SER D 336 -9.35 -29.98 9.20
C SER D 336 -8.30 -28.88 9.33
N VAL D 337 -8.28 -28.15 10.45
CA VAL D 337 -7.28 -27.07 10.60
C VAL D 337 -5.84 -27.53 10.59
N ARG D 338 -5.56 -28.74 11.09
CA ARG D 338 -4.20 -29.25 11.03
C ARG D 338 -3.74 -29.27 9.57
N ARG D 339 -4.67 -29.59 8.68
CA ARG D 339 -4.37 -29.66 7.25
C ARG D 339 -4.30 -28.28 6.62
N THR D 340 -5.40 -27.53 6.69
CA THR D 340 -5.50 -26.23 6.00
C THR D 340 -4.74 -25.10 6.70
N GLY D 341 -4.68 -25.14 8.02
CA GLY D 341 -4.12 -24.04 8.80
C GLY D 341 -5.26 -23.26 9.43
N GLN D 342 -6.32 -23.05 8.63
CA GLN D 342 -7.47 -22.29 9.08
C GLN D 342 -8.77 -22.95 8.63
N LEU D 343 -9.80 -22.87 9.47
CA LEU D 343 -11.13 -23.29 9.09
C LEU D 343 -12.07 -22.10 9.22
N ARG D 344 -12.67 -21.70 8.11
CA ARG D 344 -13.44 -20.45 8.06
C ARG D 344 -14.76 -20.47 8.82
N LEU D 345 -15.47 -21.59 8.75
CA LEU D 345 -16.83 -21.66 9.27
C LEU D 345 -17.31 -23.10 9.42
N TYR D 346 -17.53 -23.50 10.67
CA TYR D 346 -18.06 -24.83 10.95
C TYR D 346 -19.32 -24.72 11.81
N ALA D 347 -20.47 -24.98 11.23
CA ALA D 347 -21.73 -24.96 11.96
C ALA D 347 -21.88 -26.22 12.81
N THR D 348 -22.39 -26.06 14.03
CA THR D 348 -22.52 -27.16 14.97
C THR D 348 -23.50 -26.78 16.09
N ARG D 349 -23.52 -27.55 17.17
CA ARG D 349 -24.40 -27.27 18.28
C ARG D 349 -23.69 -27.44 19.62
N LEU D 350 -23.88 -26.47 20.50
CA LEU D 350 -23.26 -26.49 21.82
C LEU D 350 -24.24 -27.03 22.86
N THR D 351 -23.70 -27.51 23.97
CA THR D 351 -24.53 -28.00 25.07
C THR D 351 -24.78 -26.91 26.09
N THR D 352 -26.04 -26.75 26.47
CA THR D 352 -26.42 -25.82 27.52
C THR D 352 -27.08 -26.60 28.65
N ASP D 353 -27.29 -25.94 29.79
CA ASP D 353 -27.85 -26.59 30.99
C ASP D 353 -29.20 -27.28 30.72
N PHE D 354 -29.57 -28.20 31.61
CA PHE D 354 -30.82 -28.96 31.50
C PHE D 354 -30.94 -29.72 30.18
N ALA D 355 -29.81 -30.25 29.71
CA ALA D 355 -29.72 -31.05 28.49
C ALA D 355 -30.17 -30.29 27.24
N GLY D 356 -29.85 -29.00 27.20
CA GLY D 356 -30.25 -28.15 26.10
C GLY D 356 -29.14 -27.93 25.09
N GLN D 357 -29.48 -27.26 23.99
CA GLN D 357 -28.52 -27.03 22.93
C GLN D 357 -28.75 -25.69 22.24
N ILE D 358 -27.68 -25.11 21.72
CA ILE D 358 -27.79 -23.93 20.87
C ILE D 358 -26.95 -24.10 19.61
N ALA D 359 -27.48 -23.64 18.48
CA ALA D 359 -26.75 -23.63 17.24
C ALA D 359 -25.56 -22.69 17.35
N ALA D 360 -24.43 -23.07 16.75
CA ALA D 360 -23.23 -22.25 16.80
C ALA D 360 -22.40 -22.36 15.52
N GLU D 361 -21.74 -21.27 15.15
CA GLU D 361 -20.77 -21.31 14.06
C GLU D 361 -19.38 -21.10 14.63
N ILE D 362 -18.50 -22.08 14.41
CA ILE D 362 -17.14 -22.03 14.90
C ILE D 362 -16.15 -21.78 13.76
N SER D 363 -15.21 -20.89 13.96
CA SER D 363 -14.08 -20.79 13.04
C SER D 363 -12.88 -21.35 13.78
N ALA D 364 -11.94 -21.94 13.07
CA ALA D 364 -10.79 -22.50 13.76
C ALA D 364 -9.48 -22.12 13.09
N THR D 365 -8.44 -21.99 13.90
CA THR D 365 -7.11 -21.66 13.41
C THR D 365 -6.08 -22.50 14.14
N TRP D 366 -5.17 -23.12 13.39
CA TRP D 366 -4.15 -23.94 14.01
C TRP D 366 -2.85 -23.18 14.18
N LEU D 367 -2.51 -22.87 15.43
CA LEU D 367 -1.29 -22.13 15.73
C LEU D 367 -0.11 -23.09 15.93
N ASP D 368 0.69 -23.26 14.89
CA ASP D 368 1.78 -24.23 14.93
C ASP D 368 2.87 -23.84 15.94
N ASP D 369 3.63 -24.84 16.38
CA ASP D 369 4.73 -24.64 17.33
C ASP D 369 5.51 -25.95 17.37
N ARG D 370 6.67 -25.94 18.02
CA ARG D 370 7.51 -27.14 18.07
C ARG D 370 7.19 -28.07 19.23
N GLU D 371 6.66 -27.52 20.33
CA GLU D 371 6.28 -28.34 21.48
C GLU D 371 4.90 -28.03 22.05
N ARG D 372 4.30 -26.92 21.63
CA ARG D 372 2.94 -26.58 22.06
C ARG D 372 2.10 -26.06 20.91
N PRO D 373 1.70 -26.94 19.97
CA PRO D 373 0.75 -26.47 18.96
C PRO D 373 -0.53 -26.07 19.67
N LEU D 374 -1.16 -24.98 19.24
CA LEU D 374 -2.39 -24.54 19.87
C LEU D 374 -3.54 -24.52 18.89
N LEU D 375 -4.73 -24.82 19.40
CA LEU D 375 -5.96 -24.64 18.64
C LEU D 375 -6.69 -23.38 19.15
N VAL D 376 -7.15 -22.53 18.24
CA VAL D 376 -7.99 -21.40 18.60
C VAL D 376 -9.35 -21.52 17.89
N LEU D 377 -10.43 -21.35 18.64
CA LEU D 377 -11.77 -21.31 18.05
C LEU D 377 -12.45 -20.01 18.42
N VAL D 378 -12.97 -19.31 17.43
CA VAL D 378 -13.86 -18.18 17.67
C VAL D 378 -15.30 -18.68 17.50
N VAL D 379 -16.00 -18.76 18.63
CA VAL D 379 -17.32 -19.39 18.68
C VAL D 379 -18.44 -18.36 18.70
N ARG D 380 -19.36 -18.49 17.74
CA ARG D 380 -20.50 -17.59 17.65
C ARG D 380 -21.79 -18.32 17.98
N ASP D 381 -22.55 -17.75 18.91
CA ASP D 381 -23.90 -18.21 19.18
C ASP D 381 -24.78 -17.81 18.01
N THR D 382 -25.30 -18.78 17.29
CA THR D 382 -26.23 -18.50 16.20
C THR D 382 -27.54 -19.23 16.50
N SER D 383 -27.97 -19.06 17.75
CA SER D 383 -29.18 -19.68 18.27
C SER D 383 -30.42 -19.27 17.47
#